data_3KB5
# 
_entry.id   3KB5 
# 
_audit_conform.dict_name       mmcif_pdbx.dic 
_audit_conform.dict_version    5.388 
_audit_conform.dict_location   http://mmcif.pdb.org/dictionaries/ascii/mmcif_pdbx.dic 
# 
loop_
_database_2.database_id 
_database_2.database_code 
_database_2.pdbx_database_accession 
_database_2.pdbx_DOI 
PDB   3KB5         pdb_00003kb5 10.2210/pdb3kb5/pdb 
RCSB  RCSB055772   ?            ?                   
WWPDB D_1000055772 ?            ?                   
# 
loop_
_pdbx_audit_revision_history.ordinal 
_pdbx_audit_revision_history.data_content_type 
_pdbx_audit_revision_history.major_revision 
_pdbx_audit_revision_history.minor_revision 
_pdbx_audit_revision_history.revision_date 
1 'Structure model' 1 0 2009-12-22 
2 'Structure model' 1 1 2011-07-13 
3 'Structure model' 1 2 2024-03-20 
# 
_pdbx_audit_revision_details.ordinal             1 
_pdbx_audit_revision_details.revision_ordinal    1 
_pdbx_audit_revision_details.data_content_type   'Structure model' 
_pdbx_audit_revision_details.provider            repository 
_pdbx_audit_revision_details.type                'Initial release' 
_pdbx_audit_revision_details.description         ? 
_pdbx_audit_revision_details.details             ? 
# 
loop_
_pdbx_audit_revision_group.ordinal 
_pdbx_audit_revision_group.revision_ordinal 
_pdbx_audit_revision_group.data_content_type 
_pdbx_audit_revision_group.group 
1 2 'Structure model' 'Version format compliance' 
2 3 'Structure model' 'Data collection'           
3 3 'Structure model' 'Database references'       
# 
loop_
_pdbx_audit_revision_category.ordinal 
_pdbx_audit_revision_category.revision_ordinal 
_pdbx_audit_revision_category.data_content_type 
_pdbx_audit_revision_category.category 
1 3 'Structure model' chem_comp_atom 
2 3 'Structure model' chem_comp_bond 
3 3 'Structure model' database_2     
# 
loop_
_pdbx_audit_revision_item.ordinal 
_pdbx_audit_revision_item.revision_ordinal 
_pdbx_audit_revision_item.data_content_type 
_pdbx_audit_revision_item.item 
1 3 'Structure model' '_database_2.pdbx_DOI'                
2 3 'Structure model' '_database_2.pdbx_database_accession' 
# 
_pdbx_database_status.status_code                     REL 
_pdbx_database_status.entry_id                        3KB5 
_pdbx_database_status.recvd_initial_deposition_date   2009-10-20 
_pdbx_database_status.deposit_site                    RCSB 
_pdbx_database_status.process_site                    PDBJ 
_pdbx_database_status.status_code_sf                  REL 
_pdbx_database_status.status_code_mr                  ? 
_pdbx_database_status.SG_entry                        ? 
_pdbx_database_status.pdb_format_compatible           Y 
_pdbx_database_status.status_code_cs                  ? 
_pdbx_database_status.status_code_nmr_data            ? 
_pdbx_database_status.methods_development_category    ? 
# 
loop_
_audit_author.name 
_audit_author.pdbx_ordinal 
'Park, E.Y.'   1 
'Kwon, O.-B.'  2 
'Jeong, B.-C.' 3 
'Song, H.K.'   4 
# 
_citation.id                        primary 
_citation.title                     'Crystal structure of PRY-SPRY domain of human TRIM72' 
_citation.journal_abbrev            Proteins 
_citation.journal_volume            ? 
_citation.page_first                ? 
_citation.page_last                 ? 
_citation.year                      2009 
_citation.journal_id_ASTM           PSFGEY 
_citation.country                   US 
_citation.journal_id_ISSN           1097-0134 
_citation.journal_id_CSD            0867 
_citation.book_publisher            ? 
_citation.pdbx_database_id_PubMed   19967786 
_citation.pdbx_database_id_DOI      10.1002/prot.22647 
# 
loop_
_citation_author.citation_id 
_citation_author.name 
_citation_author.ordinal 
_citation_author.identifier_ORCID 
primary 'Park, E.Y.'   1 ? 
primary 'Kwon, O.-B.'  2 ? 
primary 'Jeong, B.-C.' 3 ? 
primary 'Yi, J.-S.'    4 ? 
primary 'Lee, C.S.'    5 ? 
primary 'Ko, Y.-G.'    6 ? 
primary 'Song, H.K.'   7 ? 
# 
loop_
_entity.id 
_entity.type 
_entity.src_method 
_entity.pdbx_description 
_entity.formula_weight 
_entity.pdbx_number_of_molecules 
_entity.pdbx_ec 
_entity.pdbx_mutation 
_entity.pdbx_fragment 
_entity.details 
1 polymer man 'Tripartite motif-containing protein 72' 21601.641 1   ? ? 'PRY-SPRY domain, UNP residues 278-470' ? 
2 water   nat water                                    18.015    160 ? ? ?                                       ? 
# 
_entity_name_com.entity_id   1 
_entity_name_com.name        'Mitsugumin-53, Mg53' 
# 
_entity_poly.entity_id                      1 
_entity_poly.type                           'polypeptide(L)' 
_entity_poly.nstd_linkage                   no 
_entity_poly.nstd_monomer                   no 
_entity_poly.pdbx_seq_one_letter_code       
;RKMFRALMPALEELTFDPSSAHPSLVVSSSGRRVECSEQKAPPAGEDPRQFDKAVAVVAHQQLSEGEHYWEVDVGDKPRW
ALGVIAAEAPRRGRLHAVPSQGLWLLGLREGKILEAHVEAKEPRALRSPERRPTRIGLYLSFGDGVLSFYDASDADALVP
LFAFHERLPRPVYPFFDVCWHDKGKNAQPLLLV
;
_entity_poly.pdbx_seq_one_letter_code_can   
;RKMFRALMPALEELTFDPSSAHPSLVVSSSGRRVECSEQKAPPAGEDPRQFDKAVAVVAHQQLSEGEHYWEVDVGDKPRW
ALGVIAAEAPRRGRLHAVPSQGLWLLGLREGKILEAHVEAKEPRALRSPERRPTRIGLYLSFGDGVLSFYDASDADALVP
LFAFHERLPRPVYPFFDVCWHDKGKNAQPLLLV
;
_entity_poly.pdbx_strand_id                 A 
_entity_poly.pdbx_target_identifier         ? 
# 
_pdbx_entity_nonpoly.entity_id   2 
_pdbx_entity_nonpoly.name        water 
_pdbx_entity_nonpoly.comp_id     HOH 
# 
loop_
_entity_poly_seq.entity_id 
_entity_poly_seq.num 
_entity_poly_seq.mon_id 
_entity_poly_seq.hetero 
1 1   ARG n 
1 2   LYS n 
1 3   MET n 
1 4   PHE n 
1 5   ARG n 
1 6   ALA n 
1 7   LEU n 
1 8   MET n 
1 9   PRO n 
1 10  ALA n 
1 11  LEU n 
1 12  GLU n 
1 13  GLU n 
1 14  LEU n 
1 15  THR n 
1 16  PHE n 
1 17  ASP n 
1 18  PRO n 
1 19  SER n 
1 20  SER n 
1 21  ALA n 
1 22  HIS n 
1 23  PRO n 
1 24  SER n 
1 25  LEU n 
1 26  VAL n 
1 27  VAL n 
1 28  SER n 
1 29  SER n 
1 30  SER n 
1 31  GLY n 
1 32  ARG n 
1 33  ARG n 
1 34  VAL n 
1 35  GLU n 
1 36  CYS n 
1 37  SER n 
1 38  GLU n 
1 39  GLN n 
1 40  LYS n 
1 41  ALA n 
1 42  PRO n 
1 43  PRO n 
1 44  ALA n 
1 45  GLY n 
1 46  GLU n 
1 47  ASP n 
1 48  PRO n 
1 49  ARG n 
1 50  GLN n 
1 51  PHE n 
1 52  ASP n 
1 53  LYS n 
1 54  ALA n 
1 55  VAL n 
1 56  ALA n 
1 57  VAL n 
1 58  VAL n 
1 59  ALA n 
1 60  HIS n 
1 61  GLN n 
1 62  GLN n 
1 63  LEU n 
1 64  SER n 
1 65  GLU n 
1 66  GLY n 
1 67  GLU n 
1 68  HIS n 
1 69  TYR n 
1 70  TRP n 
1 71  GLU n 
1 72  VAL n 
1 73  ASP n 
1 74  VAL n 
1 75  GLY n 
1 76  ASP n 
1 77  LYS n 
1 78  PRO n 
1 79  ARG n 
1 80  TRP n 
1 81  ALA n 
1 82  LEU n 
1 83  GLY n 
1 84  VAL n 
1 85  ILE n 
1 86  ALA n 
1 87  ALA n 
1 88  GLU n 
1 89  ALA n 
1 90  PRO n 
1 91  ARG n 
1 92  ARG n 
1 93  GLY n 
1 94  ARG n 
1 95  LEU n 
1 96  HIS n 
1 97  ALA n 
1 98  VAL n 
1 99  PRO n 
1 100 SER n 
1 101 GLN n 
1 102 GLY n 
1 103 LEU n 
1 104 TRP n 
1 105 LEU n 
1 106 LEU n 
1 107 GLY n 
1 108 LEU n 
1 109 ARG n 
1 110 GLU n 
1 111 GLY n 
1 112 LYS n 
1 113 ILE n 
1 114 LEU n 
1 115 GLU n 
1 116 ALA n 
1 117 HIS n 
1 118 VAL n 
1 119 GLU n 
1 120 ALA n 
1 121 LYS n 
1 122 GLU n 
1 123 PRO n 
1 124 ARG n 
1 125 ALA n 
1 126 LEU n 
1 127 ARG n 
1 128 SER n 
1 129 PRO n 
1 130 GLU n 
1 131 ARG n 
1 132 ARG n 
1 133 PRO n 
1 134 THR n 
1 135 ARG n 
1 136 ILE n 
1 137 GLY n 
1 138 LEU n 
1 139 TYR n 
1 140 LEU n 
1 141 SER n 
1 142 PHE n 
1 143 GLY n 
1 144 ASP n 
1 145 GLY n 
1 146 VAL n 
1 147 LEU n 
1 148 SER n 
1 149 PHE n 
1 150 TYR n 
1 151 ASP n 
1 152 ALA n 
1 153 SER n 
1 154 ASP n 
1 155 ALA n 
1 156 ASP n 
1 157 ALA n 
1 158 LEU n 
1 159 VAL n 
1 160 PRO n 
1 161 LEU n 
1 162 PHE n 
1 163 ALA n 
1 164 PHE n 
1 165 HIS n 
1 166 GLU n 
1 167 ARG n 
1 168 LEU n 
1 169 PRO n 
1 170 ARG n 
1 171 PRO n 
1 172 VAL n 
1 173 TYR n 
1 174 PRO n 
1 175 PHE n 
1 176 PHE n 
1 177 ASP n 
1 178 VAL n 
1 179 CYS n 
1 180 TRP n 
1 181 HIS n 
1 182 ASP n 
1 183 LYS n 
1 184 GLY n 
1 185 LYS n 
1 186 ASN n 
1 187 ALA n 
1 188 GLN n 
1 189 PRO n 
1 190 LEU n 
1 191 LEU n 
1 192 LEU n 
1 193 VAL n 
# 
_entity_src_gen.entity_id                          1 
_entity_src_gen.pdbx_src_id                        1 
_entity_src_gen.pdbx_alt_source_flag               sample 
_entity_src_gen.pdbx_seq_type                      ? 
_entity_src_gen.pdbx_beg_seq_num                   ? 
_entity_src_gen.pdbx_end_seq_num                   ? 
_entity_src_gen.gene_src_common_name               human 
_entity_src_gen.gene_src_genus                     ? 
_entity_src_gen.pdbx_gene_src_gene                 PRY-SPRY 
_entity_src_gen.gene_src_species                   ? 
_entity_src_gen.gene_src_strain                    ? 
_entity_src_gen.gene_src_tissue                    ? 
_entity_src_gen.gene_src_tissue_fraction           ? 
_entity_src_gen.gene_src_details                   ? 
_entity_src_gen.pdbx_gene_src_fragment             ? 
_entity_src_gen.pdbx_gene_src_scientific_name      'Homo sapiens' 
_entity_src_gen.pdbx_gene_src_ncbi_taxonomy_id     9606 
_entity_src_gen.pdbx_gene_src_variant              ? 
_entity_src_gen.pdbx_gene_src_cell_line            ? 
_entity_src_gen.pdbx_gene_src_atcc                 ? 
_entity_src_gen.pdbx_gene_src_organ                ? 
_entity_src_gen.pdbx_gene_src_organelle            ? 
_entity_src_gen.pdbx_gene_src_cell                 ? 
_entity_src_gen.pdbx_gene_src_cellular_location    ? 
_entity_src_gen.host_org_common_name               ? 
_entity_src_gen.pdbx_host_org_scientific_name      'Escherichia coli' 
_entity_src_gen.pdbx_host_org_ncbi_taxonomy_id     562 
_entity_src_gen.host_org_genus                     ? 
_entity_src_gen.pdbx_host_org_gene                 ? 
_entity_src_gen.pdbx_host_org_organ                ? 
_entity_src_gen.host_org_species                   ? 
_entity_src_gen.pdbx_host_org_tissue               ? 
_entity_src_gen.pdbx_host_org_tissue_fraction      ? 
_entity_src_gen.pdbx_host_org_strain               ? 
_entity_src_gen.pdbx_host_org_variant              ? 
_entity_src_gen.pdbx_host_org_cell_line            ? 
_entity_src_gen.pdbx_host_org_atcc                 ? 
_entity_src_gen.pdbx_host_org_culture_collection   ? 
_entity_src_gen.pdbx_host_org_cell                 ? 
_entity_src_gen.pdbx_host_org_organelle            ? 
_entity_src_gen.pdbx_host_org_cellular_location    ? 
_entity_src_gen.pdbx_host_org_vector_type          PLASMID 
_entity_src_gen.pdbx_host_org_vector               ? 
_entity_src_gen.host_org_details                   ? 
_entity_src_gen.expression_system_id               ? 
_entity_src_gen.plasmid_name                       ? 
_entity_src_gen.plasmid_details                    ? 
_entity_src_gen.pdbx_description                   ? 
# 
loop_
_chem_comp.id 
_chem_comp.type 
_chem_comp.mon_nstd_flag 
_chem_comp.name 
_chem_comp.pdbx_synonyms 
_chem_comp.formula 
_chem_comp.formula_weight 
ALA 'L-peptide linking' y ALANINE         ? 'C3 H7 N O2'     89.093  
ARG 'L-peptide linking' y ARGININE        ? 'C6 H15 N4 O2 1' 175.209 
ASN 'L-peptide linking' y ASPARAGINE      ? 'C4 H8 N2 O3'    132.118 
ASP 'L-peptide linking' y 'ASPARTIC ACID' ? 'C4 H7 N O4'     133.103 
CYS 'L-peptide linking' y CYSTEINE        ? 'C3 H7 N O2 S'   121.158 
GLN 'L-peptide linking' y GLUTAMINE       ? 'C5 H10 N2 O3'   146.144 
GLU 'L-peptide linking' y 'GLUTAMIC ACID' ? 'C5 H9 N O4'     147.129 
GLY 'peptide linking'   y GLYCINE         ? 'C2 H5 N O2'     75.067  
HIS 'L-peptide linking' y HISTIDINE       ? 'C6 H10 N3 O2 1' 156.162 
HOH non-polymer         . WATER           ? 'H2 O'           18.015  
ILE 'L-peptide linking' y ISOLEUCINE      ? 'C6 H13 N O2'    131.173 
LEU 'L-peptide linking' y LEUCINE         ? 'C6 H13 N O2'    131.173 
LYS 'L-peptide linking' y LYSINE          ? 'C6 H15 N2 O2 1' 147.195 
MET 'L-peptide linking' y METHIONINE      ? 'C5 H11 N O2 S'  149.211 
PHE 'L-peptide linking' y PHENYLALANINE   ? 'C9 H11 N O2'    165.189 
PRO 'L-peptide linking' y PROLINE         ? 'C5 H9 N O2'     115.130 
SER 'L-peptide linking' y SERINE          ? 'C3 H7 N O3'     105.093 
THR 'L-peptide linking' y THREONINE       ? 'C4 H9 N O3'     119.119 
TRP 'L-peptide linking' y TRYPTOPHAN      ? 'C11 H12 N2 O2'  204.225 
TYR 'L-peptide linking' y TYROSINE        ? 'C9 H11 N O3'    181.189 
VAL 'L-peptide linking' y VALINE          ? 'C5 H11 N O2'    117.146 
# 
loop_
_pdbx_poly_seq_scheme.asym_id 
_pdbx_poly_seq_scheme.entity_id 
_pdbx_poly_seq_scheme.seq_id 
_pdbx_poly_seq_scheme.mon_id 
_pdbx_poly_seq_scheme.ndb_seq_num 
_pdbx_poly_seq_scheme.pdb_seq_num 
_pdbx_poly_seq_scheme.auth_seq_num 
_pdbx_poly_seq_scheme.pdb_mon_id 
_pdbx_poly_seq_scheme.auth_mon_id 
_pdbx_poly_seq_scheme.pdb_strand_id 
_pdbx_poly_seq_scheme.pdb_ins_code 
_pdbx_poly_seq_scheme.hetero 
A 1 1   ARG 1   278 278 ARG ARG A . n 
A 1 2   LYS 2   279 279 LYS LYS A . n 
A 1 3   MET 3   280 280 MET MET A . n 
A 1 4   PHE 4   281 281 PHE PHE A . n 
A 1 5   ARG 5   282 282 ARG ARG A . n 
A 1 6   ALA 6   283 283 ALA ALA A . n 
A 1 7   LEU 7   284 284 LEU LEU A . n 
A 1 8   MET 8   285 285 MET MET A . n 
A 1 9   PRO 9   286 286 PRO PRO A . n 
A 1 10  ALA 10  287 287 ALA ALA A . n 
A 1 11  LEU 11  288 288 LEU LEU A . n 
A 1 12  GLU 12  289 289 GLU GLU A . n 
A 1 13  GLU 13  290 290 GLU GLU A . n 
A 1 14  LEU 14  291 291 LEU LEU A . n 
A 1 15  THR 15  292 292 THR THR A . n 
A 1 16  PHE 16  293 293 PHE PHE A . n 
A 1 17  ASP 17  294 294 ASP ASP A . n 
A 1 18  PRO 18  295 295 PRO PRO A . n 
A 1 19  SER 19  296 296 SER SER A . n 
A 1 20  SER 20  297 297 SER SER A . n 
A 1 21  ALA 21  298 298 ALA ALA A . n 
A 1 22  HIS 22  299 299 HIS HIS A . n 
A 1 23  PRO 23  300 300 PRO PRO A . n 
A 1 24  SER 24  301 301 SER SER A . n 
A 1 25  LEU 25  302 302 LEU LEU A . n 
A 1 26  VAL 26  303 303 VAL VAL A . n 
A 1 27  VAL 27  304 304 VAL VAL A . n 
A 1 28  SER 28  305 305 SER SER A . n 
A 1 29  SER 29  306 306 SER SER A . n 
A 1 30  SER 30  307 307 SER SER A . n 
A 1 31  GLY 31  308 308 GLY GLY A . n 
A 1 32  ARG 32  309 309 ARG ARG A . n 
A 1 33  ARG 33  310 310 ARG ARG A . n 
A 1 34  VAL 34  311 311 VAL VAL A . n 
A 1 35  GLU 35  312 312 GLU GLU A . n 
A 1 36  CYS 36  313 313 CYS CYS A . n 
A 1 37  SER 37  314 314 SER SER A . n 
A 1 38  GLU 38  315 315 GLU GLU A . n 
A 1 39  GLN 39  316 316 GLN GLN A . n 
A 1 40  LYS 40  317 317 LYS LYS A . n 
A 1 41  ALA 41  318 318 ALA ALA A . n 
A 1 42  PRO 42  319 319 PRO PRO A . n 
A 1 43  PRO 43  320 320 PRO PRO A . n 
A 1 44  ALA 44  321 321 ALA ALA A . n 
A 1 45  GLY 45  322 322 GLY GLY A . n 
A 1 46  GLU 46  323 323 GLU GLU A . n 
A 1 47  ASP 47  324 324 ASP ASP A . n 
A 1 48  PRO 48  325 325 PRO PRO A . n 
A 1 49  ARG 49  326 326 ARG ARG A . n 
A 1 50  GLN 50  327 327 GLN GLN A . n 
A 1 51  PHE 51  328 328 PHE PHE A . n 
A 1 52  ASP 52  329 329 ASP ASP A . n 
A 1 53  LYS 53  330 330 LYS LYS A . n 
A 1 54  ALA 54  331 331 ALA ALA A . n 
A 1 55  VAL 55  332 332 VAL VAL A . n 
A 1 56  ALA 56  333 333 ALA ALA A . n 
A 1 57  VAL 57  334 334 VAL VAL A . n 
A 1 58  VAL 58  335 335 VAL VAL A . n 
A 1 59  ALA 59  336 336 ALA ALA A . n 
A 1 60  HIS 60  337 337 HIS HIS A . n 
A 1 61  GLN 61  338 338 GLN GLN A . n 
A 1 62  GLN 62  339 339 GLN GLN A . n 
A 1 63  LEU 63  340 340 LEU LEU A . n 
A 1 64  SER 64  341 341 SER SER A . n 
A 1 65  GLU 65  342 342 GLU GLU A . n 
A 1 66  GLY 66  343 343 GLY GLY A . n 
A 1 67  GLU 67  344 344 GLU GLU A . n 
A 1 68  HIS 68  345 345 HIS HIS A . n 
A 1 69  TYR 69  346 346 TYR TYR A . n 
A 1 70  TRP 70  347 347 TRP TRP A . n 
A 1 71  GLU 71  348 348 GLU GLU A . n 
A 1 72  VAL 72  349 349 VAL VAL A . n 
A 1 73  ASP 73  350 350 ASP ASP A . n 
A 1 74  VAL 74  351 351 VAL VAL A . n 
A 1 75  GLY 75  352 352 GLY GLY A . n 
A 1 76  ASP 76  353 353 ASP ASP A . n 
A 1 77  LYS 77  354 354 LYS LYS A . n 
A 1 78  PRO 78  355 355 PRO PRO A . n 
A 1 79  ARG 79  356 356 ARG ARG A . n 
A 1 80  TRP 80  357 357 TRP TRP A . n 
A 1 81  ALA 81  358 358 ALA ALA A . n 
A 1 82  LEU 82  359 359 LEU LEU A . n 
A 1 83  GLY 83  360 360 GLY GLY A . n 
A 1 84  VAL 84  361 361 VAL VAL A . n 
A 1 85  ILE 85  362 362 ILE ILE A . n 
A 1 86  ALA 86  363 363 ALA ALA A . n 
A 1 87  ALA 87  364 364 ALA ALA A . n 
A 1 88  GLU 88  365 365 GLU GLU A . n 
A 1 89  ALA 89  366 366 ALA ALA A . n 
A 1 90  PRO 90  367 367 PRO PRO A . n 
A 1 91  ARG 91  368 368 ARG ARG A . n 
A 1 92  ARG 92  369 369 ARG ARG A . n 
A 1 93  GLY 93  370 370 GLY GLY A . n 
A 1 94  ARG 94  371 371 ARG ARG A . n 
A 1 95  LEU 95  372 372 LEU LEU A . n 
A 1 96  HIS 96  373 373 HIS HIS A . n 
A 1 97  ALA 97  374 374 ALA ALA A . n 
A 1 98  VAL 98  375 375 VAL VAL A . n 
A 1 99  PRO 99  376 376 PRO PRO A . n 
A 1 100 SER 100 377 377 SER SER A . n 
A 1 101 GLN 101 378 378 GLN GLN A . n 
A 1 102 GLY 102 379 379 GLY GLY A . n 
A 1 103 LEU 103 380 380 LEU LEU A . n 
A 1 104 TRP 104 381 381 TRP TRP A . n 
A 1 105 LEU 105 382 382 LEU LEU A . n 
A 1 106 LEU 106 383 383 LEU LEU A . n 
A 1 107 GLY 107 384 384 GLY GLY A . n 
A 1 108 LEU 108 385 385 LEU LEU A . n 
A 1 109 ARG 109 386 386 ARG ARG A . n 
A 1 110 GLU 110 387 387 GLU GLU A . n 
A 1 111 GLY 111 388 388 GLY GLY A . n 
A 1 112 LYS 112 389 389 LYS LYS A . n 
A 1 113 ILE 113 390 390 ILE ILE A . n 
A 1 114 LEU 114 391 391 LEU LEU A . n 
A 1 115 GLU 115 392 392 GLU GLU A . n 
A 1 116 ALA 116 393 393 ALA ALA A . n 
A 1 117 HIS 117 394 394 HIS HIS A . n 
A 1 118 VAL 118 395 395 VAL VAL A . n 
A 1 119 GLU 119 396 396 GLU GLU A . n 
A 1 120 ALA 120 397 397 ALA ALA A . n 
A 1 121 LYS 121 398 398 LYS LYS A . n 
A 1 122 GLU 122 399 399 GLU GLU A . n 
A 1 123 PRO 123 400 400 PRO PRO A . n 
A 1 124 ARG 124 401 401 ARG ARG A . n 
A 1 125 ALA 125 402 402 ALA ALA A . n 
A 1 126 LEU 126 403 403 LEU LEU A . n 
A 1 127 ARG 127 404 404 ARG ARG A . n 
A 1 128 SER 128 405 405 SER SER A . n 
A 1 129 PRO 129 406 406 PRO PRO A . n 
A 1 130 GLU 130 407 407 GLU GLU A . n 
A 1 131 ARG 131 408 408 ARG ARG A . n 
A 1 132 ARG 132 409 409 ARG ARG A . n 
A 1 133 PRO 133 410 410 PRO PRO A . n 
A 1 134 THR 134 411 411 THR THR A . n 
A 1 135 ARG 135 412 412 ARG ARG A . n 
A 1 136 ILE 136 413 413 ILE ILE A . n 
A 1 137 GLY 137 414 414 GLY GLY A . n 
A 1 138 LEU 138 415 415 LEU LEU A . n 
A 1 139 TYR 139 416 416 TYR TYR A . n 
A 1 140 LEU 140 417 417 LEU LEU A . n 
A 1 141 SER 141 418 418 SER SER A . n 
A 1 142 PHE 142 419 419 PHE PHE A . n 
A 1 143 GLY 143 420 420 GLY GLY A . n 
A 1 144 ASP 144 421 421 ASP ASP A . n 
A 1 145 GLY 145 422 422 GLY GLY A . n 
A 1 146 VAL 146 423 423 VAL VAL A . n 
A 1 147 LEU 147 424 424 LEU LEU A . n 
A 1 148 SER 148 425 425 SER SER A . n 
A 1 149 PHE 149 426 426 PHE PHE A . n 
A 1 150 TYR 150 427 427 TYR TYR A . n 
A 1 151 ASP 151 428 428 ASP ASP A . n 
A 1 152 ALA 152 429 429 ALA ALA A . n 
A 1 153 SER 153 430 430 SER SER A . n 
A 1 154 ASP 154 431 431 ASP ASP A . n 
A 1 155 ALA 155 432 432 ALA ALA A . n 
A 1 156 ASP 156 433 433 ASP ASP A . n 
A 1 157 ALA 157 434 434 ALA ALA A . n 
A 1 158 LEU 158 435 435 LEU LEU A . n 
A 1 159 VAL 159 436 436 VAL VAL A . n 
A 1 160 PRO 160 437 437 PRO PRO A . n 
A 1 161 LEU 161 438 438 LEU LEU A . n 
A 1 162 PHE 162 439 439 PHE PHE A . n 
A 1 163 ALA 163 440 440 ALA ALA A . n 
A 1 164 PHE 164 441 441 PHE PHE A . n 
A 1 165 HIS 165 442 442 HIS HIS A . n 
A 1 166 GLU 166 443 443 GLU GLU A . n 
A 1 167 ARG 167 444 444 ARG ARG A . n 
A 1 168 LEU 168 445 445 LEU LEU A . n 
A 1 169 PRO 169 446 446 PRO PRO A . n 
A 1 170 ARG 170 447 447 ARG ARG A . n 
A 1 171 PRO 171 448 448 PRO PRO A . n 
A 1 172 VAL 172 449 449 VAL VAL A . n 
A 1 173 TYR 173 450 450 TYR TYR A . n 
A 1 174 PRO 174 451 451 PRO PRO A . n 
A 1 175 PHE 175 452 452 PHE PHE A . n 
A 1 176 PHE 176 453 453 PHE PHE A . n 
A 1 177 ASP 177 454 454 ASP ASP A . n 
A 1 178 VAL 178 455 455 VAL VAL A . n 
A 1 179 CYS 179 456 456 CYS CYS A . n 
A 1 180 TRP 180 457 457 TRP TRP A . n 
A 1 181 HIS 181 458 458 HIS HIS A . n 
A 1 182 ASP 182 459 459 ASP ASP A . n 
A 1 183 LYS 183 460 460 LYS LYS A . n 
A 1 184 GLY 184 461 461 GLY GLY A . n 
A 1 185 LYS 185 462 462 LYS LYS A . n 
A 1 186 ASN 186 463 463 ASN ASN A . n 
A 1 187 ALA 187 464 464 ALA ALA A . n 
A 1 188 GLN 188 465 465 GLN GLN A . n 
A 1 189 PRO 189 466 466 PRO PRO A . n 
A 1 190 LEU 190 467 467 LEU LEU A . n 
A 1 191 LEU 191 468 468 LEU LEU A . n 
A 1 192 LEU 192 469 469 LEU LEU A . n 
A 1 193 VAL 193 470 470 VAL VAL A . n 
# 
loop_
_pdbx_nonpoly_scheme.asym_id 
_pdbx_nonpoly_scheme.entity_id 
_pdbx_nonpoly_scheme.mon_id 
_pdbx_nonpoly_scheme.ndb_seq_num 
_pdbx_nonpoly_scheme.pdb_seq_num 
_pdbx_nonpoly_scheme.auth_seq_num 
_pdbx_nonpoly_scheme.pdb_mon_id 
_pdbx_nonpoly_scheme.auth_mon_id 
_pdbx_nonpoly_scheme.pdb_strand_id 
_pdbx_nonpoly_scheme.pdb_ins_code 
B 2 HOH 1   2   2   HOH HOH A . 
B 2 HOH 2   3   3   HOH HOH A . 
B 2 HOH 3   4   4   HOH HOH A . 
B 2 HOH 4   5   5   HOH HOH A . 
B 2 HOH 5   6   6   HOH HOH A . 
B 2 HOH 6   7   7   HOH HOH A . 
B 2 HOH 7   8   8   HOH HOH A . 
B 2 HOH 8   9   9   HOH HOH A . 
B 2 HOH 9   10  10  HOH HOH A . 
B 2 HOH 10  11  11  HOH HOH A . 
B 2 HOH 11  12  12  HOH HOH A . 
B 2 HOH 12  13  13  HOH HOH A . 
B 2 HOH 13  14  14  HOH HOH A . 
B 2 HOH 14  15  15  HOH HOH A . 
B 2 HOH 15  16  16  HOH HOH A . 
B 2 HOH 16  17  17  HOH HOH A . 
B 2 HOH 17  18  18  HOH HOH A . 
B 2 HOH 18  19  19  HOH HOH A . 
B 2 HOH 19  20  20  HOH HOH A . 
B 2 HOH 20  21  21  HOH HOH A . 
B 2 HOH 21  22  22  HOH HOH A . 
B 2 HOH 22  23  23  HOH HOH A . 
B 2 HOH 23  24  24  HOH HOH A . 
B 2 HOH 24  25  25  HOH HOH A . 
B 2 HOH 25  26  26  HOH HOH A . 
B 2 HOH 26  27  27  HOH HOH A . 
B 2 HOH 27  28  28  HOH HOH A . 
B 2 HOH 28  29  29  HOH HOH A . 
B 2 HOH 29  30  30  HOH HOH A . 
B 2 HOH 30  31  31  HOH HOH A . 
B 2 HOH 31  32  32  HOH HOH A . 
B 2 HOH 32  33  33  HOH HOH A . 
B 2 HOH 33  34  34  HOH HOH A . 
B 2 HOH 34  35  35  HOH HOH A . 
B 2 HOH 35  36  36  HOH HOH A . 
B 2 HOH 36  37  37  HOH HOH A . 
B 2 HOH 37  38  38  HOH HOH A . 
B 2 HOH 38  39  39  HOH HOH A . 
B 2 HOH 39  40  40  HOH HOH A . 
B 2 HOH 40  41  41  HOH HOH A . 
B 2 HOH 41  42  42  HOH HOH A . 
B 2 HOH 42  43  43  HOH HOH A . 
B 2 HOH 43  44  44  HOH HOH A . 
B 2 HOH 44  45  45  HOH HOH A . 
B 2 HOH 45  46  46  HOH HOH A . 
B 2 HOH 46  47  47  HOH HOH A . 
B 2 HOH 47  48  48  HOH HOH A . 
B 2 HOH 48  49  49  HOH HOH A . 
B 2 HOH 49  50  50  HOH HOH A . 
B 2 HOH 50  51  51  HOH HOH A . 
B 2 HOH 51  52  52  HOH HOH A . 
B 2 HOH 52  53  53  HOH HOH A . 
B 2 HOH 53  54  54  HOH HOH A . 
B 2 HOH 54  55  55  HOH HOH A . 
B 2 HOH 55  56  56  HOH HOH A . 
B 2 HOH 56  57  57  HOH HOH A . 
B 2 HOH 57  58  58  HOH HOH A . 
B 2 HOH 58  59  59  HOH HOH A . 
B 2 HOH 59  60  60  HOH HOH A . 
B 2 HOH 60  61  61  HOH HOH A . 
B 2 HOH 61  62  62  HOH HOH A . 
B 2 HOH 62  63  63  HOH HOH A . 
B 2 HOH 63  64  64  HOH HOH A . 
B 2 HOH 64  65  65  HOH HOH A . 
B 2 HOH 65  66  66  HOH HOH A . 
B 2 HOH 66  67  67  HOH HOH A . 
B 2 HOH 67  68  68  HOH HOH A . 
B 2 HOH 68  69  69  HOH HOH A . 
B 2 HOH 69  70  70  HOH HOH A . 
B 2 HOH 70  71  71  HOH HOH A . 
B 2 HOH 71  72  72  HOH HOH A . 
B 2 HOH 72  73  73  HOH HOH A . 
B 2 HOH 73  74  74  HOH HOH A . 
B 2 HOH 74  75  75  HOH HOH A . 
B 2 HOH 75  76  76  HOH HOH A . 
B 2 HOH 76  77  77  HOH HOH A . 
B 2 HOH 77  78  78  HOH HOH A . 
B 2 HOH 78  79  79  HOH HOH A . 
B 2 HOH 79  80  80  HOH HOH A . 
B 2 HOH 80  81  81  HOH HOH A . 
B 2 HOH 81  82  82  HOH HOH A . 
B 2 HOH 82  83  83  HOH HOH A . 
B 2 HOH 83  84  84  HOH HOH A . 
B 2 HOH 84  85  85  HOH HOH A . 
B 2 HOH 85  86  86  HOH HOH A . 
B 2 HOH 86  87  87  HOH HOH A . 
B 2 HOH 87  88  88  HOH HOH A . 
B 2 HOH 88  89  89  HOH HOH A . 
B 2 HOH 89  90  90  HOH HOH A . 
B 2 HOH 90  91  91  HOH HOH A . 
B 2 HOH 91  92  92  HOH HOH A . 
B 2 HOH 92  93  93  HOH HOH A . 
B 2 HOH 93  94  94  HOH HOH A . 
B 2 HOH 94  95  95  HOH HOH A . 
B 2 HOH 95  96  96  HOH HOH A . 
B 2 HOH 96  97  97  HOH HOH A . 
B 2 HOH 97  98  98  HOH HOH A . 
B 2 HOH 98  99  99  HOH HOH A . 
B 2 HOH 99  100 100 HOH HOH A . 
B 2 HOH 100 101 101 HOH HOH A . 
B 2 HOH 101 102 102 HOH HOH A . 
B 2 HOH 102 103 103 HOH HOH A . 
B 2 HOH 103 104 104 HOH HOH A . 
B 2 HOH 104 105 105 HOH HOH A . 
B 2 HOH 105 106 106 HOH HOH A . 
B 2 HOH 106 107 107 HOH HOH A . 
B 2 HOH 107 108 108 HOH HOH A . 
B 2 HOH 108 109 109 HOH HOH A . 
B 2 HOH 109 110 110 HOH HOH A . 
B 2 HOH 110 111 111 HOH HOH A . 
B 2 HOH 111 112 112 HOH HOH A . 
B 2 HOH 112 113 113 HOH HOH A . 
B 2 HOH 113 114 114 HOH HOH A . 
B 2 HOH 114 115 115 HOH HOH A . 
B 2 HOH 115 116 116 HOH HOH A . 
B 2 HOH 116 117 117 HOH HOH A . 
B 2 HOH 117 118 118 HOH HOH A . 
B 2 HOH 118 119 119 HOH HOH A . 
B 2 HOH 119 120 120 HOH HOH A . 
B 2 HOH 120 121 121 HOH HOH A . 
B 2 HOH 121 122 122 HOH HOH A . 
B 2 HOH 122 123 123 HOH HOH A . 
B 2 HOH 123 124 124 HOH HOH A . 
B 2 HOH 124 125 125 HOH HOH A . 
B 2 HOH 125 126 126 HOH HOH A . 
B 2 HOH 126 127 127 HOH HOH A . 
B 2 HOH 127 128 128 HOH HOH A . 
B 2 HOH 128 129 129 HOH HOH A . 
B 2 HOH 129 130 130 HOH HOH A . 
B 2 HOH 130 131 131 HOH HOH A . 
B 2 HOH 131 132 132 HOH HOH A . 
B 2 HOH 132 133 133 HOH HOH A . 
B 2 HOH 133 134 134 HOH HOH A . 
B 2 HOH 134 135 135 HOH HOH A . 
B 2 HOH 135 136 136 HOH HOH A . 
B 2 HOH 136 137 137 HOH HOH A . 
B 2 HOH 137 138 138 HOH HOH A . 
B 2 HOH 138 139 139 HOH HOH A . 
B 2 HOH 139 140 140 HOH HOH A . 
B 2 HOH 140 141 141 HOH HOH A . 
B 2 HOH 141 142 142 HOH HOH A . 
B 2 HOH 142 143 143 HOH HOH A . 
B 2 HOH 143 144 144 HOH HOH A . 
B 2 HOH 144 145 145 HOH HOH A . 
B 2 HOH 145 146 146 HOH HOH A . 
B 2 HOH 146 147 147 HOH HOH A . 
B 2 HOH 147 148 148 HOH HOH A . 
B 2 HOH 148 149 149 HOH HOH A . 
B 2 HOH 149 150 150 HOH HOH A . 
B 2 HOH 150 151 151 HOH HOH A . 
B 2 HOH 151 152 152 HOH HOH A . 
B 2 HOH 152 153 153 HOH HOH A . 
B 2 HOH 153 154 154 HOH HOH A . 
B 2 HOH 154 155 155 HOH HOH A . 
B 2 HOH 155 156 156 HOH HOH A . 
B 2 HOH 156 157 157 HOH HOH A . 
B 2 HOH 157 158 158 HOH HOH A . 
B 2 HOH 158 159 159 HOH HOH A . 
B 2 HOH 159 160 160 HOH HOH A . 
B 2 HOH 160 161 161 HOH HOH A . 
# 
loop_
_software.name 
_software.classification 
_software.version 
_software.citation_id 
_software.pdbx_ordinal 
HKL-2000 'data collection' .   ? 1 
SOLVE    phasing           .   ? 2 
CNS      refinement        1.1 ? 3 
HKL-2000 'data reduction'  .   ? 4 
HKL-2000 'data scaling'    .   ? 5 
# 
_cell.entry_id           3KB5 
_cell.length_a           153.747 
_cell.length_b           35.937 
_cell.length_c           33.200 
_cell.angle_alpha        90.00 
_cell.angle_beta         99.87 
_cell.angle_gamma        90.00 
_cell.Z_PDB              4 
_cell.pdbx_unique_axis   ? 
_cell.length_a_esd       ? 
_cell.length_b_esd       ? 
_cell.length_c_esd       ? 
_cell.angle_alpha_esd    ? 
_cell.angle_beta_esd     ? 
_cell.angle_gamma_esd    ? 
# 
_symmetry.entry_id                         3KB5 
_symmetry.space_group_name_H-M             'C 1 2 1' 
_symmetry.pdbx_full_space_group_name_H-M   ? 
_symmetry.cell_setting                     ? 
_symmetry.Int_Tables_number                5 
_symmetry.space_group_name_Hall            ? 
# 
_exptl.entry_id          3KB5 
_exptl.method            'X-RAY DIFFRACTION' 
_exptl.crystals_number   2 
# 
_exptl_crystal.id                    1 
_exptl_crystal.density_meas          ? 
_exptl_crystal.density_Matthews      2.09 
_exptl_crystal.density_percent_sol   41.19 
_exptl_crystal.description           ? 
_exptl_crystal.F_000                 ? 
_exptl_crystal.preparation           ? 
# 
_exptl_crystal_grow.crystal_id      1 
_exptl_crystal_grow.method          'VAPOR DIFFUSION, HANGING DROP' 
_exptl_crystal_grow.temp            295 
_exptl_crystal_grow.temp_details    ? 
_exptl_crystal_grow.pH              8.0 
_exptl_crystal_grow.pdbx_details    
'0.1M Tris-HCl, 20% (w/v) polyethylene glycol 3350, 0.2M potassium nitrate, pH 8.0, VAPOR DIFFUSION, HANGING DROP, temperature 295K' 
_exptl_crystal_grow.pdbx_pH_range   ? 
# 
loop_
_diffrn.id 
_diffrn.ambient_temp 
_diffrn.ambient_temp_details 
_diffrn.crystal_id 
1 100 ? 1 
2 100 ? 1 
# 
loop_
_diffrn_detector.diffrn_id 
_diffrn_detector.detector 
_diffrn_detector.type 
_diffrn_detector.pdbx_collection_date 
_diffrn_detector.details 
1 CCD 'ADSC QUANTUM 210'  ? ? 
2 CCD 'ADSC QUANTUM 210r' ? ? 
# 
loop_
_diffrn_radiation.diffrn_id 
_diffrn_radiation.wavelength_id 
_diffrn_radiation.pdbx_monochromatic_or_laue_m_l 
_diffrn_radiation.monochromator 
_diffrn_radiation.pdbx_diffrn_protocol 
_diffrn_radiation.pdbx_scattering_type 
1 1 M ?                MAD                 x-ray 
2 2 M 'Si 111 CHANNEL' 'SINGLE WAVELENGTH' x-ray 
# 
loop_
_diffrn_radiation_wavelength.id 
_diffrn_radiation_wavelength.wavelength 
_diffrn_radiation_wavelength.wt 
1 0.97951 1.0 
2 0.97967 1.0 
3 0.9600  1.0 
4 1.0     1.0 
# 
loop_
_diffrn_source.diffrn_id 
_diffrn_source.source 
_diffrn_source.type 
_diffrn_source.pdbx_synchrotron_site 
_diffrn_source.pdbx_synchrotron_beamline 
_diffrn_source.pdbx_wavelength 
_diffrn_source.pdbx_wavelength_list 
1 SYNCHROTRON 'PAL/PLS BEAMLINE 4A'              PAL/PLS          4A       ? '0.97951, 0.97967, 0.9600' 
2 SYNCHROTRON 'PHOTON FACTORY BEAMLINE AR-NW12A' 'Photon Factory' AR-NW12A ? 1.0                        
# 
_reflns.entry_id                     3KB5 
_reflns.observed_criterion_sigma_I   ? 
_reflns.observed_criterion_sigma_F   ? 
_reflns.d_resolution_low             50 
_reflns.d_resolution_high            1.5 
_reflns.number_obs                   26011 
_reflns.number_all                   26011 
_reflns.percent_possible_obs         ? 
_reflns.pdbx_Rmerge_I_obs            ? 
_reflns.pdbx_Rsym_value              ? 
_reflns.pdbx_netI_over_sigmaI        ? 
_reflns.B_iso_Wilson_estimate        ? 
_reflns.pdbx_redundancy              ? 
_reflns.R_free_details               ? 
_reflns.limit_h_max                  ? 
_reflns.limit_h_min                  ? 
_reflns.limit_k_max                  ? 
_reflns.limit_k_min                  ? 
_reflns.limit_l_max                  ? 
_reflns.limit_l_min                  ? 
_reflns.observed_criterion_F_max     ? 
_reflns.observed_criterion_F_min     ? 
_reflns.pdbx_chi_squared             ? 
_reflns.pdbx_scaling_rejects         ? 
_reflns.pdbx_diffrn_id               1,2 
_reflns.pdbx_ordinal                 1 
# 
_reflns_shell.d_res_high             1.50 
_reflns_shell.d_res_low              1.53 
_reflns_shell.percent_possible_all   99.1 
_reflns_shell.Rmerge_I_obs           ? 
_reflns_shell.pdbx_Rsym_value        ? 
_reflns_shell.meanI_over_sigI_obs    ? 
_reflns_shell.pdbx_redundancy        ? 
_reflns_shell.percent_possible_obs   ? 
_reflns_shell.number_unique_all      ? 
_reflns_shell.number_measured_all    ? 
_reflns_shell.number_measured_obs    ? 
_reflns_shell.number_unique_obs      ? 
_reflns_shell.pdbx_chi_squared       ? 
_reflns_shell.pdbx_diffrn_id         ? 
_reflns_shell.pdbx_ordinal           1 
# 
_refine.entry_id                                 3KB5 
_refine.ls_number_reflns_obs                     26011 
_refine.ls_number_reflns_all                     ? 
_refine.pdbx_ls_sigma_I                          ? 
_refine.pdbx_ls_sigma_F                          ? 
_refine.pdbx_data_cutoff_high_absF               ? 
_refine.pdbx_data_cutoff_low_absF                ? 
_refine.pdbx_data_cutoff_high_rms_absF           ? 
_refine.ls_d_res_low                             29.28 
_refine.ls_d_res_high                            1.5 
_refine.ls_percent_reflns_obs                    89.9 
_refine.ls_R_factor_obs                          ? 
_refine.ls_R_factor_all                          ? 
_refine.ls_R_factor_R_work                       0.219 
_refine.ls_R_factor_R_free                       0.237 
_refine.ls_R_factor_R_free_error                 ? 
_refine.ls_R_factor_R_free_error_details         ? 
_refine.ls_percent_reflns_R_free                 4.400 
_refine.ls_number_reflns_R_free                  1269 
_refine.ls_number_parameters                     ? 
_refine.ls_number_restraints                     ? 
_refine.occupancy_min                            ? 
_refine.occupancy_max                            ? 
_refine.correlation_coeff_Fo_to_Fc               ? 
_refine.correlation_coeff_Fo_to_Fc_free          ? 
_refine.B_iso_mean                               30.819 
_refine.aniso_B[1][1]                            3.701 
_refine.aniso_B[2][2]                            2.291 
_refine.aniso_B[3][3]                            -5.992 
_refine.aniso_B[1][2]                            0.000 
_refine.aniso_B[1][3]                            0.414 
_refine.aniso_B[2][3]                            0.000 
_refine.solvent_model_details                    ? 
_refine.solvent_model_param_ksol                 ? 
_refine.solvent_model_param_bsol                 58.366 
_refine.pdbx_solvent_vdw_probe_radii             ? 
_refine.pdbx_solvent_ion_probe_radii             ? 
_refine.pdbx_solvent_shrinkage_radii             ? 
_refine.pdbx_ls_cross_valid_method               ? 
_refine.details                                  ? 
_refine.pdbx_starting_model                      ? 
_refine.pdbx_method_to_determine_struct          MAD 
_refine.pdbx_isotropic_thermal_model             ? 
_refine.pdbx_stereochemistry_target_values       ? 
_refine.pdbx_stereochem_target_val_spec_case     ? 
_refine.pdbx_R_Free_selection_details            ? 
_refine.pdbx_overall_ESU_R                       ? 
_refine.pdbx_overall_ESU_R_Free                  ? 
_refine.overall_SU_ML                            ? 
_refine.overall_SU_B                             ? 
_refine.ls_redundancy_reflns_obs                 ? 
_refine.B_iso_min                                ? 
_refine.B_iso_max                                ? 
_refine.overall_SU_R_Cruickshank_DPI             ? 
_refine.overall_SU_R_free                        ? 
_refine.ls_wR_factor_R_free                      ? 
_refine.ls_wR_factor_R_work                      ? 
_refine.overall_FOM_free_R_set                   ? 
_refine.overall_FOM_work_R_set                   ? 
_refine.pdbx_overall_phase_error                 ? 
_refine.pdbx_refine_id                           'X-RAY DIFFRACTION' 
_refine.pdbx_diffrn_id                           1 
_refine.pdbx_TLS_residual_ADP_flag               ? 
_refine.pdbx_overall_SU_R_free_Cruickshank_DPI   ? 
_refine.pdbx_overall_SU_R_Blow_DPI               ? 
_refine.pdbx_overall_SU_R_free_Blow_DPI          ? 
# 
_refine_hist.pdbx_refine_id                   'X-RAY DIFFRACTION' 
_refine_hist.cycle_id                         LAST 
_refine_hist.pdbx_number_atoms_protein        1526 
_refine_hist.pdbx_number_atoms_nucleic_acid   0 
_refine_hist.pdbx_number_atoms_ligand         0 
_refine_hist.number_atoms_solvent             160 
_refine_hist.number_atoms_total               1686 
_refine_hist.d_res_high                       1.5 
_refine_hist.d_res_low                        29.28 
# 
loop_
_refine_ls_restr.pdbx_refine_id 
_refine_ls_restr.type 
_refine_ls_restr.number 
_refine_ls_restr.dev_ideal 
_refine_ls_restr.dev_ideal_target 
_refine_ls_restr.weight 
_refine_ls_restr.pdbx_restraint_function 
'X-RAY DIFFRACTION' c_bond_d     ? 0.005 ?     ? ? 
'X-RAY DIFFRACTION' c_angle_d    ? 1.313 ?     ? ? 
'X-RAY DIFFRACTION' c_mcbond_it  ? 1.765 1.500 ? ? 
'X-RAY DIFFRACTION' c_scbond_it  ? 2.364 2.000 ? ? 
'X-RAY DIFFRACTION' c_mcangle_it ? 3.080 2.000 ? ? 
'X-RAY DIFFRACTION' c_scangle_it ? 3.593 2.500 ? ? 
# 
loop_
_pdbx_xplor_file.serial_no 
_pdbx_xplor_file.param_file 
_pdbx_xplor_file.topol_file 
_pdbx_xplor_file.pdbx_refine_id 
1 protein_rep.param protein.top 'X-RAY DIFFRACTION' 
2 dna-rna_rep.param dna-rna.top 'X-RAY DIFFRACTION' 
3 water_rep.param   water.top   'X-RAY DIFFRACTION' 
4 ion.param         ion.top     'X-RAY DIFFRACTION' 
# 
_struct.entry_id                  3KB5 
_struct.title                     'PRY-SPRY domain of human TRIM72' 
_struct.pdbx_model_details        ? 
_struct.pdbx_CASP_flag            ? 
_struct.pdbx_model_type_details   ? 
# 
_struct_keywords.entry_id        3KB5 
_struct_keywords.pdbx_keywords   'MEMBRANE PROTEIN' 
_struct_keywords.text            
'B30.2, GUSTAVUS, SPRY, TRIM21, tripartite motif, TRIM72, PRY, high resolution, MG53, MEMBRANE PROTEIN' 
# 
loop_
_struct_asym.id 
_struct_asym.pdbx_blank_PDB_chainid_flag 
_struct_asym.pdbx_modified 
_struct_asym.entity_id 
_struct_asym.details 
A N N 1 ? 
B N N 2 ? 
# 
_struct_ref.id                         1 
_struct_ref.db_name                    UNP 
_struct_ref.db_code                    TRI72_HUMAN 
_struct_ref.pdbx_db_accession          Q6ZMU5 
_struct_ref.entity_id                  1 
_struct_ref.pdbx_seq_one_letter_code   
;RKMFRALMPALEELTFDPSSAHPSLVVSSSGRRVECSEQKAPPAGEDPRQFDKAVAVVAHQQLSEGEHYWEVDVGDKPRW
ALGVIAAEAPRRGRLHAVPSQGLWLLGLREGKILEAHVEAKEPRALRSPERRPTRIGLYLSFGDGVLSFYDASDADALVP
LFAFHERLPRPVYPFFDVCWHDKGKNAQPLLLV
;
_struct_ref.pdbx_align_begin           278 
_struct_ref.pdbx_db_isoform            ? 
# 
_struct_ref_seq.align_id                      1 
_struct_ref_seq.ref_id                        1 
_struct_ref_seq.pdbx_PDB_id_code              3KB5 
_struct_ref_seq.pdbx_strand_id                A 
_struct_ref_seq.seq_align_beg                 1 
_struct_ref_seq.pdbx_seq_align_beg_ins_code   ? 
_struct_ref_seq.seq_align_end                 193 
_struct_ref_seq.pdbx_seq_align_end_ins_code   ? 
_struct_ref_seq.pdbx_db_accession             Q6ZMU5 
_struct_ref_seq.db_align_beg                  278 
_struct_ref_seq.pdbx_db_align_beg_ins_code    ? 
_struct_ref_seq.db_align_end                  470 
_struct_ref_seq.pdbx_db_align_end_ins_code    ? 
_struct_ref_seq.pdbx_auth_seq_align_beg       278 
_struct_ref_seq.pdbx_auth_seq_align_end       470 
# 
loop_
_pdbx_struct_assembly.id 
_pdbx_struct_assembly.details 
_pdbx_struct_assembly.method_details 
_pdbx_struct_assembly.oligomeric_details 
_pdbx_struct_assembly.oligomeric_count 
1 author_defined_assembly   ?    monomeric 1 
2 software_defined_assembly PISA dimeric   2 
# 
loop_
_pdbx_struct_assembly_prop.biol_id 
_pdbx_struct_assembly_prop.type 
_pdbx_struct_assembly_prop.value 
_pdbx_struct_assembly_prop.details 
2 'ABSA (A^2)' 960   ? 
2 MORE         -12   ? 
2 'SSA (A^2)'  18930 ? 
# 
loop_
_pdbx_struct_assembly_gen.assembly_id 
_pdbx_struct_assembly_gen.oper_expression 
_pdbx_struct_assembly_gen.asym_id_list 
1 1   A,B 
2 1,2 A,B 
# 
loop_
_pdbx_struct_oper_list.id 
_pdbx_struct_oper_list.type 
_pdbx_struct_oper_list.name 
_pdbx_struct_oper_list.symmetry_operation 
_pdbx_struct_oper_list.matrix[1][1] 
_pdbx_struct_oper_list.matrix[1][2] 
_pdbx_struct_oper_list.matrix[1][3] 
_pdbx_struct_oper_list.vector[1] 
_pdbx_struct_oper_list.matrix[2][1] 
_pdbx_struct_oper_list.matrix[2][2] 
_pdbx_struct_oper_list.matrix[2][3] 
_pdbx_struct_oper_list.vector[2] 
_pdbx_struct_oper_list.matrix[3][1] 
_pdbx_struct_oper_list.matrix[3][2] 
_pdbx_struct_oper_list.matrix[3][3] 
_pdbx_struct_oper_list.vector[3] 
1 'identity operation'         1_555 x,y,z   1.0000000000  0.0000000000  0.0000000000 0.0000000000  0.0000000000  1.0000000000  0.0000000000  0.0000000000  0.0000000000 0.0000000000  1.0000000000  0.0000000000 
2 'crystal symmetry operation' 2_555 -x,y,-z -0.0961900613 -0.7854863945 0.6113579935 27.3725504552 -0.7854863945 -0.3173466573 -0.5313212053 32.9502661023 0.6113579935 -0.5313212053 -0.5864632815 1.8686311124 
# 
_struct_biol.id        1 
_struct_biol.details   ? 
# 
loop_
_struct_conf.conf_type_id 
_struct_conf.id 
_struct_conf.pdbx_PDB_helix_id 
_struct_conf.beg_label_comp_id 
_struct_conf.beg_label_asym_id 
_struct_conf.beg_label_seq_id 
_struct_conf.pdbx_beg_PDB_ins_code 
_struct_conf.end_label_comp_id 
_struct_conf.end_label_asym_id 
_struct_conf.end_label_seq_id 
_struct_conf.pdbx_end_PDB_ins_code 
_struct_conf.beg_auth_comp_id 
_struct_conf.beg_auth_asym_id 
_struct_conf.beg_auth_seq_id 
_struct_conf.end_auth_comp_id 
_struct_conf.end_auth_asym_id 
_struct_conf.end_auth_seq_id 
_struct_conf.pdbx_PDB_helix_class 
_struct_conf.details 
_struct_conf.pdbx_PDB_helix_length 
HELX_P HELX_P1 1 ARG A 1  ? MET A 8   ? ARG A 278 MET A 285 1 ? 8 
HELX_P HELX_P2 2 VAL A 98 ? GLN A 101 ? VAL A 375 GLN A 378 5 ? 4 
# 
_struct_conf_type.id          HELX_P 
_struct_conf_type.criteria    ? 
_struct_conf_type.reference   ? 
# 
loop_
_struct_mon_prot_cis.pdbx_id 
_struct_mon_prot_cis.label_comp_id 
_struct_mon_prot_cis.label_seq_id 
_struct_mon_prot_cis.label_asym_id 
_struct_mon_prot_cis.label_alt_id 
_struct_mon_prot_cis.pdbx_PDB_ins_code 
_struct_mon_prot_cis.auth_comp_id 
_struct_mon_prot_cis.auth_seq_id 
_struct_mon_prot_cis.auth_asym_id 
_struct_mon_prot_cis.pdbx_label_comp_id_2 
_struct_mon_prot_cis.pdbx_label_seq_id_2 
_struct_mon_prot_cis.pdbx_label_asym_id_2 
_struct_mon_prot_cis.pdbx_PDB_ins_code_2 
_struct_mon_prot_cis.pdbx_auth_comp_id_2 
_struct_mon_prot_cis.pdbx_auth_seq_id_2 
_struct_mon_prot_cis.pdbx_auth_asym_id_2 
_struct_mon_prot_cis.pdbx_PDB_model_num 
_struct_mon_prot_cis.pdbx_omega_angle 
1 SER 128 A . ? SER 405 A PRO 129 A ? PRO 406 A 1 -0.26 
2 ARG 170 A . ? ARG 447 A PRO 171 A ? PRO 448 A 1 -0.02 
# 
loop_
_struct_sheet.id 
_struct_sheet.type 
_struct_sheet.number_strands 
_struct_sheet.details 
A ? 7 ? 
B ? 6 ? 
# 
loop_
_struct_sheet_order.sheet_id 
_struct_sheet_order.range_id_1 
_struct_sheet_order.range_id_2 
_struct_sheet_order.offset 
_struct_sheet_order.sense 
A 1 2 ? anti-parallel 
A 2 3 ? anti-parallel 
A 3 4 ? anti-parallel 
A 4 5 ? anti-parallel 
A 5 6 ? anti-parallel 
A 6 7 ? anti-parallel 
B 1 2 ? anti-parallel 
B 2 3 ? anti-parallel 
B 3 4 ? anti-parallel 
B 4 5 ? anti-parallel 
B 5 6 ? anti-parallel 
# 
loop_
_struct_sheet_range.sheet_id 
_struct_sheet_range.id 
_struct_sheet_range.beg_label_comp_id 
_struct_sheet_range.beg_label_asym_id 
_struct_sheet_range.beg_label_seq_id 
_struct_sheet_range.pdbx_beg_PDB_ins_code 
_struct_sheet_range.end_label_comp_id 
_struct_sheet_range.end_label_asym_id 
_struct_sheet_range.end_label_seq_id 
_struct_sheet_range.pdbx_end_PDB_ins_code 
_struct_sheet_range.beg_auth_comp_id 
_struct_sheet_range.beg_auth_asym_id 
_struct_sheet_range.beg_auth_seq_id 
_struct_sheet_range.end_auth_comp_id 
_struct_sheet_range.end_auth_asym_id 
_struct_sheet_range.end_auth_seq_id 
A 1 LEU A 25  ? SER A 28  ? LEU A 302 SER A 305 
A 2 ARG A 33  ? CYS A 36  ? ARG A 310 CYS A 313 
A 3 LEU A 190 ? LEU A 192 ? LEU A 467 LEU A 469 
A 4 GLU A 67  ? ASP A 73  ? GLU A 344 ASP A 350 
A 5 ARG A 135 ? SER A 141 ? ARG A 412 SER A 418 
A 6 VAL A 146 ? ASP A 151 ? VAL A 423 ASP A 428 
A 7 VAL A 159 ? PHE A 164 ? VAL A 436 PHE A 441 
B 1 ALA A 56  ? VAL A 58  ? ALA A 333 VAL A 335 
B 2 VAL A 172 ? ASP A 177 ? VAL A 449 ASP A 454 
B 3 TRP A 80  ? ALA A 86  ? TRP A 357 ALA A 363 
B 4 LEU A 103 ? ARG A 109 ? LEU A 380 ARG A 386 
B 5 ILE A 113 ? ALA A 116 ? ILE A 390 ALA A 393 
B 6 ARG A 124 ? ALA A 125 ? ARG A 401 ALA A 402 
# 
loop_
_pdbx_struct_sheet_hbond.sheet_id 
_pdbx_struct_sheet_hbond.range_id_1 
_pdbx_struct_sheet_hbond.range_id_2 
_pdbx_struct_sheet_hbond.range_1_label_atom_id 
_pdbx_struct_sheet_hbond.range_1_label_comp_id 
_pdbx_struct_sheet_hbond.range_1_label_asym_id 
_pdbx_struct_sheet_hbond.range_1_label_seq_id 
_pdbx_struct_sheet_hbond.range_1_PDB_ins_code 
_pdbx_struct_sheet_hbond.range_1_auth_atom_id 
_pdbx_struct_sheet_hbond.range_1_auth_comp_id 
_pdbx_struct_sheet_hbond.range_1_auth_asym_id 
_pdbx_struct_sheet_hbond.range_1_auth_seq_id 
_pdbx_struct_sheet_hbond.range_2_label_atom_id 
_pdbx_struct_sheet_hbond.range_2_label_comp_id 
_pdbx_struct_sheet_hbond.range_2_label_asym_id 
_pdbx_struct_sheet_hbond.range_2_label_seq_id 
_pdbx_struct_sheet_hbond.range_2_PDB_ins_code 
_pdbx_struct_sheet_hbond.range_2_auth_atom_id 
_pdbx_struct_sheet_hbond.range_2_auth_comp_id 
_pdbx_struct_sheet_hbond.range_2_auth_asym_id 
_pdbx_struct_sheet_hbond.range_2_auth_seq_id 
A 1 2 N SER A 28  ? N SER A 305 O ARG A 33  ? O ARG A 310 
A 2 3 N VAL A 34  ? N VAL A 311 O LEU A 190 ? O LEU A 467 
A 3 4 O LEU A 191 ? O LEU A 468 N ASP A 73  ? N ASP A 350 
A 4 5 N HIS A 68  ? N HIS A 345 O LEU A 140 ? O LEU A 417 
A 5 6 N TYR A 139 ? N TYR A 416 O SER A 148 ? O SER A 425 
A 6 7 N PHE A 149 ? N PHE A 426 O PHE A 162 ? O PHE A 439 
B 1 2 N VAL A 57  ? N VAL A 334 O PHE A 176 ? O PHE A 453 
B 2 3 O ASP A 177 ? O ASP A 454 N ALA A 81  ? N ALA A 358 
B 3 4 N LEU A 82  ? N LEU A 359 O LEU A 106 ? O LEU A 383 
B 4 5 N ARG A 109 ? N ARG A 386 O ILE A 113 ? O ILE A 390 
B 5 6 N ALA A 116 ? N ALA A 393 O ARG A 124 ? O ARG A 401 
# 
loop_
_pdbx_validate_torsion.id 
_pdbx_validate_torsion.PDB_model_num 
_pdbx_validate_torsion.auth_comp_id 
_pdbx_validate_torsion.auth_asym_id 
_pdbx_validate_torsion.auth_seq_id 
_pdbx_validate_torsion.PDB_ins_code 
_pdbx_validate_torsion.label_alt_id 
_pdbx_validate_torsion.phi 
_pdbx_validate_torsion.psi 
1 1 GLN A 316 ? ? -132.67 -86.41 
2 1 ALA A 318 ? ? -50.94  107.03 
3 1 GLU A 387 ? ? 57.01   16.29  
4 1 LYS A 389 ? ? -146.10 -13.26 
5 1 ASP A 433 ? ? -114.06 52.41  
6 1 CYS A 456 ? ? 68.11   168.44 
# 
loop_
_chem_comp_atom.comp_id 
_chem_comp_atom.atom_id 
_chem_comp_atom.type_symbol 
_chem_comp_atom.pdbx_aromatic_flag 
_chem_comp_atom.pdbx_stereo_config 
_chem_comp_atom.pdbx_ordinal 
ALA N    N N N 1   
ALA CA   C N S 2   
ALA C    C N N 3   
ALA O    O N N 4   
ALA CB   C N N 5   
ALA OXT  O N N 6   
ALA H    H N N 7   
ALA H2   H N N 8   
ALA HA   H N N 9   
ALA HB1  H N N 10  
ALA HB2  H N N 11  
ALA HB3  H N N 12  
ALA HXT  H N N 13  
ARG N    N N N 14  
ARG CA   C N S 15  
ARG C    C N N 16  
ARG O    O N N 17  
ARG CB   C N N 18  
ARG CG   C N N 19  
ARG CD   C N N 20  
ARG NE   N N N 21  
ARG CZ   C N N 22  
ARG NH1  N N N 23  
ARG NH2  N N N 24  
ARG OXT  O N N 25  
ARG H    H N N 26  
ARG H2   H N N 27  
ARG HA   H N N 28  
ARG HB2  H N N 29  
ARG HB3  H N N 30  
ARG HG2  H N N 31  
ARG HG3  H N N 32  
ARG HD2  H N N 33  
ARG HD3  H N N 34  
ARG HE   H N N 35  
ARG HH11 H N N 36  
ARG HH12 H N N 37  
ARG HH21 H N N 38  
ARG HH22 H N N 39  
ARG HXT  H N N 40  
ASN N    N N N 41  
ASN CA   C N S 42  
ASN C    C N N 43  
ASN O    O N N 44  
ASN CB   C N N 45  
ASN CG   C N N 46  
ASN OD1  O N N 47  
ASN ND2  N N N 48  
ASN OXT  O N N 49  
ASN H    H N N 50  
ASN H2   H N N 51  
ASN HA   H N N 52  
ASN HB2  H N N 53  
ASN HB3  H N N 54  
ASN HD21 H N N 55  
ASN HD22 H N N 56  
ASN HXT  H N N 57  
ASP N    N N N 58  
ASP CA   C N S 59  
ASP C    C N N 60  
ASP O    O N N 61  
ASP CB   C N N 62  
ASP CG   C N N 63  
ASP OD1  O N N 64  
ASP OD2  O N N 65  
ASP OXT  O N N 66  
ASP H    H N N 67  
ASP H2   H N N 68  
ASP HA   H N N 69  
ASP HB2  H N N 70  
ASP HB3  H N N 71  
ASP HD2  H N N 72  
ASP HXT  H N N 73  
CYS N    N N N 74  
CYS CA   C N R 75  
CYS C    C N N 76  
CYS O    O N N 77  
CYS CB   C N N 78  
CYS SG   S N N 79  
CYS OXT  O N N 80  
CYS H    H N N 81  
CYS H2   H N N 82  
CYS HA   H N N 83  
CYS HB2  H N N 84  
CYS HB3  H N N 85  
CYS HG   H N N 86  
CYS HXT  H N N 87  
GLN N    N N N 88  
GLN CA   C N S 89  
GLN C    C N N 90  
GLN O    O N N 91  
GLN CB   C N N 92  
GLN CG   C N N 93  
GLN CD   C N N 94  
GLN OE1  O N N 95  
GLN NE2  N N N 96  
GLN OXT  O N N 97  
GLN H    H N N 98  
GLN H2   H N N 99  
GLN HA   H N N 100 
GLN HB2  H N N 101 
GLN HB3  H N N 102 
GLN HG2  H N N 103 
GLN HG3  H N N 104 
GLN HE21 H N N 105 
GLN HE22 H N N 106 
GLN HXT  H N N 107 
GLU N    N N N 108 
GLU CA   C N S 109 
GLU C    C N N 110 
GLU O    O N N 111 
GLU CB   C N N 112 
GLU CG   C N N 113 
GLU CD   C N N 114 
GLU OE1  O N N 115 
GLU OE2  O N N 116 
GLU OXT  O N N 117 
GLU H    H N N 118 
GLU H2   H N N 119 
GLU HA   H N N 120 
GLU HB2  H N N 121 
GLU HB3  H N N 122 
GLU HG2  H N N 123 
GLU HG3  H N N 124 
GLU HE2  H N N 125 
GLU HXT  H N N 126 
GLY N    N N N 127 
GLY CA   C N N 128 
GLY C    C N N 129 
GLY O    O N N 130 
GLY OXT  O N N 131 
GLY H    H N N 132 
GLY H2   H N N 133 
GLY HA2  H N N 134 
GLY HA3  H N N 135 
GLY HXT  H N N 136 
HIS N    N N N 137 
HIS CA   C N S 138 
HIS C    C N N 139 
HIS O    O N N 140 
HIS CB   C N N 141 
HIS CG   C Y N 142 
HIS ND1  N Y N 143 
HIS CD2  C Y N 144 
HIS CE1  C Y N 145 
HIS NE2  N Y N 146 
HIS OXT  O N N 147 
HIS H    H N N 148 
HIS H2   H N N 149 
HIS HA   H N N 150 
HIS HB2  H N N 151 
HIS HB3  H N N 152 
HIS HD1  H N N 153 
HIS HD2  H N N 154 
HIS HE1  H N N 155 
HIS HE2  H N N 156 
HIS HXT  H N N 157 
HOH O    O N N 158 
HOH H1   H N N 159 
HOH H2   H N N 160 
ILE N    N N N 161 
ILE CA   C N S 162 
ILE C    C N N 163 
ILE O    O N N 164 
ILE CB   C N S 165 
ILE CG1  C N N 166 
ILE CG2  C N N 167 
ILE CD1  C N N 168 
ILE OXT  O N N 169 
ILE H    H N N 170 
ILE H2   H N N 171 
ILE HA   H N N 172 
ILE HB   H N N 173 
ILE HG12 H N N 174 
ILE HG13 H N N 175 
ILE HG21 H N N 176 
ILE HG22 H N N 177 
ILE HG23 H N N 178 
ILE HD11 H N N 179 
ILE HD12 H N N 180 
ILE HD13 H N N 181 
ILE HXT  H N N 182 
LEU N    N N N 183 
LEU CA   C N S 184 
LEU C    C N N 185 
LEU O    O N N 186 
LEU CB   C N N 187 
LEU CG   C N N 188 
LEU CD1  C N N 189 
LEU CD2  C N N 190 
LEU OXT  O N N 191 
LEU H    H N N 192 
LEU H2   H N N 193 
LEU HA   H N N 194 
LEU HB2  H N N 195 
LEU HB3  H N N 196 
LEU HG   H N N 197 
LEU HD11 H N N 198 
LEU HD12 H N N 199 
LEU HD13 H N N 200 
LEU HD21 H N N 201 
LEU HD22 H N N 202 
LEU HD23 H N N 203 
LEU HXT  H N N 204 
LYS N    N N N 205 
LYS CA   C N S 206 
LYS C    C N N 207 
LYS O    O N N 208 
LYS CB   C N N 209 
LYS CG   C N N 210 
LYS CD   C N N 211 
LYS CE   C N N 212 
LYS NZ   N N N 213 
LYS OXT  O N N 214 
LYS H    H N N 215 
LYS H2   H N N 216 
LYS HA   H N N 217 
LYS HB2  H N N 218 
LYS HB3  H N N 219 
LYS HG2  H N N 220 
LYS HG3  H N N 221 
LYS HD2  H N N 222 
LYS HD3  H N N 223 
LYS HE2  H N N 224 
LYS HE3  H N N 225 
LYS HZ1  H N N 226 
LYS HZ2  H N N 227 
LYS HZ3  H N N 228 
LYS HXT  H N N 229 
MET N    N N N 230 
MET CA   C N S 231 
MET C    C N N 232 
MET O    O N N 233 
MET CB   C N N 234 
MET CG   C N N 235 
MET SD   S N N 236 
MET CE   C N N 237 
MET OXT  O N N 238 
MET H    H N N 239 
MET H2   H N N 240 
MET HA   H N N 241 
MET HB2  H N N 242 
MET HB3  H N N 243 
MET HG2  H N N 244 
MET HG3  H N N 245 
MET HE1  H N N 246 
MET HE2  H N N 247 
MET HE3  H N N 248 
MET HXT  H N N 249 
PHE N    N N N 250 
PHE CA   C N S 251 
PHE C    C N N 252 
PHE O    O N N 253 
PHE CB   C N N 254 
PHE CG   C Y N 255 
PHE CD1  C Y N 256 
PHE CD2  C Y N 257 
PHE CE1  C Y N 258 
PHE CE2  C Y N 259 
PHE CZ   C Y N 260 
PHE OXT  O N N 261 
PHE H    H N N 262 
PHE H2   H N N 263 
PHE HA   H N N 264 
PHE HB2  H N N 265 
PHE HB3  H N N 266 
PHE HD1  H N N 267 
PHE HD2  H N N 268 
PHE HE1  H N N 269 
PHE HE2  H N N 270 
PHE HZ   H N N 271 
PHE HXT  H N N 272 
PRO N    N N N 273 
PRO CA   C N S 274 
PRO C    C N N 275 
PRO O    O N N 276 
PRO CB   C N N 277 
PRO CG   C N N 278 
PRO CD   C N N 279 
PRO OXT  O N N 280 
PRO H    H N N 281 
PRO HA   H N N 282 
PRO HB2  H N N 283 
PRO HB3  H N N 284 
PRO HG2  H N N 285 
PRO HG3  H N N 286 
PRO HD2  H N N 287 
PRO HD3  H N N 288 
PRO HXT  H N N 289 
SER N    N N N 290 
SER CA   C N S 291 
SER C    C N N 292 
SER O    O N N 293 
SER CB   C N N 294 
SER OG   O N N 295 
SER OXT  O N N 296 
SER H    H N N 297 
SER H2   H N N 298 
SER HA   H N N 299 
SER HB2  H N N 300 
SER HB3  H N N 301 
SER HG   H N N 302 
SER HXT  H N N 303 
THR N    N N N 304 
THR CA   C N S 305 
THR C    C N N 306 
THR O    O N N 307 
THR CB   C N R 308 
THR OG1  O N N 309 
THR CG2  C N N 310 
THR OXT  O N N 311 
THR H    H N N 312 
THR H2   H N N 313 
THR HA   H N N 314 
THR HB   H N N 315 
THR HG1  H N N 316 
THR HG21 H N N 317 
THR HG22 H N N 318 
THR HG23 H N N 319 
THR HXT  H N N 320 
TRP N    N N N 321 
TRP CA   C N S 322 
TRP C    C N N 323 
TRP O    O N N 324 
TRP CB   C N N 325 
TRP CG   C Y N 326 
TRP CD1  C Y N 327 
TRP CD2  C Y N 328 
TRP NE1  N Y N 329 
TRP CE2  C Y N 330 
TRP CE3  C Y N 331 
TRP CZ2  C Y N 332 
TRP CZ3  C Y N 333 
TRP CH2  C Y N 334 
TRP OXT  O N N 335 
TRP H    H N N 336 
TRP H2   H N N 337 
TRP HA   H N N 338 
TRP HB2  H N N 339 
TRP HB3  H N N 340 
TRP HD1  H N N 341 
TRP HE1  H N N 342 
TRP HE3  H N N 343 
TRP HZ2  H N N 344 
TRP HZ3  H N N 345 
TRP HH2  H N N 346 
TRP HXT  H N N 347 
TYR N    N N N 348 
TYR CA   C N S 349 
TYR C    C N N 350 
TYR O    O N N 351 
TYR CB   C N N 352 
TYR CG   C Y N 353 
TYR CD1  C Y N 354 
TYR CD2  C Y N 355 
TYR CE1  C Y N 356 
TYR CE2  C Y N 357 
TYR CZ   C Y N 358 
TYR OH   O N N 359 
TYR OXT  O N N 360 
TYR H    H N N 361 
TYR H2   H N N 362 
TYR HA   H N N 363 
TYR HB2  H N N 364 
TYR HB3  H N N 365 
TYR HD1  H N N 366 
TYR HD2  H N N 367 
TYR HE1  H N N 368 
TYR HE2  H N N 369 
TYR HH   H N N 370 
TYR HXT  H N N 371 
VAL N    N N N 372 
VAL CA   C N S 373 
VAL C    C N N 374 
VAL O    O N N 375 
VAL CB   C N N 376 
VAL CG1  C N N 377 
VAL CG2  C N N 378 
VAL OXT  O N N 379 
VAL H    H N N 380 
VAL H2   H N N 381 
VAL HA   H N N 382 
VAL HB   H N N 383 
VAL HG11 H N N 384 
VAL HG12 H N N 385 
VAL HG13 H N N 386 
VAL HG21 H N N 387 
VAL HG22 H N N 388 
VAL HG23 H N N 389 
VAL HXT  H N N 390 
# 
loop_
_chem_comp_bond.comp_id 
_chem_comp_bond.atom_id_1 
_chem_comp_bond.atom_id_2 
_chem_comp_bond.value_order 
_chem_comp_bond.pdbx_aromatic_flag 
_chem_comp_bond.pdbx_stereo_config 
_chem_comp_bond.pdbx_ordinal 
ALA N   CA   sing N N 1   
ALA N   H    sing N N 2   
ALA N   H2   sing N N 3   
ALA CA  C    sing N N 4   
ALA CA  CB   sing N N 5   
ALA CA  HA   sing N N 6   
ALA C   O    doub N N 7   
ALA C   OXT  sing N N 8   
ALA CB  HB1  sing N N 9   
ALA CB  HB2  sing N N 10  
ALA CB  HB3  sing N N 11  
ALA OXT HXT  sing N N 12  
ARG N   CA   sing N N 13  
ARG N   H    sing N N 14  
ARG N   H2   sing N N 15  
ARG CA  C    sing N N 16  
ARG CA  CB   sing N N 17  
ARG CA  HA   sing N N 18  
ARG C   O    doub N N 19  
ARG C   OXT  sing N N 20  
ARG CB  CG   sing N N 21  
ARG CB  HB2  sing N N 22  
ARG CB  HB3  sing N N 23  
ARG CG  CD   sing N N 24  
ARG CG  HG2  sing N N 25  
ARG CG  HG3  sing N N 26  
ARG CD  NE   sing N N 27  
ARG CD  HD2  sing N N 28  
ARG CD  HD3  sing N N 29  
ARG NE  CZ   sing N N 30  
ARG NE  HE   sing N N 31  
ARG CZ  NH1  sing N N 32  
ARG CZ  NH2  doub N N 33  
ARG NH1 HH11 sing N N 34  
ARG NH1 HH12 sing N N 35  
ARG NH2 HH21 sing N N 36  
ARG NH2 HH22 sing N N 37  
ARG OXT HXT  sing N N 38  
ASN N   CA   sing N N 39  
ASN N   H    sing N N 40  
ASN N   H2   sing N N 41  
ASN CA  C    sing N N 42  
ASN CA  CB   sing N N 43  
ASN CA  HA   sing N N 44  
ASN C   O    doub N N 45  
ASN C   OXT  sing N N 46  
ASN CB  CG   sing N N 47  
ASN CB  HB2  sing N N 48  
ASN CB  HB3  sing N N 49  
ASN CG  OD1  doub N N 50  
ASN CG  ND2  sing N N 51  
ASN ND2 HD21 sing N N 52  
ASN ND2 HD22 sing N N 53  
ASN OXT HXT  sing N N 54  
ASP N   CA   sing N N 55  
ASP N   H    sing N N 56  
ASP N   H2   sing N N 57  
ASP CA  C    sing N N 58  
ASP CA  CB   sing N N 59  
ASP CA  HA   sing N N 60  
ASP C   O    doub N N 61  
ASP C   OXT  sing N N 62  
ASP CB  CG   sing N N 63  
ASP CB  HB2  sing N N 64  
ASP CB  HB3  sing N N 65  
ASP CG  OD1  doub N N 66  
ASP CG  OD2  sing N N 67  
ASP OD2 HD2  sing N N 68  
ASP OXT HXT  sing N N 69  
CYS N   CA   sing N N 70  
CYS N   H    sing N N 71  
CYS N   H2   sing N N 72  
CYS CA  C    sing N N 73  
CYS CA  CB   sing N N 74  
CYS CA  HA   sing N N 75  
CYS C   O    doub N N 76  
CYS C   OXT  sing N N 77  
CYS CB  SG   sing N N 78  
CYS CB  HB2  sing N N 79  
CYS CB  HB3  sing N N 80  
CYS SG  HG   sing N N 81  
CYS OXT HXT  sing N N 82  
GLN N   CA   sing N N 83  
GLN N   H    sing N N 84  
GLN N   H2   sing N N 85  
GLN CA  C    sing N N 86  
GLN CA  CB   sing N N 87  
GLN CA  HA   sing N N 88  
GLN C   O    doub N N 89  
GLN C   OXT  sing N N 90  
GLN CB  CG   sing N N 91  
GLN CB  HB2  sing N N 92  
GLN CB  HB3  sing N N 93  
GLN CG  CD   sing N N 94  
GLN CG  HG2  sing N N 95  
GLN CG  HG3  sing N N 96  
GLN CD  OE1  doub N N 97  
GLN CD  NE2  sing N N 98  
GLN NE2 HE21 sing N N 99  
GLN NE2 HE22 sing N N 100 
GLN OXT HXT  sing N N 101 
GLU N   CA   sing N N 102 
GLU N   H    sing N N 103 
GLU N   H2   sing N N 104 
GLU CA  C    sing N N 105 
GLU CA  CB   sing N N 106 
GLU CA  HA   sing N N 107 
GLU C   O    doub N N 108 
GLU C   OXT  sing N N 109 
GLU CB  CG   sing N N 110 
GLU CB  HB2  sing N N 111 
GLU CB  HB3  sing N N 112 
GLU CG  CD   sing N N 113 
GLU CG  HG2  sing N N 114 
GLU CG  HG3  sing N N 115 
GLU CD  OE1  doub N N 116 
GLU CD  OE2  sing N N 117 
GLU OE2 HE2  sing N N 118 
GLU OXT HXT  sing N N 119 
GLY N   CA   sing N N 120 
GLY N   H    sing N N 121 
GLY N   H2   sing N N 122 
GLY CA  C    sing N N 123 
GLY CA  HA2  sing N N 124 
GLY CA  HA3  sing N N 125 
GLY C   O    doub N N 126 
GLY C   OXT  sing N N 127 
GLY OXT HXT  sing N N 128 
HIS N   CA   sing N N 129 
HIS N   H    sing N N 130 
HIS N   H2   sing N N 131 
HIS CA  C    sing N N 132 
HIS CA  CB   sing N N 133 
HIS CA  HA   sing N N 134 
HIS C   O    doub N N 135 
HIS C   OXT  sing N N 136 
HIS CB  CG   sing N N 137 
HIS CB  HB2  sing N N 138 
HIS CB  HB3  sing N N 139 
HIS CG  ND1  sing Y N 140 
HIS CG  CD2  doub Y N 141 
HIS ND1 CE1  doub Y N 142 
HIS ND1 HD1  sing N N 143 
HIS CD2 NE2  sing Y N 144 
HIS CD2 HD2  sing N N 145 
HIS CE1 NE2  sing Y N 146 
HIS CE1 HE1  sing N N 147 
HIS NE2 HE2  sing N N 148 
HIS OXT HXT  sing N N 149 
HOH O   H1   sing N N 150 
HOH O   H2   sing N N 151 
ILE N   CA   sing N N 152 
ILE N   H    sing N N 153 
ILE N   H2   sing N N 154 
ILE CA  C    sing N N 155 
ILE CA  CB   sing N N 156 
ILE CA  HA   sing N N 157 
ILE C   O    doub N N 158 
ILE C   OXT  sing N N 159 
ILE CB  CG1  sing N N 160 
ILE CB  CG2  sing N N 161 
ILE CB  HB   sing N N 162 
ILE CG1 CD1  sing N N 163 
ILE CG1 HG12 sing N N 164 
ILE CG1 HG13 sing N N 165 
ILE CG2 HG21 sing N N 166 
ILE CG2 HG22 sing N N 167 
ILE CG2 HG23 sing N N 168 
ILE CD1 HD11 sing N N 169 
ILE CD1 HD12 sing N N 170 
ILE CD1 HD13 sing N N 171 
ILE OXT HXT  sing N N 172 
LEU N   CA   sing N N 173 
LEU N   H    sing N N 174 
LEU N   H2   sing N N 175 
LEU CA  C    sing N N 176 
LEU CA  CB   sing N N 177 
LEU CA  HA   sing N N 178 
LEU C   O    doub N N 179 
LEU C   OXT  sing N N 180 
LEU CB  CG   sing N N 181 
LEU CB  HB2  sing N N 182 
LEU CB  HB3  sing N N 183 
LEU CG  CD1  sing N N 184 
LEU CG  CD2  sing N N 185 
LEU CG  HG   sing N N 186 
LEU CD1 HD11 sing N N 187 
LEU CD1 HD12 sing N N 188 
LEU CD1 HD13 sing N N 189 
LEU CD2 HD21 sing N N 190 
LEU CD2 HD22 sing N N 191 
LEU CD2 HD23 sing N N 192 
LEU OXT HXT  sing N N 193 
LYS N   CA   sing N N 194 
LYS N   H    sing N N 195 
LYS N   H2   sing N N 196 
LYS CA  C    sing N N 197 
LYS CA  CB   sing N N 198 
LYS CA  HA   sing N N 199 
LYS C   O    doub N N 200 
LYS C   OXT  sing N N 201 
LYS CB  CG   sing N N 202 
LYS CB  HB2  sing N N 203 
LYS CB  HB3  sing N N 204 
LYS CG  CD   sing N N 205 
LYS CG  HG2  sing N N 206 
LYS CG  HG3  sing N N 207 
LYS CD  CE   sing N N 208 
LYS CD  HD2  sing N N 209 
LYS CD  HD3  sing N N 210 
LYS CE  NZ   sing N N 211 
LYS CE  HE2  sing N N 212 
LYS CE  HE3  sing N N 213 
LYS NZ  HZ1  sing N N 214 
LYS NZ  HZ2  sing N N 215 
LYS NZ  HZ3  sing N N 216 
LYS OXT HXT  sing N N 217 
MET N   CA   sing N N 218 
MET N   H    sing N N 219 
MET N   H2   sing N N 220 
MET CA  C    sing N N 221 
MET CA  CB   sing N N 222 
MET CA  HA   sing N N 223 
MET C   O    doub N N 224 
MET C   OXT  sing N N 225 
MET CB  CG   sing N N 226 
MET CB  HB2  sing N N 227 
MET CB  HB3  sing N N 228 
MET CG  SD   sing N N 229 
MET CG  HG2  sing N N 230 
MET CG  HG3  sing N N 231 
MET SD  CE   sing N N 232 
MET CE  HE1  sing N N 233 
MET CE  HE2  sing N N 234 
MET CE  HE3  sing N N 235 
MET OXT HXT  sing N N 236 
PHE N   CA   sing N N 237 
PHE N   H    sing N N 238 
PHE N   H2   sing N N 239 
PHE CA  C    sing N N 240 
PHE CA  CB   sing N N 241 
PHE CA  HA   sing N N 242 
PHE C   O    doub N N 243 
PHE C   OXT  sing N N 244 
PHE CB  CG   sing N N 245 
PHE CB  HB2  sing N N 246 
PHE CB  HB3  sing N N 247 
PHE CG  CD1  doub Y N 248 
PHE CG  CD2  sing Y N 249 
PHE CD1 CE1  sing Y N 250 
PHE CD1 HD1  sing N N 251 
PHE CD2 CE2  doub Y N 252 
PHE CD2 HD2  sing N N 253 
PHE CE1 CZ   doub Y N 254 
PHE CE1 HE1  sing N N 255 
PHE CE2 CZ   sing Y N 256 
PHE CE2 HE2  sing N N 257 
PHE CZ  HZ   sing N N 258 
PHE OXT HXT  sing N N 259 
PRO N   CA   sing N N 260 
PRO N   CD   sing N N 261 
PRO N   H    sing N N 262 
PRO CA  C    sing N N 263 
PRO CA  CB   sing N N 264 
PRO CA  HA   sing N N 265 
PRO C   O    doub N N 266 
PRO C   OXT  sing N N 267 
PRO CB  CG   sing N N 268 
PRO CB  HB2  sing N N 269 
PRO CB  HB3  sing N N 270 
PRO CG  CD   sing N N 271 
PRO CG  HG2  sing N N 272 
PRO CG  HG3  sing N N 273 
PRO CD  HD2  sing N N 274 
PRO CD  HD3  sing N N 275 
PRO OXT HXT  sing N N 276 
SER N   CA   sing N N 277 
SER N   H    sing N N 278 
SER N   H2   sing N N 279 
SER CA  C    sing N N 280 
SER CA  CB   sing N N 281 
SER CA  HA   sing N N 282 
SER C   O    doub N N 283 
SER C   OXT  sing N N 284 
SER CB  OG   sing N N 285 
SER CB  HB2  sing N N 286 
SER CB  HB3  sing N N 287 
SER OG  HG   sing N N 288 
SER OXT HXT  sing N N 289 
THR N   CA   sing N N 290 
THR N   H    sing N N 291 
THR N   H2   sing N N 292 
THR CA  C    sing N N 293 
THR CA  CB   sing N N 294 
THR CA  HA   sing N N 295 
THR C   O    doub N N 296 
THR C   OXT  sing N N 297 
THR CB  OG1  sing N N 298 
THR CB  CG2  sing N N 299 
THR CB  HB   sing N N 300 
THR OG1 HG1  sing N N 301 
THR CG2 HG21 sing N N 302 
THR CG2 HG22 sing N N 303 
THR CG2 HG23 sing N N 304 
THR OXT HXT  sing N N 305 
TRP N   CA   sing N N 306 
TRP N   H    sing N N 307 
TRP N   H2   sing N N 308 
TRP CA  C    sing N N 309 
TRP CA  CB   sing N N 310 
TRP CA  HA   sing N N 311 
TRP C   O    doub N N 312 
TRP C   OXT  sing N N 313 
TRP CB  CG   sing N N 314 
TRP CB  HB2  sing N N 315 
TRP CB  HB3  sing N N 316 
TRP CG  CD1  doub Y N 317 
TRP CG  CD2  sing Y N 318 
TRP CD1 NE1  sing Y N 319 
TRP CD1 HD1  sing N N 320 
TRP CD2 CE2  doub Y N 321 
TRP CD2 CE3  sing Y N 322 
TRP NE1 CE2  sing Y N 323 
TRP NE1 HE1  sing N N 324 
TRP CE2 CZ2  sing Y N 325 
TRP CE3 CZ3  doub Y N 326 
TRP CE3 HE3  sing N N 327 
TRP CZ2 CH2  doub Y N 328 
TRP CZ2 HZ2  sing N N 329 
TRP CZ3 CH2  sing Y N 330 
TRP CZ3 HZ3  sing N N 331 
TRP CH2 HH2  sing N N 332 
TRP OXT HXT  sing N N 333 
TYR N   CA   sing N N 334 
TYR N   H    sing N N 335 
TYR N   H2   sing N N 336 
TYR CA  C    sing N N 337 
TYR CA  CB   sing N N 338 
TYR CA  HA   sing N N 339 
TYR C   O    doub N N 340 
TYR C   OXT  sing N N 341 
TYR CB  CG   sing N N 342 
TYR CB  HB2  sing N N 343 
TYR CB  HB3  sing N N 344 
TYR CG  CD1  doub Y N 345 
TYR CG  CD2  sing Y N 346 
TYR CD1 CE1  sing Y N 347 
TYR CD1 HD1  sing N N 348 
TYR CD2 CE2  doub Y N 349 
TYR CD2 HD2  sing N N 350 
TYR CE1 CZ   doub Y N 351 
TYR CE1 HE1  sing N N 352 
TYR CE2 CZ   sing Y N 353 
TYR CE2 HE2  sing N N 354 
TYR CZ  OH   sing N N 355 
TYR OH  HH   sing N N 356 
TYR OXT HXT  sing N N 357 
VAL N   CA   sing N N 358 
VAL N   H    sing N N 359 
VAL N   H2   sing N N 360 
VAL CA  C    sing N N 361 
VAL CA  CB   sing N N 362 
VAL CA  HA   sing N N 363 
VAL C   O    doub N N 364 
VAL C   OXT  sing N N 365 
VAL CB  CG1  sing N N 366 
VAL CB  CG2  sing N N 367 
VAL CB  HB   sing N N 368 
VAL CG1 HG11 sing N N 369 
VAL CG1 HG12 sing N N 370 
VAL CG1 HG13 sing N N 371 
VAL CG2 HG21 sing N N 372 
VAL CG2 HG22 sing N N 373 
VAL CG2 HG23 sing N N 374 
VAL OXT HXT  sing N N 375 
# 
_atom_sites.entry_id                    3KB5 
_atom_sites.fract_transf_matrix[1][1]   -0.00433121 
_atom_sites.fract_transf_matrix[1][2]   -0.00498238 
_atom_sites.fract_transf_matrix[1][3]   0.00000164 
_atom_sites.fract_transf_matrix[2][1]   0.01870572 
_atom_sites.fract_transf_matrix[2][2]   -0.01625683 
_atom_sites.fract_transf_matrix[2][3]   0.01265298 
_atom_sites.fract_transf_matrix[3][1]   -0.01377150 
_atom_sites.fract_transf_matrix[3][2]   0.00503426 
_atom_sites.fract_transf_matrix[3][3]   0.02682742 
_atom_sites.fract_transf_vector[1]      0.141362 
_atom_sites.fract_transf_vector[2]      0.039706 
_atom_sites.fract_transf_vector[3]      0.080475 
# 
loop_
_atom_type.symbol 
C 
N 
O 
S 
# 
loop_
_atom_site.group_PDB 
_atom_site.id 
_atom_site.type_symbol 
_atom_site.label_atom_id 
_atom_site.label_alt_id 
_atom_site.label_comp_id 
_atom_site.label_asym_id 
_atom_site.label_entity_id 
_atom_site.label_seq_id 
_atom_site.pdbx_PDB_ins_code 
_atom_site.Cartn_x 
_atom_site.Cartn_y 
_atom_site.Cartn_z 
_atom_site.occupancy 
_atom_site.B_iso_or_equiv 
_atom_site.pdbx_formal_charge 
_atom_site.auth_seq_id 
_atom_site.auth_comp_id 
_atom_site.auth_asym_id 
_atom_site.auth_atom_id 
_atom_site.pdbx_PDB_model_num 
ATOM   1    N N   . ARG A 1 1   ? 16.584  13.533  9.200   1.00 54.53 ? 278 ARG A N   1 
ATOM   2    C CA  . ARG A 1 1   ? 15.194  13.003  9.293   1.00 54.40 ? 278 ARG A CA  1 
ATOM   3    C C   . ARG A 1 1   ? 14.185  14.140  9.407   1.00 54.46 ? 278 ARG A C   1 
ATOM   4    O O   . ARG A 1 1   ? 13.046  14.022  8.954   1.00 54.15 ? 278 ARG A O   1 
ATOM   5    C CB  . ARG A 1 1   ? 15.068  12.080  10.506  1.00 58.93 ? 278 ARG A CB  1 
ATOM   6    C CG  . ARG A 1 1   ? 15.962  10.858  10.434  1.00 59.46 ? 278 ARG A CG  1 
ATOM   7    C CD  . ARG A 1 1   ? 15.784  9.967   11.649  1.00 60.58 ? 278 ARG A CD  1 
ATOM   8    N NE  . ARG A 1 1   ? 16.533  8.720   11.517  1.00 61.14 ? 278 ARG A NE  1 
ATOM   9    C CZ  . ARG A 1 1   ? 16.535  7.749   12.425  1.00 61.96 ? 278 ARG A CZ  1 
ATOM   10   N NH1 . ARG A 1 1   ? 15.825  7.879   13.538  1.00 62.18 ? 278 ARG A NH1 1 
ATOM   11   N NH2 . ARG A 1 1   ? 17.243  6.646   12.218  1.00 61.89 ? 278 ARG A NH2 1 
ATOM   12   N N   . LYS A 1 2   ? 14.615  15.241  10.013  1.00 52.52 ? 279 LYS A N   1 
ATOM   13   C CA  . LYS A 1 2   ? 13.758  16.405  10.194  1.00 53.03 ? 279 LYS A CA  1 
ATOM   14   C C   . LYS A 1 2   ? 13.503  17.113  8.864   1.00 52.36 ? 279 LYS A C   1 
ATOM   15   O O   . LYS A 1 2   ? 12.410  17.627  8.627   1.00 52.32 ? 279 LYS A O   1 
ATOM   16   C CB  . LYS A 1 2   ? 14.405  17.374  11.187  1.00 63.81 ? 279 LYS A CB  1 
ATOM   17   C CG  . LYS A 1 2   ? 14.780  16.730  12.516  1.00 65.18 ? 279 LYS A CG  1 
ATOM   18   C CD  . LYS A 1 2   ? 15.455  17.724  13.447  1.00 66.23 ? 279 LYS A CD  1 
ATOM   19   C CE  . LYS A 1 2   ? 15.902  17.057  14.739  1.00 67.11 ? 279 LYS A CE  1 
ATOM   20   N NZ  . LYS A 1 2   ? 16.889  15.969  14.487  1.00 68.49 ? 279 LYS A NZ  1 
ATOM   21   N N   . MET A 1 3   ? 14.515  17.136  8.001   1.00 53.90 ? 280 MET A N   1 
ATOM   22   C CA  . MET A 1 3   ? 14.393  17.778  6.693   1.00 52.95 ? 280 MET A CA  1 
ATOM   23   C C   . MET A 1 3   ? 13.383  17.059  5.805   1.00 51.45 ? 280 MET A C   1 
ATOM   24   O O   . MET A 1 3   ? 12.500  17.688  5.221   1.00 50.63 ? 280 MET A O   1 
ATOM   25   C CB  . MET A 1 3   ? 15.752  17.818  5.986   1.00 62.19 ? 280 MET A CB  1 
ATOM   26   C CG  . MET A 1 3   ? 16.703  18.879  6.512   1.00 62.60 ? 280 MET A CG  1 
ATOM   27   S SD  . MET A 1 3   ? 16.018  20.541  6.358   1.00 64.36 ? 280 MET A SD  1 
ATOM   28   C CE  . MET A 1 3   ? 16.058  20.769  4.581   1.00 62.55 ? 280 MET A CE  1 
ATOM   29   N N   . PHE A 1 4   ? 13.525  15.740  5.703   1.00 50.05 ? 281 PHE A N   1 
ATOM   30   C CA  . PHE A 1 4   ? 12.617  14.933  4.894   1.00 48.17 ? 281 PHE A CA  1 
ATOM   31   C C   . PHE A 1 4   ? 11.173  15.291  5.211   1.00 47.05 ? 281 PHE A C   1 
ATOM   32   O O   . PHE A 1 4   ? 10.375  15.561  4.313   1.00 47.31 ? 281 PHE A O   1 
ATOM   33   C CB  . PHE A 1 4   ? 12.844  13.443  5.172   1.00 50.59 ? 281 PHE A CB  1 
ATOM   34   C CG  . PHE A 1 4   ? 14.055  12.872  4.490   1.00 50.69 ? 281 PHE A CG  1 
ATOM   35   C CD1 . PHE A 1 4   ? 14.895  11.989  5.165   1.00 50.62 ? 281 PHE A CD1 1 
ATOM   36   C CD2 . PHE A 1 4   ? 14.344  13.193  3.168   1.00 50.54 ? 281 PHE A CD2 1 
ATOM   37   C CE1 . PHE A 1 4   ? 16.004  11.434  4.531   1.00 50.83 ? 281 PHE A CE1 1 
ATOM   38   C CE2 . PHE A 1 4   ? 15.451  12.643  2.524   1.00 50.73 ? 281 PHE A CE2 1 
ATOM   39   C CZ  . PHE A 1 4   ? 16.283  11.762  3.209   1.00 50.83 ? 281 PHE A CZ  1 
ATOM   40   N N   . ARG A 1 5   ? 10.849  15.291  6.500   1.00 42.16 ? 282 ARG A N   1 
ATOM   41   C CA  . ARG A 1 5   ? 9.505   15.610  6.964   1.00 41.21 ? 282 ARG A CA  1 
ATOM   42   C C   . ARG A 1 5   ? 8.983   16.930  6.398   1.00 41.06 ? 282 ARG A C   1 
ATOM   43   O O   . ARG A 1 5   ? 7.848   17.004  5.925   1.00 40.20 ? 282 ARG A O   1 
ATOM   44   C CB  . ARG A 1 5   ? 9.484   15.655  8.496   1.00 46.21 ? 282 ARG A CB  1 
ATOM   45   C CG  . ARG A 1 5   ? 8.183   16.165  9.091   1.00 45.70 ? 282 ARG A CG  1 
ATOM   46   C CD  . ARG A 1 5   ? 7.006   15.274  8.731   1.00 44.62 ? 282 ARG A CD  1 
ATOM   47   N NE  . ARG A 1 5   ? 6.993   14.023  9.485   1.00 43.57 ? 282 ARG A NE  1 
ATOM   48   C CZ  . ARG A 1 5   ? 6.057   13.088  9.352   1.00 42.60 ? 282 ARG A CZ  1 
ATOM   49   N NH1 . ARG A 1 5   ? 5.063   13.267  8.492   1.00 41.04 ? 282 ARG A NH1 1 
ATOM   50   N NH2 . ARG A 1 5   ? 6.106   11.981  10.083  1.00 42.23 ? 282 ARG A NH2 1 
ATOM   51   N N   . ALA A 1 6   ? 9.816   17.965  6.439   1.00 50.27 ? 283 ALA A N   1 
ATOM   52   C CA  . ALA A 1 6   ? 9.428   19.285  5.947   1.00 50.29 ? 283 ALA A CA  1 
ATOM   53   C C   . ALA A 1 6   ? 9.407   19.397  4.425   1.00 50.23 ? 283 ALA A C   1 
ATOM   54   O O   . ALA A 1 6   ? 8.628   20.172  3.866   1.00 51.16 ? 283 ALA A O   1 
ATOM   55   C CB  . ALA A 1 6   ? 10.358  20.346  6.527   1.00 48.20 ? 283 ALA A CB  1 
ATOM   56   N N   . LEU A 1 7   ? 10.259  18.628  3.757   1.00 44.36 ? 284 LEU A N   1 
ATOM   57   C CA  . LEU A 1 7   ? 10.337  18.664  2.302   1.00 43.06 ? 284 LEU A CA  1 
ATOM   58   C C   . LEU A 1 7   ? 9.166   17.964  1.614   1.00 41.87 ? 284 LEU A C   1 
ATOM   59   O O   . LEU A 1 7   ? 8.977   18.104  0.406   1.00 41.84 ? 284 LEU A O   1 
ATOM   60   C CB  . LEU A 1 7   ? 11.661  18.050  1.836   1.00 47.30 ? 284 LEU A CB  1 
ATOM   61   C CG  . LEU A 1 7   ? 12.929  18.804  2.258   1.00 48.73 ? 284 LEU A CG  1 
ATOM   62   C CD1 . LEU A 1 7   ? 14.163  18.012  1.859   1.00 49.11 ? 284 LEU A CD1 1 
ATOM   63   C CD2 . LEU A 1 7   ? 12.943  20.180  1.610   1.00 49.50 ? 284 LEU A CD2 1 
ATOM   64   N N   . MET A 1 8   ? 8.381   17.215  2.384   1.00 43.05 ? 285 MET A N   1 
ATOM   65   C CA  . MET A 1 8   ? 7.232   16.501  1.834   1.00 41.37 ? 285 MET A CA  1 
ATOM   66   C C   . MET A 1 8   ? 6.061   17.435  1.541   1.00 41.53 ? 285 MET A C   1 
ATOM   67   O O   . MET A 1 8   ? 5.775   18.351  2.312   1.00 43.20 ? 285 MET A O   1 
ATOM   68   C CB  . MET A 1 8   ? 6.764   15.410  2.805   1.00 36.09 ? 285 MET A CB  1 
ATOM   69   C CG  . MET A 1 8   ? 7.732   14.246  2.980   1.00 33.17 ? 285 MET A CG  1 
ATOM   70   S SD  . MET A 1 8   ? 7.983   13.302  1.467   1.00 22.80 ? 285 MET A SD  1 
ATOM   71   C CE  . MET A 1 8   ? 9.659   13.733  1.066   1.00 29.64 ? 285 MET A CE  1 
ATOM   72   N N   . PRO A 1 9   ? 5.366   17.213  0.416   1.00 36.96 ? 286 PRO A N   1 
ATOM   73   C CA  . PRO A 1 9   ? 4.222   18.052  0.051   1.00 36.74 ? 286 PRO A CA  1 
ATOM   74   C C   . PRO A 1 9   ? 3.028   17.777  0.962   1.00 36.54 ? 286 PRO A C   1 
ATOM   75   O O   . PRO A 1 9   ? 3.048   16.833  1.754   1.00 35.65 ? 286 PRO A O   1 
ATOM   76   C CB  . PRO A 1 9   ? 3.956   17.651  -1.394  1.00 38.17 ? 286 PRO A CB  1 
ATOM   77   C CG  . PRO A 1 9   ? 4.331   16.203  -1.402  1.00 38.20 ? 286 PRO A CG  1 
ATOM   78   C CD  . PRO A 1 9   ? 5.628   16.205  -0.626  1.00 38.42 ? 286 PRO A CD  1 
ATOM   79   N N   . ALA A 1 10  ? 1.993   18.605  0.848   1.00 34.52 ? 287 ALA A N   1 
ATOM   80   C CA  . ALA A 1 10  ? 0.794   18.445  1.662   1.00 34.27 ? 287 ALA A CA  1 
ATOM   81   C C   . ALA A 1 10  ? 0.256   17.022  1.534   1.00 33.21 ? 287 ALA A C   1 
ATOM   82   O O   . ALA A 1 10  ? 0.325   16.417  0.464   1.00 31.79 ? 287 ALA A O   1 
ATOM   83   C CB  . ALA A 1 10  ? -0.269  19.450  1.228   1.00 38.53 ? 287 ALA A CB  1 
ATOM   84   N N   . LEU A 1 11  ? -0.282  16.498  2.630   1.00 31.76 ? 288 LEU A N   1 
ATOM   85   C CA  . LEU A 1 11  ? -0.828  15.144  2.661   1.00 30.37 ? 288 LEU A CA  1 
ATOM   86   C C   . LEU A 1 11  ? -1.911  14.964  1.599   1.00 29.10 ? 288 LEU A C   1 
ATOM   87   O O   . LEU A 1 11  ? -2.854  15.753  1.516   1.00 27.86 ? 288 LEU A O   1 
ATOM   88   C CB  . LEU A 1 11  ? -1.404  14.857  4.051   1.00 38.21 ? 288 LEU A CB  1 
ATOM   89   C CG  . LEU A 1 11  ? -1.405  13.409  4.547   1.00 38.90 ? 288 LEU A CG  1 
ATOM   90   C CD1 . LEU A 1 11  ? 0.027   12.905  4.659   1.00 37.09 ? 288 LEU A CD1 1 
ATOM   91   C CD2 . LEU A 1 11  ? -2.092  13.335  5.903   1.00 40.02 ? 288 LEU A CD2 1 
ATOM   92   N N   . GLU A 1 12  ? -1.776  13.919  0.787   1.00 28.16 ? 289 GLU A N   1 
ATOM   93   C CA  . GLU A 1 12  ? -2.742  13.648  -0.269  1.00 27.98 ? 289 GLU A CA  1 
ATOM   94   C C   . GLU A 1 12  ? -4.089  13.253  0.328   1.00 28.36 ? 289 GLU A C   1 
ATOM   95   O O   . GLU A 1 12  ? -4.144  12.496  1.295   1.00 28.49 ? 289 GLU A O   1 
ATOM   96   C CB  . GLU A 1 12  ? -2.242  12.512  -1.165  1.00 30.28 ? 289 GLU A CB  1 
ATOM   97   C CG  . GLU A 1 12  ? -3.098  12.286  -2.400  1.00 29.96 ? 289 GLU A CG  1 
ATOM   98   C CD  . GLU A 1 12  ? -2.797  13.279  -3.510  1.00 30.78 ? 289 GLU A CD  1 
ATOM   99   O OE1 . GLU A 1 12  ? -3.598  13.373  -4.462  1.00 30.72 ? 289 GLU A OE1 1 
ATOM   100  O OE2 . GLU A 1 12  ? -1.748  13.954  -3.435  1.00 28.51 ? 289 GLU A OE2 1 
ATOM   101  N N   . GLU A 1 13  ? -5.171  13.771  -0.245  1.00 31.22 ? 290 GLU A N   1 
ATOM   102  C CA  . GLU A 1 13  ? -6.510  13.440  0.226   1.00 32.05 ? 290 GLU A CA  1 
ATOM   103  C C   . GLU A 1 13  ? -6.959  12.179  -0.504  1.00 29.88 ? 290 GLU A C   1 
ATOM   104  O O   . GLU A 1 13  ? -7.319  12.230  -1.682  1.00 30.14 ? 290 GLU A O   1 
ATOM   105  C CB  . GLU A 1 13  ? -7.485  14.580  -0.076  1.00 52.32 ? 290 GLU A CB  1 
ATOM   106  C CG  . GLU A 1 13  ? -8.931  14.270  0.291   1.00 58.78 ? 290 GLU A CG  1 
ATOM   107  C CD  . GLU A 1 13  ? -9.893  15.356  -0.152  1.00 63.63 ? 290 GLU A CD  1 
ATOM   108  O OE1 . GLU A 1 13  ? -9.758  16.504  0.323   1.00 66.26 ? 290 GLU A OE1 1 
ATOM   109  O OE2 . GLU A 1 13  ? -10.785 15.061  -0.977  1.00 66.17 ? 290 GLU A OE2 1 
ATOM   110  N N   . LEU A 1 14  ? -6.924  11.047  0.191   1.00 21.78 ? 291 LEU A N   1 
ATOM   111  C CA  . LEU A 1 14  ? -7.319  9.781   -0.411  1.00 19.48 ? 291 LEU A CA  1 
ATOM   112  C C   . LEU A 1 14  ? -8.451  9.094   0.340   1.00 17.05 ? 291 LEU A C   1 
ATOM   113  O O   . LEU A 1 14  ? -8.650  9.315   1.536   1.00 18.19 ? 291 LEU A O   1 
ATOM   114  C CB  . LEU A 1 14  ? -6.120  8.829   -0.454  1.00 17.56 ? 291 LEU A CB  1 
ATOM   115  C CG  . LEU A 1 14  ? -4.878  9.272   -1.228  1.00 17.97 ? 291 LEU A CG  1 
ATOM   116  C CD1 . LEU A 1 14  ? -3.777  8.234   -1.057  1.00 17.92 ? 291 LEU A CD1 1 
ATOM   117  C CD2 . LEU A 1 14  ? -5.219  9.437   -2.700  1.00 17.27 ? 291 LEU A CD2 1 
ATOM   118  N N   . THR A 1 15  ? -9.185  8.253   -0.380  1.00 16.56 ? 292 THR A N   1 
ATOM   119  C CA  . THR A 1 15  ? -10.269 7.474   0.196   1.00 16.38 ? 292 THR A CA  1 
ATOM   120  C C   . THR A 1 15  ? -10.257 6.105   -0.469  1.00 16.31 ? 292 THR A C   1 
ATOM   121  O O   . THR A 1 15  ? -9.988  5.983   -1.665  1.00 16.97 ? 292 THR A O   1 
ATOM   122  C CB  . THR A 1 15  ? -11.658 8.131   -0.025  1.00 19.92 ? 292 THR A CB  1 
ATOM   123  O OG1 . THR A 1 15  ? -11.816 8.501   -1.399  1.00 20.66 ? 292 THR A OG1 1 
ATOM   124  C CG2 . THR A 1 15  ? -11.809 9.355   0.857   1.00 20.70 ? 292 THR A CG2 1 
ATOM   125  N N   . PHE A 1 16  ? -10.524 5.066   0.313   1.00 16.62 ? 293 PHE A N   1 
ATOM   126  C CA  . PHE A 1 16  ? -10.553 3.718   -0.237  1.00 16.86 ? 293 PHE A CA  1 
ATOM   127  C C   . PHE A 1 16  ? -11.792 3.567   -1.119  1.00 17.57 ? 293 PHE A C   1 
ATOM   128  O O   . PHE A 1 16  ? -12.885 3.964   -0.727  1.00 18.95 ? 293 PHE A O   1 
ATOM   129  C CB  . PHE A 1 16  ? -10.599 2.683   0.892   1.00 15.51 ? 293 PHE A CB  1 
ATOM   130  C CG  . PHE A 1 16  ? -9.383  2.689   1.787   1.00 16.17 ? 293 PHE A CG  1 
ATOM   131  C CD1 . PHE A 1 16  ? -8.107  2.537   1.250   1.00 15.67 ? 293 PHE A CD1 1 
ATOM   132  C CD2 . PHE A 1 16  ? -9.521  2.808   3.168   1.00 15.05 ? 293 PHE A CD2 1 
ATOM   133  C CE1 . PHE A 1 16  ? -6.980  2.498   2.075   1.00 13.67 ? 293 PHE A CE1 1 
ATOM   134  C CE2 . PHE A 1 16  ? -8.398  2.773   4.011   1.00 13.02 ? 293 PHE A CE2 1 
ATOM   135  C CZ  . PHE A 1 16  ? -7.124  2.615   3.454   1.00 14.98 ? 293 PHE A CZ  1 
ATOM   136  N N   . ASP A 1 17  ? -11.612 2.999   -2.306  1.00 17.00 ? 294 ASP A N   1 
ATOM   137  C CA  . ASP A 1 17  ? -12.712 2.782   -3.248  1.00 17.66 ? 294 ASP A CA  1 
ATOM   138  C C   . ASP A 1 17  ? -13.385 1.441   -2.930  1.00 17.14 ? 294 ASP A C   1 
ATOM   139  O O   . ASP A 1 17  ? -12.846 0.371   -3.232  1.00 16.12 ? 294 ASP A O   1 
ATOM   140  C CB  . ASP A 1 17  ? -12.159 2.777   -4.674  1.00 18.81 ? 294 ASP A CB  1 
ATOM   141  C CG  . ASP A 1 17  ? -13.231 2.572   -5.720  1.00 20.66 ? 294 ASP A CG  1 
ATOM   142  O OD1 . ASP A 1 17  ? -14.393 2.318   -5.344  1.00 21.67 ? 294 ASP A OD1 1 
ATOM   143  O OD2 . ASP A 1 17  ? -12.896 2.663   -6.919  1.00 23.25 ? 294 ASP A OD2 1 
ATOM   144  N N   . PRO A 1 18  ? -14.579 1.481   -2.320  1.00 19.42 ? 295 PRO A N   1 
ATOM   145  C CA  . PRO A 1 18  ? -15.304 0.259   -1.961  1.00 20.36 ? 295 PRO A CA  1 
ATOM   146  C C   . PRO A 1 18  ? -15.596 -0.690  -3.120  1.00 20.98 ? 295 PRO A C   1 
ATOM   147  O O   . PRO A 1 18  ? -15.622 -1.905  -2.935  1.00 20.34 ? 295 PRO A O   1 
ATOM   148  C CB  . PRO A 1 18  ? -16.588 0.791   -1.317  1.00 24.14 ? 295 PRO A CB  1 
ATOM   149  C CG  . PRO A 1 18  ? -16.178 2.142   -0.791  1.00 25.83 ? 295 PRO A CG  1 
ATOM   150  C CD  . PRO A 1 18  ? -15.346 2.676   -1.922  1.00 22.11 ? 295 PRO A CD  1 
ATOM   151  N N   . SER A 1 19  ? -15.815 -0.142  -4.311  1.00 22.16 ? 296 SER A N   1 
ATOM   152  C CA  . SER A 1 19  ? -16.123 -0.977  -5.471  1.00 22.91 ? 296 SER A CA  1 
ATOM   153  C C   . SER A 1 19  ? -14.930 -1.773  -5.979  1.00 22.51 ? 296 SER A C   1 
ATOM   154  O O   . SER A 1 19  ? -15.088 -2.685  -6.787  1.00 24.41 ? 296 SER A O   1 
ATOM   155  C CB  . SER A 1 19  ? -16.680 -0.123  -6.612  1.00 29.31 ? 296 SER A CB  1 
ATOM   156  O OG  . SER A 1 19  ? -15.699 0.767   -7.113  1.00 34.74 ? 296 SER A OG  1 
ATOM   157  N N   . SER A 1 20  ? -13.732 -1.433  -5.513  1.00 20.02 ? 297 SER A N   1 
ATOM   158  C CA  . SER A 1 20  ? -12.536 -2.138  -5.953  1.00 19.80 ? 297 SER A CA  1 
ATOM   159  C C   . SER A 1 20  ? -12.079 -3.167  -4.929  1.00 17.94 ? 297 SER A C   1 
ATOM   160  O O   . SER A 1 20  ? -11.304 -4.072  -5.249  1.00 16.71 ? 297 SER A O   1 
ATOM   161  C CB  . SER A 1 20  ? -11.405 -1.135  -6.197  1.00 28.17 ? 297 SER A CB  1 
ATOM   162  O OG  . SER A 1 20  ? -10.180 -1.794  -6.464  1.00 40.18 ? 297 SER A OG  1 
ATOM   163  N N   . ALA A 1 21  ? -12.586 -3.042  -3.707  1.00 17.05 ? 298 ALA A N   1 
ATOM   164  C CA  . ALA A 1 21  ? -12.189 -3.928  -2.615  1.00 16.94 ? 298 ALA A CA  1 
ATOM   165  C C   . ALA A 1 21  ? -12.550 -5.402  -2.742  1.00 17.85 ? 298 ALA A C   1 
ATOM   166  O O   . ALA A 1 21  ? -13.636 -5.759  -3.200  1.00 18.58 ? 298 ALA A O   1 
ATOM   167  C CB  . ALA A 1 21  ? -12.736 -3.391  -1.298  1.00 17.33 ? 298 ALA A CB  1 
ATOM   168  N N   . HIS A 1 22  ? -11.617 -6.250  -2.320  1.00 17.76 ? 299 HIS A N   1 
ATOM   169  C CA  . HIS A 1 22  ? -11.808 -7.694  -2.301  1.00 18.18 ? 299 HIS A CA  1 
ATOM   170  C C   . HIS A 1 22  ? -13.096 -7.909  -1.500  1.00 19.00 ? 299 HIS A C   1 
ATOM   171  O O   . HIS A 1 22  ? -13.368 -7.174  -0.551  1.00 17.58 ? 299 HIS A O   1 
ATOM   172  C CB  . HIS A 1 22  ? -10.608 -8.335  -1.598  1.00 20.14 ? 299 HIS A CB  1 
ATOM   173  C CG  . HIS A 1 22  ? -10.677 -9.826  -1.507  1.00 20.08 ? 299 HIS A CG  1 
ATOM   174  N ND1 . HIS A 1 22  ? -11.477 -10.479 -0.595  1.00 21.45 ? 299 HIS A ND1 1 
ATOM   175  C CD2 . HIS A 1 22  ? -10.047 -10.791 -2.218  1.00 21.88 ? 299 HIS A CD2 1 
ATOM   176  C CE1 . HIS A 1 22  ? -11.337 -11.784 -0.747  1.00 22.03 ? 299 HIS A CE1 1 
ATOM   177  N NE2 . HIS A 1 22  ? -10.476 -12.000 -1.725  1.00 21.61 ? 299 HIS A NE2 1 
ATOM   178  N N   . PRO A 1 23  ? -13.904 -8.921  -1.863  1.00 19.52 ? 300 PRO A N   1 
ATOM   179  C CA  . PRO A 1 23  ? -15.162 -9.185  -1.153  1.00 21.89 ? 300 PRO A CA  1 
ATOM   180  C C   . PRO A 1 23  ? -15.113 -9.384  0.364   1.00 20.85 ? 300 PRO A C   1 
ATOM   181  O O   . PRO A 1 23  ? -16.111 -9.158  1.050   1.00 21.35 ? 300 PRO A O   1 
ATOM   182  C CB  . PRO A 1 23  ? -15.727 -10.407 -1.887  1.00 25.38 ? 300 PRO A CB  1 
ATOM   183  C CG  . PRO A 1 23  ? -14.512 -11.084 -2.424  1.00 26.31 ? 300 PRO A CG  1 
ATOM   184  C CD  . PRO A 1 23  ? -13.669 -9.931  -2.910  1.00 23.27 ? 300 PRO A CD  1 
ATOM   185  N N   . SER A 1 24  ? -13.970 -9.804  0.894   1.00 19.62 ? 301 SER A N   1 
ATOM   186  C CA  . SER A 1 24  ? -13.864 -10.008 2.334   1.00 20.40 ? 301 SER A CA  1 
ATOM   187  C C   . SER A 1 24  ? -13.649 -8.697  3.088   1.00 20.52 ? 301 SER A C   1 
ATOM   188  O O   . SER A 1 24  ? -13.738 -8.658  4.312   1.00 21.56 ? 301 SER A O   1 
ATOM   189  C CB  . SER A 1 24  ? -12.712 -10.967 2.650   1.00 26.45 ? 301 SER A CB  1 
ATOM   190  O OG  . SER A 1 24  ? -11.460 -10.395 2.306   1.00 30.53 ? 301 SER A OG  1 
ATOM   191  N N   . LEU A 1 25  ? -13.391 -7.617  2.358   1.00 21.54 ? 302 LEU A N   1 
ATOM   192  C CA  . LEU A 1 25  ? -13.126 -6.329  2.991   1.00 20.86 ? 302 LEU A CA  1 
ATOM   193  C C   . LEU A 1 25  ? -14.325 -5.419  3.196   1.00 21.24 ? 302 LEU A C   1 
ATOM   194  O O   . LEU A 1 25  ? -15.315 -5.493  2.470   1.00 21.98 ? 302 LEU A O   1 
ATOM   195  C CB  . LEU A 1 25  ? -12.072 -5.569  2.183   1.00 18.02 ? 302 LEU A CB  1 
ATOM   196  C CG  . LEU A 1 25  ? -10.723 -6.270  2.040   1.00 18.82 ? 302 LEU A CG  1 
ATOM   197  C CD1 . LEU A 1 25  ? -9.818  -5.466  1.116   1.00 19.37 ? 302 LEU A CD1 1 
ATOM   198  C CD2 . LEU A 1 25  ? -10.094 -6.434  3.417   1.00 18.43 ? 302 LEU A CD2 1 
ATOM   199  N N   . VAL A 1 26  ? -14.215 -4.554  4.199   1.00 18.95 ? 303 VAL A N   1 
ATOM   200  C CA  . VAL A 1 26  ? -15.251 -3.577  4.501   1.00 19.70 ? 303 VAL A CA  1 
ATOM   201  C C   . VAL A 1 26  ? -14.568 -2.233  4.713   1.00 19.72 ? 303 VAL A C   1 
ATOM   202  O O   . VAL A 1 26  ? -13.596 -2.131  5.464   1.00 20.42 ? 303 VAL A O   1 
ATOM   203  C CB  . VAL A 1 26  ? -16.055 -3.948  5.773   1.00 23.55 ? 303 VAL A CB  1 
ATOM   204  C CG1 . VAL A 1 26  ? -15.119 -4.148  6.958   1.00 26.29 ? 303 VAL A CG1 1 
ATOM   205  C CG2 . VAL A 1 26  ? -17.073 -2.858  6.069   1.00 25.95 ? 303 VAL A CG2 1 
ATOM   206  N N   . VAL A 1 27  ? -15.066 -1.212  4.025   1.00 19.69 ? 304 VAL A N   1 
ATOM   207  C CA  . VAL A 1 27  ? -14.515 0.135   4.125   1.00 20.57 ? 304 VAL A CA  1 
ATOM   208  C C   . VAL A 1 27  ? -15.398 0.968   5.044   1.00 20.49 ? 304 VAL A C   1 
ATOM   209  O O   . VAL A 1 27  ? -16.623 0.917   4.941   1.00 23.62 ? 304 VAL A O   1 
ATOM   210  C CB  . VAL A 1 27  ? -14.446 0.809   2.731   1.00 17.37 ? 304 VAL A CB  1 
ATOM   211  C CG1 . VAL A 1 27  ? -13.999 2.261   2.865   1.00 17.96 ? 304 VAL A CG1 1 
ATOM   212  C CG2 . VAL A 1 27  ? -13.479 0.039   1.831   1.00 20.92 ? 304 VAL A CG2 1 
ATOM   213  N N   . SER A 1 28  ? -14.778 1.731   5.942   1.00 18.50 ? 305 SER A N   1 
ATOM   214  C CA  . SER A 1 28  ? -15.526 2.567   6.881   1.00 18.87 ? 305 SER A CA  1 
ATOM   215  C C   . SER A 1 28  ? -14.785 3.859   7.219   1.00 19.35 ? 305 SER A C   1 
ATOM   216  O O   . SER A 1 28  ? -13.746 4.167   6.627   1.00 18.73 ? 305 SER A O   1 
ATOM   217  C CB  . SER A 1 28  ? -15.817 1.794   8.171   1.00 22.25 ? 305 SER A CB  1 
ATOM   218  O OG  . SER A 1 28  ? -14.618 1.408   8.827   1.00 23.45 ? 305 SER A OG  1 
ATOM   219  N N   . SER A 1 29  ? -15.331 4.612   8.170   1.00 22.14 ? 306 SER A N   1 
ATOM   220  C CA  . SER A 1 29  ? -14.742 5.882   8.598   1.00 23.12 ? 306 SER A CA  1 
ATOM   221  C C   . SER A 1 29  ? -14.527 6.834   7.427   1.00 23.74 ? 306 SER A C   1 
ATOM   222  O O   . SER A 1 29  ? -13.423 7.334   7.214   1.00 21.60 ? 306 SER A O   1 
ATOM   223  C CB  . SER A 1 29  ? -13.413 5.632   9.317   1.00 25.84 ? 306 SER A CB  1 
ATOM   224  O OG  . SER A 1 29  ? -13.617 4.859   10.485  1.00 30.87 ? 306 SER A OG  1 
ATOM   225  N N   . SER A 1 30  ? -15.594 7.081   6.671   1.00 22.80 ? 307 SER A N   1 
ATOM   226  C CA  . SER A 1 30  ? -15.533 7.974   5.524   1.00 24.30 ? 307 SER A CA  1 
ATOM   227  C C   . SER A 1 30  ? -14.426 7.602   4.542   1.00 23.07 ? 307 SER A C   1 
ATOM   228  O O   . SER A 1 30  ? -13.726 8.474   4.026   1.00 25.30 ? 307 SER A O   1 
ATOM   229  C CB  . SER A 1 30  ? -15.340 9.425   5.985   1.00 35.86 ? 307 SER A CB  1 
ATOM   230  O OG  . SER A 1 30  ? -16.463 9.884   6.718   1.00 39.87 ? 307 SER A OG  1 
ATOM   231  N N   . GLY A 1 31  ? -14.272 6.304   4.298   1.00 20.83 ? 308 GLY A N   1 
ATOM   232  C CA  . GLY A 1 31  ? -13.271 5.839   3.355   1.00 18.92 ? 308 GLY A CA  1 
ATOM   233  C C   . GLY A 1 31  ? -11.829 5.840   3.822   1.00 18.40 ? 308 GLY A C   1 
ATOM   234  O O   . GLY A 1 31  ? -10.923 5.688   3.007   1.00 16.87 ? 308 GLY A O   1 
ATOM   235  N N   . ARG A 1 32  ? -11.604 6.008   5.121   1.00 18.13 ? 309 ARG A N   1 
ATOM   236  C CA  . ARG A 1 32  ? -10.240 6.028   5.638   1.00 17.11 ? 309 ARG A CA  1 
ATOM   237  C C   . ARG A 1 32  ? -9.839  4.775   6.408   1.00 17.86 ? 309 ARG A C   1 
ATOM   238  O O   . ARG A 1 32  ? -8.721  4.688   6.910   1.00 18.33 ? 309 ARG A O   1 
ATOM   239  C CB  . ARG A 1 32  ? -10.030 7.276   6.500   1.00 24.07 ? 309 ARG A CB  1 
ATOM   240  C CG  . ARG A 1 32  ? -9.944  8.559   5.674   1.00 28.58 ? 309 ARG A CG  1 
ATOM   241  C CD  . ARG A 1 32  ? -9.816  9.795   6.545   1.00 34.48 ? 309 ARG A CD  1 
ATOM   242  N NE  . ARG A 1 32  ? -11.078 10.133  7.197   1.00 40.96 ? 309 ARG A NE  1 
ATOM   243  C CZ  . ARG A 1 32  ? -11.275 11.224  7.932   1.00 42.52 ? 309 ARG A CZ  1 
ATOM   244  N NH1 . ARG A 1 32  ? -10.289 12.093  8.115   1.00 44.60 ? 309 ARG A NH1 1 
ATOM   245  N NH2 . ARG A 1 32  ? -12.462 11.448  8.480   1.00 44.88 ? 309 ARG A NH2 1 
ATOM   246  N N   . ARG A 1 33  ? -10.742 3.807   6.502   1.00 17.15 ? 310 ARG A N   1 
ATOM   247  C CA  . ARG A 1 33  ? -10.442 2.562   7.205   1.00 17.44 ? 310 ARG A CA  1 
ATOM   248  C C   . ARG A 1 33  ? -10.903 1.362   6.394   1.00 17.63 ? 310 ARG A C   1 
ATOM   249  O O   . ARG A 1 33  ? -11.980 1.387   5.809   1.00 17.18 ? 310 ARG A O   1 
ATOM   250  C CB  . ARG A 1 33  ? -11.117 2.550   8.586   1.00 16.80 ? 310 ARG A CB  1 
ATOM   251  C CG  . ARG A 1 33  ? -10.978 1.234   9.335   1.00 17.25 ? 310 ARG A CG  1 
ATOM   252  C CD  . ARG A 1 33  ? -11.401 1.367   10.793  1.00 18.96 ? 310 ARG A CD  1 
ATOM   253  N NE  . ARG A 1 33  ? -11.454 0.066   11.451  1.00 20.26 ? 310 ARG A NE  1 
ATOM   254  C CZ  . ARG A 1 33  ? -11.141 -0.143  12.726  1.00 22.47 ? 310 ARG A CZ  1 
ATOM   255  N NH1 . ARG A 1 33  ? -10.752 0.870   13.490  1.00 21.81 ? 310 ARG A NH1 1 
ATOM   256  N NH2 . ARG A 1 33  ? -11.194 -1.369  13.229  1.00 23.02 ? 310 ARG A NH2 1 
ATOM   257  N N   . VAL A 1 34  ? -10.078 0.320   6.343   1.00 16.20 ? 311 VAL A N   1 
ATOM   258  C CA  . VAL A 1 34  ? -10.433 -0.896  5.616   1.00 15.57 ? 311 VAL A CA  1 
ATOM   259  C C   . VAL A 1 34  ? -9.913  -2.104  6.386   1.00 17.35 ? 311 VAL A C   1 
ATOM   260  O O   . VAL A 1 34  ? -8.815  -2.061  6.947   1.00 17.24 ? 311 VAL A O   1 
ATOM   261  C CB  . VAL A 1 34  ? -9.862  -0.891  4.169   1.00 15.98 ? 311 VAL A CB  1 
ATOM   262  C CG1 . VAL A 1 34  ? -8.348  -0.916  4.184   1.00 13.42 ? 311 VAL A CG1 1 
ATOM   263  C CG2 . VAL A 1 34  ? -10.408 -2.086  3.385   1.00 15.49 ? 311 VAL A CG2 1 
ATOM   264  N N   . GLU A 1 35  ? -10.699 -3.178  6.428   1.00 16.47 ? 312 GLU A N   1 
ATOM   265  C CA  . GLU A 1 35  ? -10.296 -4.381  7.156   1.00 17.33 ? 312 GLU A CA  1 
ATOM   266  C C   . GLU A 1 35  ? -11.117 -5.577  6.711   1.00 18.84 ? 312 GLU A C   1 
ATOM   267  O O   . GLU A 1 35  ? -12.151 -5.423  6.064   1.00 18.84 ? 312 GLU A O   1 
ATOM   268  C CB  . GLU A 1 35  ? -10.493 -4.178  8.658   1.00 19.07 ? 312 GLU A CB  1 
ATOM   269  C CG  . GLU A 1 35  ? -11.946 -4.001  9.055   1.00 22.30 ? 312 GLU A CG  1 
ATOM   270  C CD  . GLU A 1 35  ? -12.103 -3.170  10.310  1.00 24.65 ? 312 GLU A CD  1 
ATOM   271  O OE1 . GLU A 1 35  ? -11.602 -3.589  11.374  1.00 25.07 ? 312 GLU A OE1 1 
ATOM   272  O OE2 . GLU A 1 35  ? -12.723 -2.092  10.226  1.00 26.14 ? 312 GLU A OE2 1 
ATOM   273  N N   . CYS A 1 36  ? -10.656 -6.768  7.071   1.00 22.07 ? 313 CYS A N   1 
ATOM   274  C CA  . CYS A 1 36  ? -11.372 -7.979  6.709   1.00 27.87 ? 313 CYS A CA  1 
ATOM   275  C C   . CYS A 1 36  ? -12.567 -8.170  7.625   1.00 31.39 ? 313 CYS A C   1 
ATOM   276  O O   . CYS A 1 36  ? -12.439 -8.108  8.849   1.00 31.39 ? 313 CYS A O   1 
ATOM   277  C CB  . CYS A 1 36  ? -10.456 -9.202  6.813   1.00 54.43 ? 313 CYS A CB  1 
ATOM   278  S SG  . CYS A 1 36  ? -9.293  -9.401  5.451   1.00 66.58 ? 313 CYS A SG  1 
ATOM   279  N N   . SER A 1 37  ? -13.732 -8.382  7.025   1.00 27.79 ? 314 SER A N   1 
ATOM   280  C CA  . SER A 1 37  ? -14.953 -8.614  7.781   1.00 33.99 ? 314 SER A CA  1 
ATOM   281  C C   . SER A 1 37  ? -15.139 -10.124 7.835   1.00 36.67 ? 314 SER A C   1 
ATOM   282  O O   . SER A 1 37  ? -15.495 -10.744 6.833   1.00 37.95 ? 314 SER A O   1 
ATOM   283  C CB  . SER A 1 37  ? -16.150 -7.969  7.077   1.00 45.62 ? 314 SER A CB  1 
ATOM   284  O OG  . SER A 1 37  ? -17.358 -8.261  7.758   1.00 46.57 ? 314 SER A OG  1 
ATOM   285  N N   . GLU A 1 38  ? -14.880 -10.714 8.996   1.00 59.68 ? 315 GLU A N   1 
ATOM   286  C CA  . GLU A 1 38  ? -15.023 -12.156 9.155   1.00 61.53 ? 315 GLU A CA  1 
ATOM   287  C C   . GLU A 1 38  ? -16.447 -12.567 9.483   1.00 64.28 ? 315 GLU A C   1 
ATOM   288  O O   . GLU A 1 38  ? -16.832 -12.688 10.647  1.00 64.28 ? 315 GLU A O   1 
ATOM   289  C CB  . GLU A 1 38  ? -14.050 -12.670 10.218  1.00 44.82 ? 315 GLU A CB  1 
ATOM   290  C CG  . GLU A 1 38  ? -12.674 -13.021 9.658   1.00 37.70 ? 315 GLU A CG  1 
ATOM   291  C CD  . GLU A 1 38  ? -12.386 -12.326 8.339   1.00 34.78 ? 315 GLU A CD  1 
ATOM   292  O OE1 . GLU A 1 38  ? -13.017 -12.683 7.316   1.00 37.29 ? 315 GLU A OE1 1 
ATOM   293  O OE2 . GLU A 1 38  ? -11.535 -11.421 8.324   1.00 13.47 ? 315 GLU A OE2 1 
ATOM   294  N N   . GLN A 1 39  ? -17.219 -12.777 8.424   1.00 63.66 ? 316 GLN A N   1 
ATOM   295  C CA  . GLN A 1 39  ? -18.613 -13.180 8.516   1.00 67.20 ? 316 GLN A CA  1 
ATOM   296  C C   . GLN A 1 39  ? -18.841 -14.342 7.556   1.00 68.06 ? 316 GLN A C   1 
ATOM   297  O O   . GLN A 1 39  ? -18.747 -15.511 7.934   1.00 69.58 ? 316 GLN A O   1 
ATOM   298  C CB  . GLN A 1 39  ? -19.517 -12.006 8.127   1.00 65.10 ? 316 GLN A CB  1 
ATOM   299  C CG  . GLN A 1 39  ? -19.036 -11.254 6.887   1.00 69.27 ? 316 GLN A CG  1 
ATOM   300  C CD  . GLN A 1 39  ? -20.101 -10.360 6.287   1.00 71.19 ? 316 GLN A CD  1 
ATOM   301  O OE1 . GLN A 1 39  ? -21.132 -10.838 5.809   1.00 72.41 ? 316 GLN A OE1 1 
ATOM   302  N NE2 . GLN A 1 39  ? -19.859 -9.054  6.306   1.00 72.35 ? 316 GLN A NE2 1 
ATOM   303  N N   . LYS A 1 40  ? -19.136 -13.999 6.307   1.00 64.54 ? 317 LYS A N   1 
ATOM   304  C CA  . LYS A 1 40  ? -19.379 -14.971 5.252   1.00 64.43 ? 317 LYS A CA  1 
ATOM   305  C C   . LYS A 1 40  ? -18.874 -14.352 3.954   1.00 62.43 ? 317 LYS A C   1 
ATOM   306  O O   . LYS A 1 40  ? -19.611 -13.644 3.268   1.00 63.12 ? 317 LYS A O   1 
ATOM   307  C CB  . LYS A 1 40  ? -20.877 -15.266 5.144   1.00 66.10 ? 317 LYS A CB  1 
ATOM   308  C CG  . LYS A 1 40  ? -21.526 -15.712 6.446   1.00 68.64 ? 317 LYS A CG  1 
ATOM   309  C CD  . LYS A 1 40  ? -23.022 -15.927 6.275   1.00 70.57 ? 317 LYS A CD  1 
ATOM   310  C CE  . LYS A 1 40  ? -23.679 -16.336 7.585   1.00 71.58 ? 317 LYS A CE  1 
ATOM   311  N NZ  . LYS A 1 40  ? -23.524 -15.291 8.636   1.00 72.83 ? 317 LYS A NZ  1 
ATOM   312  N N   . ALA A 1 41  ? -17.610 -14.612 3.630   1.00 56.17 ? 318 ALA A N   1 
ATOM   313  C CA  . ALA A 1 41  ? -16.990 -14.074 2.423   1.00 53.28 ? 318 ALA A CA  1 
ATOM   314  C C   . ALA A 1 41  ? -17.827 -14.330 1.173   1.00 50.88 ? 318 ALA A C   1 
ATOM   315  O O   . ALA A 1 41  ? -17.903 -15.457 0.682   1.00 50.82 ? 318 ALA A O   1 
ATOM   316  C CB  . ALA A 1 41  ? -15.600 -14.671 2.247   1.00 53.74 ? 318 ALA A CB  1 
ATOM   317  N N   . PRO A 1 42  ? -18.467 -13.277 0.639   1.00 40.73 ? 319 PRO A N   1 
ATOM   318  C CA  . PRO A 1 42  ? -19.299 -13.401 -0.562  1.00 38.54 ? 319 PRO A CA  1 
ATOM   319  C C   . PRO A 1 42  ? -18.455 -13.515 -1.830  1.00 36.37 ? 319 PRO A C   1 
ATOM   320  O O   . PRO A 1 42  ? -17.266 -13.194 -1.828  1.00 34.58 ? 319 PRO A O   1 
ATOM   321  C CB  . PRO A 1 42  ? -20.124 -12.120 -0.529  1.00 44.71 ? 319 PRO A CB  1 
ATOM   322  C CG  . PRO A 1 42  ? -19.142 -11.131 0.019   1.00 45.65 ? 319 PRO A CG  1 
ATOM   323  C CD  . PRO A 1 42  ? -18.507 -11.899 1.161   1.00 46.08 ? 319 PRO A CD  1 
ATOM   324  N N   . PRO A 1 43  ? -19.061 -13.981 -2.932  1.00 35.26 ? 320 PRO A N   1 
ATOM   325  C CA  . PRO A 1 43  ? -18.316 -14.115 -4.186  1.00 33.12 ? 320 PRO A CA  1 
ATOM   326  C C   . PRO A 1 43  ? -17.975 -12.744 -4.767  1.00 30.42 ? 320 PRO A C   1 
ATOM   327  O O   . PRO A 1 43  ? -18.673 -11.766 -4.508  1.00 29.46 ? 320 PRO A O   1 
ATOM   328  C CB  . PRO A 1 43  ? -19.280 -14.899 -5.071  1.00 41.05 ? 320 PRO A CB  1 
ATOM   329  C CG  . PRO A 1 43  ? -20.620 -14.411 -4.605  1.00 41.86 ? 320 PRO A CG  1 
ATOM   330  C CD  . PRO A 1 43  ? -20.460 -14.418 -3.099  1.00 42.40 ? 320 PRO A CD  1 
ATOM   331  N N   . ALA A 1 44  ? -16.897 -12.672 -5.541  1.00 32.18 ? 321 ALA A N   1 
ATOM   332  C CA  . ALA A 1 44  ? -16.496 -11.412 -6.153  1.00 30.31 ? 321 ALA A CA  1 
ATOM   333  C C   . ALA A 1 44  ? -17.439 -11.096 -7.307  1.00 29.53 ? 321 ALA A C   1 
ATOM   334  O O   . ALA A 1 44  ? -18.015 -12.003 -7.912  1.00 30.21 ? 321 ALA A O   1 
ATOM   335  C CB  . ALA A 1 44  ? -15.062 -11.504 -6.664  1.00 32.66 ? 321 ALA A CB  1 
ATOM   336  N N   . GLY A 1 45  ? -17.597 -9.810  -7.602  1.00 29.31 ? 322 GLY A N   1 
ATOM   337  C CA  . GLY A 1 45  ? -18.453 -9.403  -8.700  1.00 29.58 ? 322 GLY A CA  1 
ATOM   338  C C   . GLY A 1 45  ? -17.768 -9.664  -10.028 1.00 30.25 ? 322 GLY A C   1 
ATOM   339  O O   . GLY A 1 45  ? -16.661 -10.209 -10.065 1.00 30.40 ? 322 GLY A O   1 
ATOM   340  N N   . GLU A 1 46  ? -18.415 -9.265  -11.119 1.00 28.94 ? 323 GLU A N   1 
ATOM   341  C CA  . GLU A 1 46  ? -17.875 -9.472  -12.457 1.00 29.55 ? 323 GLU A CA  1 
ATOM   342  C C   . GLU A 1 46  ? -17.090 -8.280  -12.996 1.00 29.07 ? 323 GLU A C   1 
ATOM   343  O O   . GLU A 1 46  ? -16.629 -8.300  -14.137 1.00 29.51 ? 323 GLU A O   1 
ATOM   344  C CB  . GLU A 1 46  ? -19.012 -9.813  -13.424 1.00 33.21 ? 323 GLU A CB  1 
ATOM   345  C CG  . GLU A 1 46  ? -19.717 -11.117 -13.104 1.00 38.58 ? 323 GLU A CG  1 
ATOM   346  C CD  . GLU A 1 46  ? -18.789 -12.311 -13.205 1.00 40.42 ? 323 GLU A CD  1 
ATOM   347  O OE1 . GLU A 1 46  ? -18.226 -12.533 -14.298 1.00 44.76 ? 323 GLU A OE1 1 
ATOM   348  O OE2 . GLU A 1 46  ? -18.620 -13.027 -12.196 1.00 42.36 ? 323 GLU A OE2 1 
ATOM   349  N N   . ASP A 1 47  ? -16.949 -7.244  -12.177 1.00 28.01 ? 324 ASP A N   1 
ATOM   350  C CA  . ASP A 1 47  ? -16.208 -6.050  -12.570 1.00 28.31 ? 324 ASP A CA  1 
ATOM   351  C C   . ASP A 1 47  ? -14.721 -6.316  -12.353 1.00 27.93 ? 324 ASP A C   1 
ATOM   352  O O   . ASP A 1 47  ? -14.301 -6.654  -11.244 1.00 25.98 ? 324 ASP A O   1 
ATOM   353  C CB  . ASP A 1 47  ? -16.655 -4.854  -11.722 1.00 32.26 ? 324 ASP A CB  1 
ATOM   354  C CG  . ASP A 1 47  ? -15.962 -3.556  -12.114 1.00 34.59 ? 324 ASP A CG  1 
ATOM   355  O OD1 . ASP A 1 47  ? -16.248 -2.519  -11.473 1.00 35.08 ? 324 ASP A OD1 1 
ATOM   356  O OD2 . ASP A 1 47  ? -15.136 -3.562  -13.051 1.00 33.63 ? 324 ASP A OD2 1 
ATOM   357  N N   . PRO A 1 48  ? -13.908 -6.181  -13.414 1.00 26.59 ? 325 PRO A N   1 
ATOM   358  C CA  . PRO A 1 48  ? -12.463 -6.409  -13.316 1.00 26.48 ? 325 PRO A CA  1 
ATOM   359  C C   . PRO A 1 48  ? -11.768 -5.369  -12.441 1.00 25.59 ? 325 PRO A C   1 
ATOM   360  O O   . PRO A 1 48  ? -10.583 -5.499  -12.127 1.00 24.46 ? 325 PRO A O   1 
ATOM   361  C CB  . PRO A 1 48  ? -12.008 -6.358  -14.774 1.00 35.58 ? 325 PRO A CB  1 
ATOM   362  C CG  . PRO A 1 48  ? -12.978 -5.395  -15.389 1.00 36.47 ? 325 PRO A CG  1 
ATOM   363  C CD  . PRO A 1 48  ? -14.290 -5.847  -14.796 1.00 35.36 ? 325 PRO A CD  1 
ATOM   364  N N   . ARG A 1 49  ? -12.509 -4.335  -12.054 1.00 22.09 ? 326 ARG A N   1 
ATOM   365  C CA  . ARG A 1 49  ? -11.973 -3.286  -11.196 1.00 22.53 ? 326 ARG A CA  1 
ATOM   366  C C   . ARG A 1 49  ? -11.830 -3.807  -9.768  1.00 20.49 ? 326 ARG A C   1 
ATOM   367  O O   . ARG A 1 49  ? -11.080 -3.246  -8.970  1.00 19.78 ? 326 ARG A O   1 
ATOM   368  C CB  . ARG A 1 49  ? -12.905 -2.074  -11.183 1.00 38.39 ? 326 ARG A CB  1 
ATOM   369  C CG  . ARG A 1 49  ? -13.019 -1.335  -12.500 1.00 45.07 ? 326 ARG A CG  1 
ATOM   370  C CD  . ARG A 1 49  ? -14.082 -0.252  -12.400 1.00 50.35 ? 326 ARG A CD  1 
ATOM   371  N NE  . ARG A 1 49  ? -13.840 0.635   -11.265 1.00 55.30 ? 326 ARG A NE  1 
ATOM   372  C CZ  . ARG A 1 49  ? -14.678 1.583   -10.860 1.00 58.36 ? 326 ARG A CZ  1 
ATOM   373  N NH1 . ARG A 1 49  ? -15.825 1.778   -11.497 1.00 60.00 ? 326 ARG A NH1 1 
ATOM   374  N NH2 . ARG A 1 49  ? -14.372 2.336   -9.812  1.00 59.86 ? 326 ARG A NH2 1 
ATOM   375  N N   . GLN A 1 50  ? -12.556 -4.874  -9.450  1.00 21.11 ? 327 GLN A N   1 
ATOM   376  C CA  . GLN A 1 50  ? -12.524 -5.452  -8.111  1.00 19.77 ? 327 GLN A CA  1 
ATOM   377  C C   . GLN A 1 50  ? -11.571 -6.632  -7.970  1.00 19.94 ? 327 GLN A C   1 
ATOM   378  O O   . GLN A 1 50  ? -11.644 -7.606  -8.721  1.00 17.79 ? 327 GLN A O   1 
ATOM   379  C CB  . GLN A 1 50  ? -13.929 -5.897  -7.690  1.00 19.86 ? 327 GLN A CB  1 
ATOM   380  C CG  . GLN A 1 50  ? -13.954 -6.648  -6.363  1.00 20.79 ? 327 GLN A CG  1 
ATOM   381  C CD  . GLN A 1 50  ? -15.306 -7.264  -6.053  1.00 21.42 ? 327 GLN A CD  1 
ATOM   382  O OE1 . GLN A 1 50  ? -16.073 -7.594  -6.961  1.00 24.20 ? 327 GLN A OE1 1 
ATOM   383  N NE2 . GLN A 1 50  ? -15.593 -7.443  -4.770  1.00 21.81 ? 327 GLN A NE2 1 
ATOM   384  N N   . PHE A 1 51  ? -10.668 -6.535  -7.000  1.00 17.32 ? 328 PHE A N   1 
ATOM   385  C CA  . PHE A 1 51  ? -9.725  -7.619  -6.734  1.00 16.70 ? 328 PHE A CA  1 
ATOM   386  C C   . PHE A 1 51  ? -10.539 -8.824  -6.255  1.00 17.48 ? 328 PHE A C   1 
ATOM   387  O O   . PHE A 1 51  ? -11.435 -8.673  -5.422  1.00 17.67 ? 328 PHE A O   1 
ATOM   388  C CB  . PHE A 1 51  ? -8.749  -7.203  -5.629  1.00 17.43 ? 328 PHE A CB  1 
ATOM   389  C CG  . PHE A 1 51  ? -7.840  -6.075  -6.012  1.00 16.40 ? 328 PHE A CG  1 
ATOM   390  C CD1 . PHE A 1 51  ? -6.710  -6.303  -6.794  1.00 15.65 ? 328 PHE A CD1 1 
ATOM   391  C CD2 . PHE A 1 51  ? -8.121  -4.773  -5.600  1.00 16.18 ? 328 PHE A CD2 1 
ATOM   392  C CE1 . PHE A 1 51  ? -5.871  -5.246  -7.163  1.00 15.60 ? 328 PHE A CE1 1 
ATOM   393  C CE2 . PHE A 1 51  ? -7.289  -3.712  -5.965  1.00 15.16 ? 328 PHE A CE2 1 
ATOM   394  C CZ  . PHE A 1 51  ? -6.165  -3.948  -6.746  1.00 16.01 ? 328 PHE A CZ  1 
ATOM   395  N N   . ASP A 1 52  ? -10.234 -10.016 -6.767  1.00 19.76 ? 329 ASP A N   1 
ATOM   396  C CA  . ASP A 1 52  ? -10.968 -11.209 -6.351  1.00 20.78 ? 329 ASP A CA  1 
ATOM   397  C C   . ASP A 1 52  ? -10.105 -12.222 -5.596  1.00 20.78 ? 329 ASP A C   1 
ATOM   398  O O   . ASP A 1 52  ? -10.622 -13.044 -4.841  1.00 22.01 ? 329 ASP A O   1 
ATOM   399  C CB  . ASP A 1 52  ? -11.648 -11.865 -7.564  1.00 22.25 ? 329 ASP A CB  1 
ATOM   400  C CG  . ASP A 1 52  ? -10.663 -12.473 -8.539  1.00 25.49 ? 329 ASP A CG  1 
ATOM   401  O OD1 . ASP A 1 52  ? -9.569  -11.909 -8.729  1.00 25.31 ? 329 ASP A OD1 1 
ATOM   402  O OD2 . ASP A 1 52  ? -10.995 -13.517 -9.137  1.00 25.82 ? 329 ASP A OD2 1 
ATOM   403  N N   . LYS A 1 53  ? -8.789  -12.154 -5.784  1.00 20.10 ? 330 LYS A N   1 
ATOM   404  C CA  . LYS A 1 53  ? -7.880  -13.064 -5.088  1.00 21.74 ? 330 LYS A CA  1 
ATOM   405  C C   . LYS A 1 53  ? -7.003  -12.304 -4.090  1.00 21.17 ? 330 LYS A C   1 
ATOM   406  O O   . LYS A 1 53  ? -6.845  -12.722 -2.941  1.00 22.94 ? 330 LYS A O   1 
ATOM   407  C CB  . LYS A 1 53  ? -7.007  -13.813 -6.096  1.00 29.40 ? 330 LYS A CB  1 
ATOM   408  C CG  . LYS A 1 53  ? -7.792  -14.749 -7.006  1.00 33.89 ? 330 LYS A CG  1 
ATOM   409  C CD  . LYS A 1 53  ? -8.533  -15.812 -6.201  1.00 37.61 ? 330 LYS A CD  1 
ATOM   410  C CE  . LYS A 1 53  ? -9.318  -16.747 -7.109  1.00 40.15 ? 330 LYS A CE  1 
ATOM   411  N NZ  . LYS A 1 53  ? -10.050 -17.792 -6.338  1.00 42.62 ? 330 LYS A NZ  1 
ATOM   412  N N   . ALA A 1 54  ? -6.419  -11.199 -4.533  1.00 20.94 ? 331 ALA A N   1 
ATOM   413  C CA  . ALA A 1 54  ? -5.593  -10.389 -3.646  1.00 20.12 ? 331 ALA A CA  1 
ATOM   414  C C   . ALA A 1 54  ? -6.565  -9.666  -2.719  1.00 20.40 ? 331 ALA A C   1 
ATOM   415  O O   . ALA A 1 54  ? -7.541  -9.078  -3.184  1.00 18.76 ? 331 ALA A O   1 
ATOM   416  C CB  . ALA A 1 54  ? -4.782  -9.379  -4.456  1.00 17.05 ? 331 ALA A CB  1 
ATOM   417  N N   . VAL A 1 55  ? -6.315  -9.720  -1.415  1.00 18.66 ? 332 VAL A N   1 
ATOM   418  C CA  . VAL A 1 55  ? -7.193  -9.061  -0.451  1.00 18.30 ? 332 VAL A CA  1 
ATOM   419  C C   . VAL A 1 55  ? -6.746  -7.608  -0.392  1.00 17.26 ? 332 VAL A C   1 
ATOM   420  O O   . VAL A 1 55  ? -6.159  -7.151  0.595   1.00 18.06 ? 332 VAL A O   1 
ATOM   421  C CB  . VAL A 1 55  ? -7.084  -9.706  0.946   1.00 20.46 ? 332 VAL A CB  1 
ATOM   422  C CG1 . VAL A 1 55  ? -8.127  -9.107  1.879   1.00 20.23 ? 332 VAL A CG1 1 
ATOM   423  C CG2 . VAL A 1 55  ? -7.290  -11.210 0.836   1.00 24.58 ? 332 VAL A CG2 1 
ATOM   424  N N   . ALA A 1 56  ? -7.052  -6.889  -1.466  1.00 17.15 ? 333 ALA A N   1 
ATOM   425  C CA  . ALA A 1 56  ? -6.636  -5.505  -1.603  1.00 16.07 ? 333 ALA A CA  1 
ATOM   426  C C   . ALA A 1 56  ? -7.736  -4.541  -1.996  1.00 16.64 ? 333 ALA A C   1 
ATOM   427  O O   . ALA A 1 56  ? -8.881  -4.928  -2.244  1.00 15.88 ? 333 ALA A O   1 
ATOM   428  C CB  . ALA A 1 56  ? -5.509  -5.429  -2.619  1.00 17.78 ? 333 ALA A CB  1 
ATOM   429  N N   . VAL A 1 57  ? -7.355  -3.271  -2.059  1.00 16.28 ? 334 VAL A N   1 
ATOM   430  C CA  . VAL A 1 57  ? -8.261  -2.199  -2.420  1.00 15.36 ? 334 VAL A CA  1 
ATOM   431  C C   . VAL A 1 57  ? -7.401  -1.047  -2.940  1.00 14.75 ? 334 VAL A C   1 
ATOM   432  O O   . VAL A 1 57  ? -6.231  -0.946  -2.588  1.00 14.86 ? 334 VAL A O   1 
ATOM   433  C CB  . VAL A 1 57  ? -9.066  -1.737  -1.175  1.00 15.65 ? 334 VAL A CB  1 
ATOM   434  C CG1 . VAL A 1 57  ? -8.117  -1.189  -0.108  1.00 14.78 ? 334 VAL A CG1 1 
ATOM   435  C CG2 . VAL A 1 57  ? -10.111 -0.691  -1.566  1.00 17.66 ? 334 VAL A CG2 1 
ATOM   436  N N   . VAL A 1 58  ? -7.951  -0.211  -3.816  1.00 14.55 ? 335 VAL A N   1 
ATOM   437  C CA  . VAL A 1 58  ? -7.204  0.951   -4.285  1.00 14.02 ? 335 VAL A CA  1 
ATOM   438  C C   . VAL A 1 58  ? -7.982  2.180   -3.840  1.00 14.21 ? 335 VAL A C   1 
ATOM   439  O O   . VAL A 1 58  ? -9.116  2.069   -3.377  1.00 15.62 ? 335 VAL A O   1 
ATOM   440  C CB  . VAL A 1 58  ? -7.056  1.012   -5.829  1.00 16.39 ? 335 VAL A CB  1 
ATOM   441  C CG1 . VAL A 1 58  ? -6.146  -0.095  -6.316  1.00 15.08 ? 335 VAL A CG1 1 
ATOM   442  C CG2 . VAL A 1 58  ? -8.426  0.920   -6.501  1.00 15.78 ? 335 VAL A CG2 1 
ATOM   443  N N   . ALA A 1 59  ? -7.360  3.346   -3.948  1.00 14.40 ? 336 ALA A N   1 
ATOM   444  C CA  . ALA A 1 59  ? -8.035  4.592   -3.586  1.00 14.53 ? 336 ALA A CA  1 
ATOM   445  C C   . ALA A 1 59  ? -8.902  5.011   -4.768  1.00 15.91 ? 336 ALA A C   1 
ATOM   446  O O   . ALA A 1 59  ? -8.730  4.506   -5.876  1.00 17.09 ? 336 ALA A O   1 
ATOM   447  C CB  . ALA A 1 59  ? -7.014  5.679   -3.298  1.00 15.34 ? 336 ALA A CB  1 
ATOM   448  N N   . HIS A 1 60  ? -9.837  5.924   -4.518  1.00 17.81 ? 337 HIS A N   1 
ATOM   449  C CA  . HIS A 1 60  ? -10.705 6.454   -5.570  1.00 19.25 ? 337 HIS A CA  1 
ATOM   450  C C   . HIS A 1 60  ? -9.853  7.323   -6.490  1.00 19.96 ? 337 HIS A C   1 
ATOM   451  O O   . HIS A 1 60  ? -10.113 7.424   -7.695  1.00 20.68 ? 337 HIS A O   1 
ATOM   452  C CB  . HIS A 1 60  ? -11.782 7.386   -4.996  1.00 19.50 ? 337 HIS A CB  1 
ATOM   453  C CG  . HIS A 1 60  ? -12.979 6.692   -4.422  1.00 19.82 ? 337 HIS A CG  1 
ATOM   454  N ND1 . HIS A 1 60  ? -13.234 6.654   -3.069  1.00 21.08 ? 337 HIS A ND1 1 
ATOM   455  C CD2 . HIS A 1 60  ? -14.020 6.067   -5.020  1.00 21.67 ? 337 HIS A CD2 1 
ATOM   456  C CE1 . HIS A 1 60  ? -14.384 6.036   -2.857  1.00 22.59 ? 337 HIS A CE1 1 
ATOM   457  N NE2 . HIS A 1 60  ? -14.880 5.669   -4.024  1.00 22.06 ? 337 HIS A NE2 1 
ATOM   458  N N   . GLN A 1 61  ? -8.852  7.969   -5.894  1.00 17.27 ? 338 GLN A N   1 
ATOM   459  C CA  . GLN A 1 61  ? -7.973  8.905   -6.588  1.00 17.61 ? 338 GLN A CA  1 
ATOM   460  C C   . GLN A 1 61  ? -6.843  8.334   -7.437  1.00 21.05 ? 338 GLN A C   1 
ATOM   461  O O   . GLN A 1 61  ? -5.941  7.655   -6.941  1.00 20.57 ? 338 GLN A O   1 
ATOM   462  C CB  . GLN A 1 61  ? -7.375  9.891   -5.581  1.00 18.24 ? 338 GLN A CB  1 
ATOM   463  C CG  . GLN A 1 61  ? -8.382  10.670  -4.734  1.00 19.31 ? 338 GLN A CG  1 
ATOM   464  C CD  . GLN A 1 61  ? -9.111  9.807   -3.709  1.00 21.15 ? 338 GLN A CD  1 
ATOM   465  O OE1 . GLN A 1 61  ? -8.600  8.772   -3.266  1.00 18.77 ? 338 GLN A OE1 1 
ATOM   466  N NE2 . GLN A 1 61  ? -10.300 10.245  -3.313  1.00 20.91 ? 338 GLN A NE2 1 
ATOM   467  N N   . GLN A 1 62  ? -6.886  8.652   -8.725  1.00 24.65 ? 339 GLN A N   1 
ATOM   468  C CA  . GLN A 1 62  ? -5.873  8.210   -9.668  1.00 27.98 ? 339 GLN A CA  1 
ATOM   469  C C   . GLN A 1 62  ? -4.796  9.292   -9.715  1.00 28.85 ? 339 GLN A C   1 
ATOM   470  O O   . GLN A 1 62  ? -5.099  10.484  -9.628  1.00 30.15 ? 339 GLN A O   1 
ATOM   471  C CB  . GLN A 1 62  ? -6.507  8.023   -11.048 1.00 43.64 ? 339 GLN A CB  1 
ATOM   472  C CG  . GLN A 1 62  ? -5.609  7.377   -12.079 1.00 49.31 ? 339 GLN A CG  1 
ATOM   473  C CD  . GLN A 1 62  ? -6.285  7.260   -13.431 1.00 51.84 ? 339 GLN A CD  1 
ATOM   474  O OE1 . GLN A 1 62  ? -6.627  8.265   -14.054 1.00 55.12 ? 339 GLN A OE1 1 
ATOM   475  N NE2 . GLN A 1 62  ? -6.485  6.028   -13.891 1.00 53.79 ? 339 GLN A NE2 1 
ATOM   476  N N   . LEU A 1 63  ? -3.538  8.883   -9.832  1.00 21.86 ? 340 LEU A N   1 
ATOM   477  C CA  . LEU A 1 63  ? -2.434  9.834   -9.887  1.00 22.35 ? 340 LEU A CA  1 
ATOM   478  C C   . LEU A 1 63  ? -1.746  9.693   -11.242 1.00 23.66 ? 340 LEU A C   1 
ATOM   479  O O   . LEU A 1 63  ? -1.440  8.580   -11.673 1.00 21.03 ? 340 LEU A O   1 
ATOM   480  C CB  . LEU A 1 63  ? -1.451  9.560   -8.743  1.00 23.86 ? 340 LEU A CB  1 
ATOM   481  C CG  . LEU A 1 63  ? -2.096  9.547   -7.350  1.00 25.81 ? 340 LEU A CG  1 
ATOM   482  C CD1 . LEU A 1 63  ? -1.057  9.228   -6.292  1.00 25.37 ? 340 LEU A CD1 1 
ATOM   483  C CD2 . LEU A 1 63  ? -2.741  10.904  -7.076  1.00 26.10 ? 340 LEU A CD2 1 
ATOM   484  N N   . SER A 1 64  ? -1.515  10.821  -11.915 1.00 29.22 ? 341 SER A N   1 
ATOM   485  C CA  . SER A 1 64  ? -0.894  10.806  -13.239 1.00 31.03 ? 341 SER A CA  1 
ATOM   486  C C   . SER A 1 64  ? 0.353   11.674  -13.388 1.00 33.45 ? 341 SER A C   1 
ATOM   487  O O   . SER A 1 64  ? 1.228   11.369  -14.198 1.00 34.10 ? 341 SER A O   1 
ATOM   488  C CB  . SER A 1 64  ? -1.920  11.222  -14.299 1.00 37.10 ? 341 SER A CB  1 
ATOM   489  O OG  . SER A 1 64  ? -2.986  10.289  -14.376 1.00 39.94 ? 341 SER A OG  1 
ATOM   490  N N   . GLU A 1 65  ? 0.436   12.758  -12.626 1.00 26.98 ? 342 GLU A N   1 
ATOM   491  C CA  . GLU A 1 65  ? 1.602   13.636  -12.706 1.00 29.56 ? 342 GLU A CA  1 
ATOM   492  C C   . GLU A 1 65  ? 1.847   14.364  -11.392 1.00 29.04 ? 342 GLU A C   1 
ATOM   493  O O   . GLU A 1 65  ? 1.035   14.285  -10.470 1.00 28.70 ? 342 GLU A O   1 
ATOM   494  C CB  . GLU A 1 65  ? 1.428   14.657  -13.835 1.00 51.56 ? 342 GLU A CB  1 
ATOM   495  C CG  . GLU A 1 65  ? 0.290   15.649  -13.636 1.00 55.09 ? 342 GLU A CG  1 
ATOM   496  C CD  . GLU A 1 65  ? -1.081  15.014  -13.757 1.00 57.61 ? 342 GLU A CD  1 
ATOM   497  O OE1 . GLU A 1 65  ? -1.388  14.452  -14.831 1.00 59.34 ? 342 GLU A OE1 1 
ATOM   498  O OE2 . GLU A 1 65  ? -1.856  15.079  -12.780 1.00 59.83 ? 342 GLU A OE2 1 
ATOM   499  N N   . GLY A 1 66  ? 2.979   15.059  -11.310 1.00 32.54 ? 343 GLY A N   1 
ATOM   500  C CA  . GLY A 1 66  ? 3.317   15.807  -10.109 1.00 31.73 ? 343 GLY A CA  1 
ATOM   501  C C   . GLY A 1 66  ? 3.865   14.982  -8.960  1.00 31.09 ? 343 GLY A C   1 
ATOM   502  O O   . GLY A 1 66  ? 4.185   13.803  -9.122  1.00 30.29 ? 343 GLY A O   1 
ATOM   503  N N   . GLU A 1 67  ? 3.980   15.615  -7.795  1.00 33.71 ? 344 GLU A N   1 
ATOM   504  C CA  . GLU A 1 67  ? 4.480   14.957  -6.593  1.00 33.32 ? 344 GLU A CA  1 
ATOM   505  C C   . GLU A 1 67  ? 3.311   14.709  -5.644  1.00 31.98 ? 344 GLU A C   1 
ATOM   506  O O   . GLU A 1 67  ? 2.388   15.519  -5.559  1.00 31.02 ? 344 GLU A O   1 
ATOM   507  C CB  . GLU A 1 67  ? 5.529   15.825  -5.889  1.00 42.50 ? 344 GLU A CB  1 
ATOM   508  C CG  . GLU A 1 67  ? 6.748   16.167  -6.734  1.00 47.05 ? 344 GLU A CG  1 
ATOM   509  C CD  . GLU A 1 67  ? 6.484   17.285  -7.724  1.00 50.18 ? 344 GLU A CD  1 
ATOM   510  O OE1 . GLU A 1 67  ? 6.202   18.419  -7.279  1.00 52.34 ? 344 GLU A OE1 1 
ATOM   511  O OE2 . GLU A 1 67  ? 6.559   17.031  -8.944  1.00 52.77 ? 344 GLU A OE2 1 
ATOM   512  N N   . HIS A 1 68  ? 3.356   13.588  -4.934  1.00 26.95 ? 345 HIS A N   1 
ATOM   513  C CA  . HIS A 1 68  ? 2.291   13.236  -4.001  1.00 24.63 ? 345 HIS A CA  1 
ATOM   514  C C   . HIS A 1 68  ? 2.868   12.538  -2.778  1.00 22.08 ? 345 HIS A C   1 
ATOM   515  O O   . HIS A 1 68  ? 3.878   11.844  -2.870  1.00 24.65 ? 345 HIS A O   1 
ATOM   516  C CB  . HIS A 1 68  ? 1.288   12.310  -4.689  1.00 25.57 ? 345 HIS A CB  1 
ATOM   517  C CG  . HIS A 1 68  ? 0.695   12.888  -5.935  1.00 27.37 ? 345 HIS A CG  1 
ATOM   518  N ND1 . HIS A 1 68  ? -0.374  13.759  -5.917  1.00 28.40 ? 345 HIS A ND1 1 
ATOM   519  C CD2 . HIS A 1 68  ? 1.052   12.756  -7.235  1.00 28.43 ? 345 HIS A CD2 1 
ATOM   520  C CE1 . HIS A 1 68  ? -0.650  14.137  -7.152  1.00 28.60 ? 345 HIS A CE1 1 
ATOM   521  N NE2 . HIS A 1 68  ? 0.200   13.545  -7.971  1.00 27.90 ? 345 HIS A NE2 1 
ATOM   522  N N   . TYR A 1 69  ? 2.225   12.734  -1.635  1.00 20.69 ? 346 TYR A N   1 
ATOM   523  C CA  . TYR A 1 69  ? 2.662   12.110  -0.392  1.00 20.01 ? 346 TYR A CA  1 
ATOM   524  C C   . TYR A 1 69  ? 1.457   11.727  0.458   1.00 20.38 ? 346 TYR A C   1 
ATOM   525  O O   . TYR A 1 69  ? 0.559   12.535  0.678   1.00 21.03 ? 346 TYR A O   1 
ATOM   526  C CB  . TYR A 1 69  ? 3.555   13.071  0.408   1.00 20.90 ? 346 TYR A CB  1 
ATOM   527  C CG  . TYR A 1 69  ? 4.013   12.506  1.734   1.00 21.22 ? 346 TYR A CG  1 
ATOM   528  C CD1 . TYR A 1 69  ? 4.984   11.507  1.788   1.00 21.38 ? 346 TYR A CD1 1 
ATOM   529  C CD2 . TYR A 1 69  ? 3.437   12.932  2.932   1.00 21.96 ? 346 TYR A CD2 1 
ATOM   530  C CE1 . TYR A 1 69  ? 5.369   10.939  3.004   1.00 21.54 ? 346 TYR A CE1 1 
ATOM   531  C CE2 . TYR A 1 69  ? 3.813   12.373  4.154   1.00 21.33 ? 346 TYR A CE2 1 
ATOM   532  C CZ  . TYR A 1 69  ? 4.774   11.377  4.181   1.00 20.31 ? 346 TYR A CZ  1 
ATOM   533  O OH  . TYR A 1 69  ? 5.122   10.794  5.374   1.00 21.84 ? 346 TYR A OH  1 
ATOM   534  N N   . TRP A 1 70  ? 1.419   10.484  0.920   1.00 18.30 ? 347 TRP A N   1 
ATOM   535  C CA  . TRP A 1 70  ? 0.330   10.058  1.784   1.00 18.05 ? 347 TRP A CA  1 
ATOM   536  C C   . TRP A 1 70  ? 0.876   9.137   2.862   1.00 17.16 ? 347 TRP A C   1 
ATOM   537  O O   . TRP A 1 70  ? 1.984   8.607   2.733   1.00 18.99 ? 347 TRP A O   1 
ATOM   538  C CB  . TRP A 1 70  ? -0.803  9.390   0.983   1.00 17.70 ? 347 TRP A CB  1 
ATOM   539  C CG  . TRP A 1 70  ? -0.479  8.116   0.256   1.00 16.63 ? 347 TRP A CG  1 
ATOM   540  C CD1 . TRP A 1 70  ? -0.800  6.843   0.652   1.00 14.25 ? 347 TRP A CD1 1 
ATOM   541  C CD2 . TRP A 1 70  ? 0.111   7.994   -1.045  1.00 17.05 ? 347 TRP A CD2 1 
ATOM   542  N NE1 . TRP A 1 70  ? -0.462  5.943   -0.333  1.00 13.57 ? 347 TRP A NE1 1 
ATOM   543  C CE2 . TRP A 1 70  ? 0.098   6.618   -1.384  1.00 16.81 ? 347 TRP A CE2 1 
ATOM   544  C CE3 . TRP A 1 70  ? 0.644   8.914   -1.964  1.00 17.94 ? 347 TRP A CE3 1 
ATOM   545  C CZ2 . TRP A 1 70  ? 0.598   6.139   -2.601  1.00 16.99 ? 347 TRP A CZ2 1 
ATOM   546  C CZ3 . TRP A 1 70  ? 1.142   8.437   -3.177  1.00 18.82 ? 347 TRP A CZ3 1 
ATOM   547  C CH2 . TRP A 1 70  ? 1.114   7.058   -3.484  1.00 18.23 ? 347 TRP A CH2 1 
ATOM   548  N N   . GLU A 1 71  ? 0.114   8.980   3.940   1.00 16.25 ? 348 GLU A N   1 
ATOM   549  C CA  . GLU A 1 71  ? 0.542   8.137   5.048   1.00 16.17 ? 348 GLU A CA  1 
ATOM   550  C C   . GLU A 1 71  ? -0.506  7.096   5.401   1.00 14.69 ? 348 GLU A C   1 
ATOM   551  O O   . GLU A 1 71  ? -1.712  7.327   5.288   1.00 15.82 ? 348 GLU A O   1 
ATOM   552  C CB  . GLU A 1 71  ? 0.850   8.997   6.276   1.00 20.59 ? 348 GLU A CB  1 
ATOM   553  C CG  . GLU A 1 71  ? 1.909   10.059  6.009   1.00 24.20 ? 348 GLU A CG  1 
ATOM   554  C CD  . GLU A 1 71  ? 2.334   10.800  7.262   1.00 24.42 ? 348 GLU A CD  1 
ATOM   555  O OE1 . GLU A 1 71  ? 1.481   11.021  8.144   1.00 24.27 ? 348 GLU A OE1 1 
ATOM   556  O OE2 . GLU A 1 71  ? 3.525   11.174  7.354   1.00 26.50 ? 348 GLU A OE2 1 
ATOM   557  N N   . VAL A 1 72  ? -0.028  5.944   5.842   1.00 14.62 ? 349 VAL A N   1 
ATOM   558  C CA  . VAL A 1 72  ? -0.912  4.854   6.206   1.00 13.94 ? 349 VAL A CA  1 
ATOM   559  C C   . VAL A 1 72  ? -0.530  4.322   7.574   1.00 14.74 ? 349 VAL A C   1 
ATOM   560  O O   . VAL A 1 72  ? 0.634   3.980   7.807   1.00 14.88 ? 349 VAL A O   1 
ATOM   561  C CB  . VAL A 1 72  ? -0.809  3.698   5.182   1.00 13.22 ? 349 VAL A CB  1 
ATOM   562  C CG1 . VAL A 1 72  ? -1.743  2.557   5.580   1.00 14.78 ? 349 VAL A CG1 1 
ATOM   563  C CG2 . VAL A 1 72  ? -1.161  4.210   3.784   1.00 14.20 ? 349 VAL A CG2 1 
ATOM   564  N N   . ASP A 1 73  ? -1.496  4.277   8.485   1.00 14.68 ? 350 ASP A N   1 
ATOM   565  C CA  . ASP A 1 73  ? -1.241  3.718   9.807   1.00 14.83 ? 350 ASP A CA  1 
ATOM   566  C C   . ASP A 1 73  ? -1.410  2.210   9.690   1.00 14.62 ? 350 ASP A C   1 
ATOM   567  O O   . ASP A 1 73  ? -2.448  1.720   9.218   1.00 15.65 ? 350 ASP A O   1 
ATOM   568  C CB  . ASP A 1 73  ? -2.221  4.254   10.860  1.00 15.33 ? 350 ASP A CB  1 
ATOM   569  C CG  . ASP A 1 73  ? -1.710  5.507   11.554  1.00 17.59 ? 350 ASP A CG  1 
ATOM   570  O OD1 . ASP A 1 73  ? -0.478  5.686   11.641  1.00 19.36 ? 350 ASP A OD1 1 
ATOM   571  O OD2 . ASP A 1 73  ? -2.543  6.296   12.034  1.00 19.47 ? 350 ASP A OD2 1 
ATOM   572  N N   . VAL A 1 74  ? -0.377  1.480   10.101  1.00 14.82 ? 351 VAL A N   1 
ATOM   573  C CA  . VAL A 1 74  ? -0.403  0.025   10.054  1.00 15.08 ? 351 VAL A CA  1 
ATOM   574  C C   . VAL A 1 74  ? -0.418  -0.549  11.465  1.00 15.39 ? 351 VAL A C   1 
ATOM   575  O O   . VAL A 1 74  ? -0.809  -1.694  11.667  1.00 16.04 ? 351 VAL A O   1 
ATOM   576  C CB  . VAL A 1 74  ? 0.811   -0.549  9.268   1.00 13.18 ? 351 VAL A CB  1 
ATOM   577  C CG1 . VAL A 1 74  ? 0.733   -0.116  7.797   1.00 12.12 ? 351 VAL A CG1 1 
ATOM   578  C CG2 . VAL A 1 74  ? 2.124   -0.076  9.885   1.00 14.23 ? 351 VAL A CG2 1 
ATOM   579  N N   . GLY A 1 75  ? -0.010  0.256   12.442  1.00 15.57 ? 352 GLY A N   1 
ATOM   580  C CA  . GLY A 1 75  ? 0.007   -0.213  13.817  1.00 16.83 ? 352 GLY A CA  1 
ATOM   581  C C   . GLY A 1 75  ? 0.857   -1.457  13.960  1.00 14.71 ? 352 GLY A C   1 
ATOM   582  O O   . GLY A 1 75  ? 1.944   -1.541  13.389  1.00 16.24 ? 352 GLY A O   1 
ATOM   583  N N   . ASP A 1 76  ? 0.347   -2.432  14.710  1.00 18.17 ? 353 ASP A N   1 
ATOM   584  C CA  . ASP A 1 76  ? 1.060   -3.684  14.929  1.00 18.46 ? 353 ASP A CA  1 
ATOM   585  C C   . ASP A 1 76  ? 0.587   -4.789  13.983  1.00 18.08 ? 353 ASP A C   1 
ATOM   586  O O   . ASP A 1 76  ? 0.809   -5.977  14.242  1.00 17.72 ? 353 ASP A O   1 
ATOM   587  C CB  . ASP A 1 76  ? 0.898   -4.130  16.390  1.00 24.20 ? 353 ASP A CB  1 
ATOM   588  C CG  . ASP A 1 76  ? -0.487  -4.673  16.693  1.00 27.52 ? 353 ASP A CG  1 
ATOM   589  O OD1 . ASP A 1 76  ? -1.466  -4.234  16.051  1.00 28.36 ? 353 ASP A OD1 1 
ATOM   590  O OD2 . ASP A 1 76  ? -0.598  -5.536  17.592  1.00 34.62 ? 353 ASP A OD2 1 
ATOM   591  N N   . LYS A 1 77  ? -0.061  -4.401  12.886  1.00 14.91 ? 354 LYS A N   1 
ATOM   592  C CA  . LYS A 1 77  ? -0.545  -5.367  11.900  1.00 15.72 ? 354 LYS A CA  1 
ATOM   593  C C   . LYS A 1 77  ? 0.670   -6.162  11.418  1.00 15.28 ? 354 LYS A C   1 
ATOM   594  O O   . LYS A 1 77  ? 1.651   -5.587  10.949  1.00 16.13 ? 354 LYS A O   1 
ATOM   595  C CB  . LYS A 1 77  ? -1.204  -4.635  10.728  1.00 14.17 ? 354 LYS A CB  1 
ATOM   596  C CG  . LYS A 1 77  ? -1.782  -5.560  9.668   1.00 16.75 ? 354 LYS A CG  1 
ATOM   597  C CD  . LYS A 1 77  ? -2.597  -4.760  8.656   1.00 17.23 ? 354 LYS A CD  1 
ATOM   598  C CE  . LYS A 1 77  ? -3.246  -5.650  7.618   1.00 18.62 ? 354 LYS A CE  1 
ATOM   599  N NZ  . LYS A 1 77  ? -4.131  -6.677  8.257   1.00 16.02 ? 354 LYS A NZ  1 
ATOM   600  N N   . PRO A 1 78  ? 0.609   -7.501  11.498  1.00 16.75 ? 355 PRO A N   1 
ATOM   601  C CA  . PRO A 1 78  ? 1.746   -8.326  11.077  1.00 17.76 ? 355 PRO A CA  1 
ATOM   602  C C   . PRO A 1 78  ? 2.014   -8.545  9.595   1.00 17.59 ? 355 PRO A C   1 
ATOM   603  O O   . PRO A 1 78  ? 3.137   -8.865  9.211   1.00 17.52 ? 355 PRO A O   1 
ATOM   604  C CB  . PRO A 1 78  ? 1.492   -9.640  11.805  1.00 19.25 ? 355 PRO A CB  1 
ATOM   605  C CG  . PRO A 1 78  ? 0.001   -9.742  11.750  1.00 19.00 ? 355 PRO A CG  1 
ATOM   606  C CD  . PRO A 1 78  ? -0.467  -8.334  12.068  1.00 18.39 ? 355 PRO A CD  1 
ATOM   607  N N   . ARG A 1 79  ? 0.997   -8.378  8.760   1.00 15.89 ? 356 ARG A N   1 
ATOM   608  C CA  . ARG A 1 79  ? 1.170   -8.605  7.331   1.00 16.00 ? 356 ARG A CA  1 
ATOM   609  C C   . ARG A 1 79  ? 0.377   -7.618  6.506   1.00 14.81 ? 356 ARG A C   1 
ATOM   610  O O   . ARG A 1 79  ? -0.830  -7.489  6.678   1.00 16.46 ? 356 ARG A O   1 
ATOM   611  C CB  . ARG A 1 79  ? 0.727   -10.021 6.955   1.00 27.62 ? 356 ARG A CB  1 
ATOM   612  C CG  . ARG A 1 79  ? 1.865   -10.992 6.710   1.00 36.64 ? 356 ARG A CG  1 
ATOM   613  C CD  . ARG A 1 79  ? 1.586   -11.847 5.481   1.00 39.83 ? 356 ARG A CD  1 
ATOM   614  N NE  . ARG A 1 79  ? 0.284   -12.504 5.552   1.00 42.63 ? 356 ARG A NE  1 
ATOM   615  C CZ  . ARG A 1 79  ? -0.284  -13.145 4.536   1.00 45.61 ? 356 ARG A CZ  1 
ATOM   616  N NH1 . ARG A 1 79  ? -1.473  -13.713 4.690   1.00 46.48 ? 356 ARG A NH1 1 
ATOM   617  N NH2 . ARG A 1 79  ? 0.333   -13.213 3.365   1.00 47.56 ? 356 ARG A NH2 1 
ATOM   618  N N   . TRP A 1 80  ? 1.068   -6.932  5.607   1.00 14.73 ? 357 TRP A N   1 
ATOM   619  C CA  . TRP A 1 80  ? 0.432   -5.949  4.742   1.00 13.63 ? 357 TRP A CA  1 
ATOM   620  C C   . TRP A 1 80  ? 1.359   -5.603  3.593   1.00 13.69 ? 357 TRP A C   1 
ATOM   621  O O   . TRP A 1 80  ? 2.527   -5.981  3.589   1.00 13.86 ? 357 TRP A O   1 
ATOM   622  C CB  . TRP A 1 80  ? 0.103   -4.661  5.519   1.00 14.32 ? 357 TRP A CB  1 
ATOM   623  C CG  . TRP A 1 80  ? 1.232   -4.096  6.365   1.00 12.99 ? 357 TRP A CG  1 
ATOM   624  C CD1 . TRP A 1 80  ? 1.350   -4.195  7.725   1.00 15.77 ? 357 TRP A CD1 1 
ATOM   625  C CD2 . TRP A 1 80  ? 2.365   -3.327  5.923   1.00 14.45 ? 357 TRP A CD2 1 
ATOM   626  N NE1 . TRP A 1 80  ? 2.477   -3.537  8.157   1.00 15.78 ? 357 TRP A NE1 1 
ATOM   627  C CE2 . TRP A 1 80  ? 3.122   -2.999  7.076   1.00 15.25 ? 357 TRP A CE2 1 
ATOM   628  C CE3 . TRP A 1 80  ? 2.817   -2.887  4.670   1.00 15.12 ? 357 TRP A CE3 1 
ATOM   629  C CZ2 . TRP A 1 80  ? 4.306   -2.251  7.013   1.00 14.64 ? 357 TRP A CZ2 1 
ATOM   630  C CZ3 . TRP A 1 80  ? 4.002   -2.137  4.610   1.00 15.15 ? 357 TRP A CZ3 1 
ATOM   631  C CH2 . TRP A 1 80  ? 4.728   -1.831  5.777   1.00 14.86 ? 357 TRP A CH2 1 
ATOM   632  N N   . ALA A 1 81  ? 0.833   -4.886  2.609   1.00 13.15 ? 358 ALA A N   1 
ATOM   633  C CA  . ALA A 1 81  ? 1.634   -4.447  1.478   1.00 12.28 ? 358 ALA A CA  1 
ATOM   634  C C   . ALA A 1 81  ? 1.055   -3.113  1.046   1.00 14.08 ? 358 ALA A C   1 
ATOM   635  O O   . ALA A 1 81  ? -0.166  -2.939  1.042   1.00 13.79 ? 358 ALA A O   1 
ATOM   636  C CB  . ALA A 1 81  ? 1.571   -5.458  0.337   1.00 16.38 ? 358 ALA A CB  1 
ATOM   637  N N   . LEU A 1 82  ? 1.932   -2.171  0.714   1.00 11.97 ? 359 LEU A N   1 
ATOM   638  C CA  . LEU A 1 82  ? 1.513   -0.836  0.318   1.00 12.44 ? 359 LEU A CA  1 
ATOM   639  C C   . LEU A 1 82  ? 2.317   -0.348  -0.870  1.00 12.98 ? 359 LEU A C   1 
ATOM   640  O O   . LEU A 1 82  ? 3.481   -0.704  -1.032  1.00 12.66 ? 359 LEU A O   1 
ATOM   641  C CB  . LEU A 1 82  ? 1.736   0.138   1.477   1.00 13.28 ? 359 LEU A CB  1 
ATOM   642  C CG  . LEU A 1 82  ? 1.004   -0.125  2.789   1.00 12.27 ? 359 LEU A CG  1 
ATOM   643  C CD1 . LEU A 1 82  ? 1.515   0.817   3.873   1.00 14.21 ? 359 LEU A CD1 1 
ATOM   644  C CD2 . LEU A 1 82  ? -0.491  0.078   2.568   1.00 15.42 ? 359 LEU A CD2 1 
ATOM   645  N N   . GLY A 1 83  ? 1.699   0.489   -1.696  1.00 12.63 ? 360 GLY A N   1 
ATOM   646  C CA  . GLY A 1 83  ? 2.420   1.035   -2.833  1.00 13.23 ? 360 GLY A CA  1 
ATOM   647  C C   . GLY A 1 83  ? 1.438   1.583   -3.837  1.00 14.04 ? 360 GLY A C   1 
ATOM   648  O O   . GLY A 1 83  ? 0.491   2.259   -3.455  1.00 13.05 ? 360 GLY A O   1 
ATOM   649  N N   . VAL A 1 84  ? 1.679   1.311   -5.115  1.00 13.77 ? 361 VAL A N   1 
ATOM   650  C CA  . VAL A 1 84  ? 0.758   1.752   -6.161  1.00 13.82 ? 361 VAL A CA  1 
ATOM   651  C C   . VAL A 1 84  ? 0.609   0.640   -7.173  1.00 14.97 ? 361 VAL A C   1 
ATOM   652  O O   . VAL A 1 84  ? 1.454   -0.255  -7.261  1.00 14.70 ? 361 VAL A O   1 
ATOM   653  C CB  . VAL A 1 84  ? 1.244   3.022   -6.908  1.00 15.23 ? 361 VAL A CB  1 
ATOM   654  C CG1 . VAL A 1 84  ? 1.474   4.143   -5.919  1.00 14.84 ? 361 VAL A CG1 1 
ATOM   655  C CG2 . VAL A 1 84  ? 2.510   2.728   -7.699  1.00 15.94 ? 361 VAL A CG2 1 
ATOM   656  N N   . ILE A 1 85  ? -0.489  0.689   -7.919  1.00 16.70 ? 362 ILE A N   1 
ATOM   657  C CA  . ILE A 1 85  ? -0.743  -0.287  -8.965  1.00 15.50 ? 362 ILE A CA  1 
ATOM   658  C C   . ILE A 1 85  ? -1.056  0.506   -10.227 1.00 16.42 ? 362 ILE A C   1 
ATOM   659  O O   . ILE A 1 85  ? -1.804  1.474   -10.178 1.00 17.87 ? 362 ILE A O   1 
ATOM   660  C CB  . ILE A 1 85  ? -1.938  -1.235  -8.605  1.00 13.98 ? 362 ILE A CB  1 
ATOM   661  C CG1 . ILE A 1 85  ? -2.088  -2.313  -9.686  1.00 14.03 ? 362 ILE A CG1 1 
ATOM   662  C CG2 . ILE A 1 85  ? -3.229  -0.430  -8.419  1.00 14.98 ? 362 ILE A CG2 1 
ATOM   663  C CD1 . ILE A 1 85  ? -3.132  -3.377  -9.355  1.00 15.04 ? 362 ILE A CD1 1 
ATOM   664  N N   . ALA A 1 86  ? -0.445  0.113   -11.341 1.00 16.15 ? 363 ALA A N   1 
ATOM   665  C CA  . ALA A 1 86  ? -0.681  0.787   -12.618 1.00 17.51 ? 363 ALA A CA  1 
ATOM   666  C C   . ALA A 1 86  ? -2.150  0.630   -12.994 1.00 17.57 ? 363 ALA A C   1 
ATOM   667  O O   . ALA A 1 86  ? -2.754  -0.407  -12.734 1.00 18.13 ? 363 ALA A O   1 
ATOM   668  C CB  . ALA A 1 86  ? 0.205   0.175   -13.700 1.00 17.18 ? 363 ALA A CB  1 
ATOM   669  N N   . ALA A 1 87  ? -2.717  1.655   -13.619 1.00 20.04 ? 364 ALA A N   1 
ATOM   670  C CA  . ALA A 1 87  ? -4.119  1.614   -14.020 1.00 21.35 ? 364 ALA A CA  1 
ATOM   671  C C   . ALA A 1 87  ? -4.417  0.496   -15.015 1.00 22.95 ? 364 ALA A C   1 
ATOM   672  O O   . ALA A 1 87  ? -5.520  -0.050  -15.028 1.00 23.52 ? 364 ALA A O   1 
ATOM   673  C CB  . ALA A 1 87  ? -4.532  2.960   -14.612 1.00 22.00 ? 364 ALA A CB  1 
ATOM   674  N N   . GLU A 1 88  ? -3.432  0.153   -15.840 1.00 25.62 ? 365 GLU A N   1 
ATOM   675  C CA  . GLU A 1 88  ? -3.587  -0.894  -16.850 1.00 27.92 ? 365 GLU A CA  1 
ATOM   676  C C   . GLU A 1 88  ? -3.230  -2.285  -16.327 1.00 27.09 ? 365 GLU A C   1 
ATOM   677  O O   . GLU A 1 88  ? -3.330  -3.274  -17.055 1.00 26.83 ? 365 GLU A O   1 
ATOM   678  C CB  . GLU A 1 88  ? -2.701  -0.583  -18.062 1.00 42.65 ? 365 GLU A CB  1 
ATOM   679  C CG  . GLU A 1 88  ? -3.037  0.710   -18.786 1.00 47.20 ? 365 GLU A CG  1 
ATOM   680  C CD  . GLU A 1 88  ? -4.206  0.565   -19.740 1.00 50.41 ? 365 GLU A CD  1 
ATOM   681  O OE1 . GLU A 1 88  ? -4.568  1.566   -20.393 1.00 53.27 ? 365 GLU A OE1 1 
ATOM   682  O OE2 . GLU A 1 88  ? -4.763  -0.549  -19.845 1.00 51.72 ? 365 GLU A OE2 1 
ATOM   683  N N   . ALA A 1 89  ? -2.809  -2.364  -15.070 1.00 21.42 ? 366 ALA A N   1 
ATOM   684  C CA  . ALA A 1 89  ? -2.428  -3.645  -14.490 1.00 20.48 ? 366 ALA A CA  1 
ATOM   685  C C   . ALA A 1 89  ? -3.636  -4.509  -14.135 1.00 20.05 ? 366 ALA A C   1 
ATOM   686  O O   . ALA A 1 89  ? -4.694  -3.997  -13.751 1.00 18.68 ? 366 ALA A O   1 
ATOM   687  C CB  . ALA A 1 89  ? -1.564  -3.416  -13.254 1.00 21.29 ? 366 ALA A CB  1 
ATOM   688  N N   . PRO A 1 90  ? -3.497  -5.837  -14.278 1.00 20.95 ? 367 PRO A N   1 
ATOM   689  C CA  . PRO A 1 90  ? -4.592  -6.756  -13.960 1.00 21.13 ? 367 PRO A CA  1 
ATOM   690  C C   . PRO A 1 90  ? -4.834  -6.827  -12.454 1.00 20.46 ? 367 PRO A C   1 
ATOM   691  O O   . PRO A 1 90  ? -3.889  -6.796  -11.666 1.00 21.20 ? 367 PRO A O   1 
ATOM   692  C CB  . PRO A 1 90  ? -4.108  -8.082  -14.540 1.00 29.98 ? 367 PRO A CB  1 
ATOM   693  C CG  . PRO A 1 90  ? -2.624  -7.991  -14.388 1.00 31.01 ? 367 PRO A CG  1 
ATOM   694  C CD  . PRO A 1 90  ? -2.339  -6.570  -14.822 1.00 28.54 ? 367 PRO A CD  1 
ATOM   695  N N   . ARG A 1 91  ? -6.102  -6.901  -12.061 1.00 19.37 ? 368 ARG A N   1 
ATOM   696  C CA  . ARG A 1 91  ? -6.474  -6.982  -10.652 1.00 19.58 ? 368 ARG A CA  1 
ATOM   697  C C   . ARG A 1 91  ? -7.160  -8.305  -10.342 1.00 19.54 ? 368 ARG A C   1 
ATOM   698  O O   . ARG A 1 91  ? -7.481  -8.595  -9.187  1.00 18.90 ? 368 ARG A O   1 
ATOM   699  C CB  . ARG A 1 91  ? -7.431  -5.845  -10.284 1.00 21.21 ? 368 ARG A CB  1 
ATOM   700  C CG  . ARG A 1 91  ? -6.885  -4.452  -10.519 1.00 21.51 ? 368 ARG A CG  1 
ATOM   701  C CD  . ARG A 1 91  ? -7.894  -3.406  -10.069 1.00 18.89 ? 368 ARG A CD  1 
ATOM   702  N NE  . ARG A 1 91  ? -7.397  -2.050  -10.280 1.00 20.19 ? 368 ARG A NE  1 
ATOM   703  C CZ  . ARG A 1 91  ? -8.092  -0.949  -10.012 1.00 18.48 ? 368 ARG A CZ  1 
ATOM   704  N NH1 . ARG A 1 91  ? -9.316  -1.042  -9.510  1.00 18.34 ? 368 ARG A NH1 1 
ATOM   705  N NH2 . ARG A 1 91  ? -7.571  0.248   -10.259 1.00 18.93 ? 368 ARG A NH2 1 
ATOM   706  N N   . ARG A 1 92  ? -7.387  -9.107  -11.378 1.00 21.18 ? 369 ARG A N   1 
ATOM   707  C CA  . ARG A 1 92  ? -8.064  -10.387 -11.205 1.00 22.73 ? 369 ARG A CA  1 
ATOM   708  C C   . ARG A 1 92  ? -7.110  -11.576 -11.199 1.00 20.76 ? 369 ARG A C   1 
ATOM   709  O O   . ARG A 1 92  ? -6.107  -11.594 -11.918 1.00 22.65 ? 369 ARG A O   1 
ATOM   710  C CB  . ARG A 1 92  ? -9.110  -10.567 -12.307 1.00 24.06 ? 369 ARG A CB  1 
ATOM   711  C CG  . ARG A 1 92  ? -10.061 -9.385  -12.448 1.00 25.26 ? 369 ARG A CG  1 
ATOM   712  C CD  . ARG A 1 92  ? -11.093 -9.321  -11.327 1.00 26.93 ? 369 ARG A CD  1 
ATOM   713  N NE  . ARG A 1 92  ? -12.059 -10.412 -11.423 1.00 27.86 ? 369 ARG A NE  1 
ATOM   714  C CZ  . ARG A 1 92  ? -13.243 -10.426 -10.818 1.00 28.26 ? 369 ARG A CZ  1 
ATOM   715  N NH1 . ARG A 1 92  ? -13.619 -9.405  -10.061 1.00 27.06 ? 369 ARG A NH1 1 
ATOM   716  N NH2 . ARG A 1 92  ? -14.058 -11.458 -10.985 1.00 27.17 ? 369 ARG A NH2 1 
ATOM   717  N N   . GLY A 1 93  ? -7.437  -12.565 -10.377 1.00 21.09 ? 370 GLY A N   1 
ATOM   718  C CA  . GLY A 1 93  ? -6.613  -13.752 -10.271 1.00 23.70 ? 370 GLY A CA  1 
ATOM   719  C C   . GLY A 1 93  ? -5.446  -13.526 -9.334  1.00 24.58 ? 370 GLY A C   1 
ATOM   720  O O   . GLY A 1 93  ? -5.346  -12.477 -8.699  1.00 24.99 ? 370 GLY A O   1 
ATOM   721  N N   . ARG A 1 94  ? -4.567  -14.513 -9.239  1.00 27.04 ? 371 ARG A N   1 
ATOM   722  C CA  . ARG A 1 94  ? -3.399  -14.408 -8.380  1.00 28.83 ? 371 ARG A CA  1 
ATOM   723  C C   . ARG A 1 94  ? -2.486  -13.358 -9.006  1.00 27.43 ? 371 ARG A C   1 
ATOM   724  O O   . ARG A 1 94  ? -2.136  -13.457 -10.181 1.00 28.61 ? 371 ARG A O   1 
ATOM   725  C CB  . ARG A 1 94  ? -2.695  -15.762 -8.310  1.00 34.44 ? 371 ARG A CB  1 
ATOM   726  C CG  . ARG A 1 94  ? -1.628  -15.883 -7.241  1.00 38.14 ? 371 ARG A CG  1 
ATOM   727  C CD  . ARG A 1 94  ? -1.256  -17.343 -7.070  1.00 40.11 ? 371 ARG A CD  1 
ATOM   728  N NE  . ARG A 1 94  ? -2.421  -18.129 -6.674  1.00 42.25 ? 371 ARG A NE  1 
ATOM   729  C CZ  . ARG A 1 94  ? -2.499  -19.454 -6.757  1.00 42.90 ? 371 ARG A CZ  1 
ATOM   730  N NH1 . ARG A 1 94  ? -1.475  -20.155 -7.225  1.00 43.82 ? 371 ARG A NH1 1 
ATOM   731  N NH2 . ARG A 1 94  ? -3.604  -20.076 -6.371  1.00 43.12 ? 371 ARG A NH2 1 
ATOM   732  N N   . LEU A 1 95  ? -2.112  -12.351 -8.227  1.00 24.96 ? 372 LEU A N   1 
ATOM   733  C CA  . LEU A 1 95  ? -1.263  -11.284 -8.738  1.00 24.28 ? 372 LEU A CA  1 
ATOM   734  C C   . LEU A 1 95  ? 0.219   -11.492 -8.461  1.00 23.48 ? 372 LEU A C   1 
ATOM   735  O O   . LEU A 1 95  ? 0.595   -12.124 -7.473  1.00 23.79 ? 372 LEU A O   1 
ATOM   736  C CB  . LEU A 1 95  ? -1.703  -9.940  -8.159  1.00 25.42 ? 372 LEU A CB  1 
ATOM   737  C CG  . LEU A 1 95  ? -3.140  -9.518  -8.482  1.00 25.59 ? 372 LEU A CG  1 
ATOM   738  C CD1 . LEU A 1 95  ? -3.368  -8.099  -7.993  1.00 25.86 ? 372 LEU A CD1 1 
ATOM   739  C CD2 . LEU A 1 95  ? -3.387  -9.611  -9.982  1.00 25.82 ? 372 LEU A CD2 1 
ATOM   740  N N   . HIS A 1 96  ? 1.053   -10.959 -9.350  1.00 20.97 ? 373 HIS A N   1 
ATOM   741  C CA  . HIS A 1 96  ? 2.501   -11.061 -9.212  1.00 20.56 ? 373 HIS A CA  1 
ATOM   742  C C   . HIS A 1 96  ? 3.042   -9.684  -8.855  1.00 18.46 ? 373 HIS A C   1 
ATOM   743  O O   . HIS A 1 96  ? 3.032   -8.769  -9.679  1.00 19.63 ? 373 HIS A O   1 
ATOM   744  C CB  . HIS A 1 96  ? 3.129   -11.553 -10.518 1.00 36.95 ? 373 HIS A CB  1 
ATOM   745  C CG  . HIS A 1 96  ? 2.608   -12.882 -10.970 1.00 41.58 ? 373 HIS A CG  1 
ATOM   746  N ND1 . HIS A 1 96  ? 1.332   -13.054 -11.462 1.00 43.92 ? 373 HIS A ND1 1 
ATOM   747  C CD2 . HIS A 1 96  ? 3.182   -14.109 -10.976 1.00 44.81 ? 373 HIS A CD2 1 
ATOM   748  C CE1 . HIS A 1 96  ? 1.142   -14.328 -11.751 1.00 44.90 ? 373 HIS A CE1 1 
ATOM   749  N NE2 . HIS A 1 96  ? 2.248   -14.991 -11.466 1.00 45.08 ? 373 HIS A NE2 1 
ATOM   750  N N   . ALA A 1 97  ? 3.522   -9.553  -7.622  1.00 19.61 ? 374 ALA A N   1 
ATOM   751  C CA  . ALA A 1 97  ? 4.036   -8.284  -7.124  1.00 18.96 ? 374 ALA A CA  1 
ATOM   752  C C   . ALA A 1 97  ? 5.434   -7.916  -7.602  1.00 18.41 ? 374 ALA A C   1 
ATOM   753  O O   . ALA A 1 97  ? 6.412   -8.033  -6.861  1.00 16.98 ? 374 ALA A O   1 
ATOM   754  C CB  . ALA A 1 97  ? 3.986   -8.272  -5.599  1.00 23.30 ? 374 ALA A CB  1 
ATOM   755  N N   . VAL A 1 98  ? 5.518   -7.478  -8.853  1.00 17.91 ? 375 VAL A N   1 
ATOM   756  C CA  . VAL A 1 98  ? 6.773   -7.036  -9.445  1.00 17.15 ? 375 VAL A CA  1 
ATOM   757  C C   . VAL A 1 98  ? 6.445   -5.832  -10.316 1.00 18.76 ? 375 VAL A C   1 
ATOM   758  O O   . VAL A 1 98  ? 5.381   -5.774  -10.944 1.00 17.21 ? 375 VAL A O   1 
ATOM   759  C CB  . VAL A 1 98  ? 7.456   -8.136  -10.298 1.00 19.78 ? 375 VAL A CB  1 
ATOM   760  C CG1 . VAL A 1 98  ? 7.851   -9.312  -9.410  1.00 21.24 ? 375 VAL A CG1 1 
ATOM   761  C CG2 . VAL A 1 98  ? 6.532   -8.586  -11.421 1.00 20.61 ? 375 VAL A CG2 1 
ATOM   762  N N   . PRO A 1 99  ? 7.346   -4.844  -10.355 1.00 17.95 ? 376 PRO A N   1 
ATOM   763  C CA  . PRO A 1 99  ? 7.136   -3.633  -11.151 1.00 18.80 ? 376 PRO A CA  1 
ATOM   764  C C   . PRO A 1 99  ? 6.721   -3.871  -12.602 1.00 18.11 ? 376 PRO A C   1 
ATOM   765  O O   . PRO A 1 99  ? 5.847   -3.172  -13.126 1.00 19.14 ? 376 PRO A O   1 
ATOM   766  C CB  . PRO A 1 99  ? 8.479   -2.919  -11.044 1.00 21.34 ? 376 PRO A CB  1 
ATOM   767  C CG  . PRO A 1 99  ? 8.928   -3.285  -9.663  1.00 18.77 ? 376 PRO A CG  1 
ATOM   768  C CD  . PRO A 1 99  ? 8.616   -4.769  -9.606  1.00 18.80 ? 376 PRO A CD  1 
ATOM   769  N N   . SER A 1 100 ? 7.342   -4.851  -13.249 1.00 18.35 ? 377 SER A N   1 
ATOM   770  C CA  . SER A 1 100 ? 7.025   -5.135  -14.648 1.00 18.80 ? 377 SER A CA  1 
ATOM   771  C C   . SER A 1 100 ? 5.549   -5.424  -14.882 1.00 20.16 ? 377 SER A C   1 
ATOM   772  O O   . SER A 1 100 ? 5.020   -5.133  -15.960 1.00 20.80 ? 377 SER A O   1 
ATOM   773  C CB  . SER A 1 100 ? 7.869   -6.303  -15.173 1.00 19.89 ? 377 SER A CB  1 
ATOM   774  O OG  . SER A 1 100 ? 7.637   -7.492  -14.444 1.00 20.94 ? 377 SER A OG  1 
ATOM   775  N N   . GLN A 1 101 ? 4.876   -5.981  -13.879 1.00 19.26 ? 378 GLN A N   1 
ATOM   776  C CA  . GLN A 1 101 ? 3.463   -6.290  -14.036 1.00 20.23 ? 378 GLN A CA  1 
ATOM   777  C C   . GLN A 1 101 ? 2.531   -5.254  -13.421 1.00 20.95 ? 378 GLN A C   1 
ATOM   778  O O   . GLN A 1 101 ? 1.342   -5.509  -13.223 1.00 22.20 ? 378 GLN A O   1 
ATOM   779  C CB  . GLN A 1 101 ? 3.166   -7.692  -13.503 1.00 20.65 ? 378 GLN A CB  1 
ATOM   780  C CG  . GLN A 1 101 ? 3.991   -8.749  -14.228 1.00 21.56 ? 378 GLN A CG  1 
ATOM   781  C CD  . GLN A 1 101 ? 3.492   -10.164 -14.029 1.00 22.58 ? 378 GLN A CD  1 
ATOM   782  O OE1 . GLN A 1 101 ? 4.239   -11.121 -14.237 1.00 24.19 ? 378 GLN A OE1 1 
ATOM   783  N NE2 . GLN A 1 101 ? 2.230   -10.306 -13.643 1.00 20.86 ? 378 GLN A NE2 1 
ATOM   784  N N   . GLY A 1 102 ? 3.086   -4.085  -13.112 1.00 18.53 ? 379 GLY A N   1 
ATOM   785  C CA  . GLY A 1 102 ? 2.288   -2.989  -12.593 1.00 18.17 ? 379 GLY A CA  1 
ATOM   786  C C   . GLY A 1 102 ? 2.127   -2.797  -11.098 1.00 16.02 ? 379 GLY A C   1 
ATOM   787  O O   . GLY A 1 102 ? 1.285   -2.010  -10.672 1.00 16.98 ? 379 GLY A O   1 
ATOM   788  N N   . LEU A 1 103 ? 2.922   -3.494  -10.297 1.00 16.27 ? 380 LEU A N   1 
ATOM   789  C CA  . LEU A 1 103 ? 2.823   -3.357  -8.849  1.00 15.46 ? 380 LEU A CA  1 
ATOM   790  C C   . LEU A 1 103 ? 4.157   -2.921  -8.271  1.00 16.11 ? 380 LEU A C   1 
ATOM   791  O O   . LEU A 1 103 ? 5.184   -3.528  -8.559  1.00 16.48 ? 380 LEU A O   1 
ATOM   792  C CB  . LEU A 1 103 ? 2.395   -4.690  -8.229  1.00 15.87 ? 380 LEU A CB  1 
ATOM   793  C CG  . LEU A 1 103 ? 0.901   -5.016  -8.327  1.00 18.52 ? 380 LEU A CG  1 
ATOM   794  C CD1 . LEU A 1 103 ? 0.642   -6.490  -8.012  1.00 19.50 ? 380 LEU A CD1 1 
ATOM   795  C CD2 . LEU A 1 103 ? 0.148   -4.114  -7.359  1.00 20.06 ? 380 LEU A CD2 1 
ATOM   796  N N   . TRP A 1 104 ? 4.131   -1.857  -7.474  1.00 14.33 ? 381 TRP A N   1 
ATOM   797  C CA  . TRP A 1 104 ? 5.334   -1.317  -6.832  1.00 15.49 ? 381 TRP A CA  1 
ATOM   798  C C   . TRP A 1 104 ? 5.016   -1.322  -5.349  1.00 13.57 ? 381 TRP A C   1 
ATOM   799  O O   . TRP A 1 104 ? 4.361   -0.412  -4.842  1.00 14.35 ? 381 TRP A O   1 
ATOM   800  C CB  . TRP A 1 104 ? 5.583   0.110   -7.319  1.00 18.65 ? 381 TRP A CB  1 
ATOM   801  C CG  . TRP A 1 104 ? 6.014   0.197   -8.754  1.00 23.79 ? 381 TRP A CG  1 
ATOM   802  C CD1 . TRP A 1 104 ? 7.296   0.218   -9.231  1.00 25.14 ? 381 TRP A CD1 1 
ATOM   803  C CD2 . TRP A 1 104 ? 5.159   0.279   -9.898  1.00 27.50 ? 381 TRP A CD2 1 
ATOM   804  N NE1 . TRP A 1 104 ? 7.289   0.311   -10.602 1.00 28.96 ? 381 TRP A NE1 1 
ATOM   805  C CE2 . TRP A 1 104 ? 5.991   0.349   -11.038 1.00 27.09 ? 381 TRP A CE2 1 
ATOM   806  C CE3 . TRP A 1 104 ? 3.769   0.301   -10.072 1.00 28.24 ? 381 TRP A CE3 1 
ATOM   807  C CZ2 . TRP A 1 104 ? 5.479   0.440   -12.336 1.00 30.18 ? 381 TRP A CZ2 1 
ATOM   808  C CZ3 . TRP A 1 104 ? 3.258   0.391   -11.364 1.00 30.77 ? 381 TRP A CZ3 1 
ATOM   809  C CH2 . TRP A 1 104 ? 4.114   0.459   -12.478 1.00 30.90 ? 381 TRP A CH2 1 
ATOM   810  N N   . LEU A 1 105 ? 5.492   -2.345  -4.644  1.00 14.30 ? 382 LEU A N   1 
ATOM   811  C CA  . LEU A 1 105 ? 5.143   -2.487  -3.240  1.00 13.99 ? 382 LEU A CA  1 
ATOM   812  C C   . LEU A 1 105 ? 6.243   -2.717  -2.235  1.00 15.51 ? 382 LEU A C   1 
ATOM   813  O O   . LEU A 1 105 ? 7.291   -3.273  -2.550  1.00 14.88 ? 382 LEU A O   1 
ATOM   814  C CB  . LEU A 1 105 ? 4.185   -3.664  -3.059  1.00 15.69 ? 382 LEU A CB  1 
ATOM   815  C CG  . LEU A 1 105 ? 2.970   -3.835  -3.963  1.00 18.89 ? 382 LEU A CG  1 
ATOM   816  C CD1 . LEU A 1 105 ? 2.131   -2.577  -3.921  1.00 18.86 ? 382 LEU A CD1 1 
ATOM   817  C CD2 . LEU A 1 105 ? 3.419   -4.145  -5.366  1.00 26.11 ? 382 LEU A CD2 1 
ATOM   818  N N   . LEU A 1 106 ? 5.938   -2.293  -1.013  1.00 14.66 ? 383 LEU A N   1 
ATOM   819  C CA  . LEU A 1 106 ? 6.770   -2.502  0.163   1.00 14.97 ? 383 LEU A CA  1 
ATOM   820  C C   . LEU A 1 106 ? 5.804   -3.304  1.027   1.00 14.61 ? 383 LEU A C   1 
ATOM   821  O O   . LEU A 1 106 ? 4.614   -2.972  1.102   1.00 15.31 ? 383 LEU A O   1 
ATOM   822  C CB  . LEU A 1 106 ? 7.080   -1.185  0.874   1.00 16.73 ? 383 LEU A CB  1 
ATOM   823  C CG  . LEU A 1 106 ? 7.687   -1.399  2.266   1.00 19.07 ? 383 LEU A CG  1 
ATOM   824  C CD1 . LEU A 1 106 ? 9.106   -1.927  2.122   1.00 21.80 ? 383 LEU A CD1 1 
ATOM   825  C CD2 . LEU A 1 106 ? 7.662   -0.087  3.051   1.00 21.67 ? 383 LEU A CD2 1 
ATOM   826  N N   . GLY A 1 107 ? 6.285   -4.361  1.664   1.00 14.69 ? 384 GLY A N   1 
ATOM   827  C CA  . GLY A 1 107 ? 5.394   -5.141  2.499   1.00 15.63 ? 384 GLY A CA  1 
ATOM   828  C C   . GLY A 1 107 ? 6.042   -5.612  3.780   1.00 15.21 ? 384 GLY A C   1 
ATOM   829  O O   . GLY A 1 107 ? 7.253   -5.459  3.974   1.00 16.71 ? 384 GLY A O   1 
ATOM   830  N N   . LEU A 1 108 ? 5.223   -6.172  4.658   1.00 13.55 ? 385 LEU A N   1 
ATOM   831  C CA  . LEU A 1 108 ? 5.688   -6.710  5.931   1.00 15.49 ? 385 LEU A CA  1 
ATOM   832  C C   . LEU A 1 108 ? 5.138   -8.121  6.088   1.00 15.99 ? 385 LEU A C   1 
ATOM   833  O O   . LEU A 1 108 ? 3.998   -8.393  5.714   1.00 14.74 ? 385 LEU A O   1 
ATOM   834  C CB  . LEU A 1 108 ? 5.191   -5.851  7.101   1.00 16.59 ? 385 LEU A CB  1 
ATOM   835  C CG  . LEU A 1 108 ? 5.639   -6.329  8.488   1.00 15.75 ? 385 LEU A CG  1 
ATOM   836  C CD1 . LEU A 1 108 ? 7.138   -6.074  8.656   1.00 18.52 ? 385 LEU A CD1 1 
ATOM   837  C CD2 . LEU A 1 108 ? 4.858   -5.600  9.561   1.00 17.78 ? 385 LEU A CD2 1 
ATOM   838  N N   . ARG A 1 109 ? 5.958   -9.019  6.627   1.00 19.68 ? 386 ARG A N   1 
ATOM   839  C CA  . ARG A 1 109 ? 5.541   -10.396 6.872   1.00 23.66 ? 386 ARG A CA  1 
ATOM   840  C C   . ARG A 1 109 ? 5.965   -10.783 8.281   1.00 25.91 ? 386 ARG A C   1 
ATOM   841  O O   . ARG A 1 109 ? 6.982   -10.303 8.774   1.00 23.29 ? 386 ARG A O   1 
ATOM   842  C CB  . ARG A 1 109 ? 6.185   -11.358 5.870   1.00 32.64 ? 386 ARG A CB  1 
ATOM   843  C CG  . ARG A 1 109 ? 5.683   -11.212 4.448   1.00 36.00 ? 386 ARG A CG  1 
ATOM   844  C CD  . ARG A 1 109 ? 6.185   -12.340 3.547   1.00 37.00 ? 386 ARG A CD  1 
ATOM   845  N NE  . ARG A 1 109 ? 7.644   -12.394 3.458   1.00 39.28 ? 386 ARG A NE  1 
ATOM   846  C CZ  . ARG A 1 109 ? 8.427   -13.094 4.272   1.00 37.49 ? 386 ARG A CZ  1 
ATOM   847  N NH1 . ARG A 1 109 ? 7.903   -13.819 5.251   1.00 42.85 ? 386 ARG A NH1 1 
ATOM   848  N NH2 . ARG A 1 109 ? 9.744   -13.066 4.109   1.00 39.58 ? 386 ARG A NH2 1 
ATOM   849  N N   . GLU A 1 110 ? 5.175   -11.636 8.927   1.00 31.34 ? 387 GLU A N   1 
ATOM   850  C CA  . GLU A 1 110 ? 5.471   -12.100 10.283  1.00 33.47 ? 387 GLU A CA  1 
ATOM   851  C C   . GLU A 1 110 ? 5.617   -10.967 11.294  1.00 34.40 ? 387 GLU A C   1 
ATOM   852  O O   . GLU A 1 110 ? 6.156   -11.164 12.387  1.00 35.34 ? 387 GLU A O   1 
ATOM   853  C CB  . GLU A 1 110 ? 6.753   -12.935 10.274  1.00 41.13 ? 387 GLU A CB  1 
ATOM   854  C CG  . GLU A 1 110 ? 6.771   -14.016 9.209   1.00 44.09 ? 387 GLU A CG  1 
ATOM   855  C CD  . GLU A 1 110 ? 5.623   -14.994 9.347   1.00 47.57 ? 387 GLU A CD  1 
ATOM   856  O OE1 . GLU A 1 110 ? 5.473   -15.860 8.459   1.00 50.49 ? 387 GLU A OE1 1 
ATOM   857  O OE2 . GLU A 1 110 ? 4.872   -14.905 10.342  1.00 48.47 ? 387 GLU A OE2 1 
ATOM   858  N N   . GLY A 1 111 ? 5.142   -9.783  10.927  1.00 34.19 ? 388 GLY A N   1 
ATOM   859  C CA  . GLY A 1 111 ? 5.232   -8.643  11.817  1.00 33.99 ? 388 GLY A CA  1 
ATOM   860  C C   . GLY A 1 111 ? 6.653   -8.173  12.068  1.00 34.29 ? 388 GLY A C   1 
ATOM   861  O O   . GLY A 1 111 ? 6.883   -7.328  12.933  1.00 35.73 ? 388 GLY A O   1 
ATOM   862  N N   . LYS A 1 112 ? 7.615   -8.701  11.318  1.00 32.23 ? 389 LYS A N   1 
ATOM   863  C CA  . LYS A 1 112 ? 8.996   -8.285  11.520  1.00 32.30 ? 389 LYS A CA  1 
ATOM   864  C C   . LYS A 1 112 ? 9.883   -8.234  10.287  1.00 28.73 ? 389 LYS A C   1 
ATOM   865  O O   . LYS A 1 112 ? 10.972  -7.664  10.337  1.00 30.39 ? 389 LYS A O   1 
ATOM   866  C CB  . LYS A 1 112 ? 9.651   -9.164  12.584  1.00 45.28 ? 389 LYS A CB  1 
ATOM   867  C CG  . LYS A 1 112 ? 9.381   -10.647 12.435  1.00 49.72 ? 389 LYS A CG  1 
ATOM   868  C CD  . LYS A 1 112 ? 9.990   -11.436 13.590  1.00 54.47 ? 389 LYS A CD  1 
ATOM   869  C CE  . LYS A 1 112 ? 9.473   -10.967 14.951  1.00 56.74 ? 389 LYS A CE  1 
ATOM   870  N NZ  . LYS A 1 112 ? 9.948   -9.603  15.330  1.00 58.49 ? 389 LYS A NZ  1 
ATOM   871  N N   . ILE A 1 113 ? 9.435   -8.818  9.181   1.00 21.52 ? 390 ILE A N   1 
ATOM   872  C CA  . ILE A 1 113 ? 10.243  -8.798  7.969   1.00 19.66 ? 390 ILE A CA  1 
ATOM   873  C C   . ILE A 1 113 ? 9.704   -7.802  6.952   1.00 18.55 ? 390 ILE A C   1 
ATOM   874  O O   . ILE A 1 113 ? 8.655   -8.025  6.352   1.00 18.11 ? 390 ILE A O   1 
ATOM   875  C CB  . ILE A 1 113 ? 10.309  -10.191 7.309   1.00 24.76 ? 390 ILE A CB  1 
ATOM   876  C CG1 . ILE A 1 113 ? 10.933  -11.194 8.284   1.00 26.13 ? 390 ILE A CG1 1 
ATOM   877  C CG2 . ILE A 1 113 ? 11.131  -10.122 6.027   1.00 27.39 ? 390 ILE A CG2 1 
ATOM   878  C CD1 . ILE A 1 113 ? 12.315  -10.790 8.774   1.00 29.05 ? 390 ILE A CD1 1 
ATOM   879  N N   . LEU A 1 114 ? 10.431  -6.702  6.783   1.00 19.33 ? 391 LEU A N   1 
ATOM   880  C CA  . LEU A 1 114 ? 10.067  -5.651  5.839   1.00 19.87 ? 391 LEU A CA  1 
ATOM   881  C C   . LEU A 1 114 ? 10.744  -6.022  4.529   1.00 19.53 ? 391 LEU A C   1 
ATOM   882  O O   . LEU A 1 114 ? 11.939  -6.315  4.504   1.00 20.06 ? 391 LEU A O   1 
ATOM   883  C CB  . LEU A 1 114 ? 10.598  -4.303  6.328   1.00 24.77 ? 391 LEU A CB  1 
ATOM   884  C CG  . LEU A 1 114 ? 10.000  -3.022  5.754   1.00 29.27 ? 391 LEU A CG  1 
ATOM   885  C CD1 . LEU A 1 114 ? 8.534   -2.909  6.161   1.00 27.71 ? 391 LEU A CD1 1 
ATOM   886  C CD2 . LEU A 1 114 ? 10.782  -1.825  6.283   1.00 31.52 ? 391 LEU A CD2 1 
ATOM   887  N N   . GLU A 1 115 ? 9.998   -6.021  3.433   1.00 18.33 ? 392 GLU A N   1 
ATOM   888  C CA  . GLU A 1 115 ? 10.606  -6.395  2.167   1.00 18.58 ? 392 GLU A CA  1 
ATOM   889  C C   . GLU A 1 115 ? 10.105  -5.576  0.992   1.00 17.67 ? 392 GLU A C   1 
ATOM   890  O O   . GLU A 1 115 ? 8.934   -5.203  0.926   1.00 18.68 ? 392 GLU A O   1 
ATOM   891  C CB  . GLU A 1 115 ? 10.389  -7.892  1.903   1.00 22.17 ? 392 GLU A CB  1 
ATOM   892  C CG  . GLU A 1 115 ? 8.938   -8.325  1.840   1.00 23.88 ? 392 GLU A CG  1 
ATOM   893  C CD  . GLU A 1 115 ? 8.759   -9.836  1.961   1.00 25.60 ? 392 GLU A CD  1 
ATOM   894  O OE1 . GLU A 1 115 ? 7.624   -10.309 1.752   1.00 29.35 ? 392 GLU A OE1 1 
ATOM   895  O OE2 . GLU A 1 115 ? 9.739   -10.547 2.270   1.00 28.01 ? 392 GLU A OE2 1 
ATOM   896  N N   . ALA A 1 116 ? 11.017  -5.282  0.078   1.00 14.85 ? 393 ALA A N   1 
ATOM   897  C CA  . ALA A 1 116 ? 10.676  -4.521  -1.117  1.00 14.41 ? 393 ALA A CA  1 
ATOM   898  C C   . ALA A 1 116 ? 10.431  -5.531  -2.226  1.00 15.77 ? 393 ALA A C   1 
ATOM   899  O O   . ALA A 1 116 ? 11.245  -6.428  -2.471  1.00 16.46 ? 393 ALA A O   1 
ATOM   900  C CB  . ALA A 1 116 ? 11.821  -3.583  -1.496  1.00 20.82 ? 393 ALA A CB  1 
ATOM   901  N N   . HIS A 1 117 ? 9.295   -5.402  -2.899  1.00 15.72 ? 394 HIS A N   1 
ATOM   902  C CA  . HIS A 1 117 ? 8.978   -6.333  -3.964  1.00 16.29 ? 394 HIS A CA  1 
ATOM   903  C C   . HIS A 1 117 ? 9.604   -5.885  -5.277  1.00 17.95 ? 394 HIS A C   1 
ATOM   904  O O   . HIS A 1 117 ? 8.950   -5.322  -6.158  1.00 16.93 ? 394 HIS A O   1 
ATOM   905  C CB  . HIS A 1 117 ? 7.463   -6.507  -4.056  1.00 17.83 ? 394 HIS A CB  1 
ATOM   906  C CG  . HIS A 1 117 ? 6.901   -7.289  -2.910  1.00 17.24 ? 394 HIS A CG  1 
ATOM   907  N ND1 . HIS A 1 117 ? 6.679   -6.735  -1.668  1.00 19.53 ? 394 HIS A ND1 1 
ATOM   908  C CD2 . HIS A 1 117 ? 6.631   -8.610  -2.786  1.00 17.18 ? 394 HIS A CD2 1 
ATOM   909  C CE1 . HIS A 1 117 ? 6.298   -7.682  -0.828  1.00 18.23 ? 394 HIS A CE1 1 
ATOM   910  N NE2 . HIS A 1 117 ? 6.261   -8.829  -1.480  1.00 20.23 ? 394 HIS A NE2 1 
ATOM   911  N N   . VAL A 1 118 ? 10.908  -6.126  -5.359  1.00 17.36 ? 395 VAL A N   1 
ATOM   912  C CA  . VAL A 1 118 ? 11.717  -5.771  -6.516  1.00 18.40 ? 395 VAL A CA  1 
ATOM   913  C C   . VAL A 1 118 ? 11.527  -6.752  -7.662  1.00 18.82 ? 395 VAL A C   1 
ATOM   914  O O   . VAL A 1 118 ? 10.939  -7.821  -7.497  1.00 19.86 ? 395 VAL A O   1 
ATOM   915  C CB  . VAL A 1 118 ? 13.215  -5.738  -6.140  1.00 19.13 ? 395 VAL A CB  1 
ATOM   916  C CG1 . VAL A 1 118 ? 13.455  -4.687  -5.079  1.00 22.45 ? 395 VAL A CG1 1 
ATOM   917  C CG2 . VAL A 1 118 ? 13.653  -7.109  -5.628  1.00 20.71 ? 395 VAL A CG2 1 
ATOM   918  N N   . GLU A 1 119 ? 12.031  -6.373  -8.829  1.00 18.78 ? 396 GLU A N   1 
ATOM   919  C CA  . GLU A 1 119 ? 11.930  -7.221  -10.012 1.00 21.21 ? 396 GLU A CA  1 
ATOM   920  C C   . GLU A 1 119 ? 12.894  -8.386  -9.807  1.00 24.77 ? 396 GLU A C   1 
ATOM   921  O O   . GLU A 1 119 ? 14.078  -8.284  -10.123 1.00 27.38 ? 396 GLU A O   1 
ATOM   922  C CB  . GLU A 1 119 ? 12.320  -6.425  -11.259 1.00 21.16 ? 396 GLU A CB  1 
ATOM   923  C CG  . GLU A 1 119 ? 11.922  -7.065  -12.586 1.00 20.37 ? 396 GLU A CG  1 
ATOM   924  C CD  . GLU A 1 119 ? 10.422  -7.063  -12.807 1.00 18.94 ? 396 GLU A CD  1 
ATOM   925  O OE1 . GLU A 1 119 ? 9.784   -6.027  -12.511 1.00 18.86 ? 396 GLU A OE1 1 
ATOM   926  O OE2 . GLU A 1 119 ? 9.882   -8.091  -13.279 1.00 19.82 ? 396 GLU A OE2 1 
ATOM   927  N N   . ALA A 1 120 ? 12.377  -9.476  -9.252  1.00 40.12 ? 397 ALA A N   1 
ATOM   928  C CA  . ALA A 1 120 ? 13.167  -10.674 -8.987  1.00 44.24 ? 397 ALA A CA  1 
ATOM   929  C C   . ALA A 1 120 ? 12.217  -11.779 -8.544  1.00 47.06 ? 397 ALA A C   1 
ATOM   930  O O   . ALA A 1 120 ? 11.013  -11.554 -8.428  1.00 48.28 ? 397 ALA A O   1 
ATOM   931  C CB  . ALA A 1 120 ? 14.195  -10.394 -7.897  1.00 40.09 ? 397 ALA A CB  1 
ATOM   932  N N   . LYS A 1 121 ? 12.751  -12.971 -8.296  1.00 55.64 ? 398 LYS A N   1 
ATOM   933  C CA  . LYS A 1 121 ? 11.906  -14.079 -7.870  1.00 57.92 ? 398 LYS A CA  1 
ATOM   934  C C   . LYS A 1 121 ? 11.685  -14.045 -6.361  1.00 56.94 ? 398 LYS A C   1 
ATOM   935  O O   . LYS A 1 121 ? 10.795  -14.718 -5.841  1.00 58.83 ? 398 LYS A O   1 
ATOM   936  C CB  . LYS A 1 121 ? 12.528  -15.418 -8.279  1.00 54.62 ? 398 LYS A CB  1 
ATOM   937  C CG  . LYS A 1 121 ? 11.574  -16.599 -8.155  1.00 59.27 ? 398 LYS A CG  1 
ATOM   938  C CD  . LYS A 1 121 ? 10.340  -16.401 -9.029  1.00 63.54 ? 398 LYS A CD  1 
ATOM   939  C CE  . LYS A 1 121 ? 9.370   -17.566 -8.905  1.00 65.91 ? 398 LYS A CE  1 
ATOM   940  N NZ  . LYS A 1 121 ? 8.892   -17.747 -7.506  1.00 67.69 ? 398 LYS A NZ  1 
ATOM   941  N N   . GLU A 1 122 ? 12.498  -13.256 -5.664  1.00 37.70 ? 399 GLU A N   1 
ATOM   942  C CA  . GLU A 1 122 ? 12.379  -13.132 -4.214  1.00 34.77 ? 399 GLU A CA  1 
ATOM   943  C C   . GLU A 1 122 ? 12.468  -11.682 -3.748  1.00 31.10 ? 399 GLU A C   1 
ATOM   944  O O   . GLU A 1 122 ? 13.352  -10.931 -4.166  1.00 30.10 ? 399 GLU A O   1 
ATOM   945  C CB  . GLU A 1 122 ? 13.460  -13.958 -3.514  1.00 51.25 ? 399 GLU A CB  1 
ATOM   946  C CG  . GLU A 1 122 ? 13.297  -15.458 -3.680  1.00 55.83 ? 399 GLU A CG  1 
ATOM   947  C CD  . GLU A 1 122 ? 14.346  -16.245 -2.921  1.00 58.07 ? 399 GLU A CD  1 
ATOM   948  O OE1 . GLU A 1 122 ? 14.464  -16.047 -1.693  1.00 59.29 ? 399 GLU A OE1 1 
ATOM   949  O OE2 . GLU A 1 122 ? 15.050  -17.063 -3.551  1.00 59.61 ? 399 GLU A OE2 1 
ATOM   950  N N   . PRO A 1 123 ? 11.540  -11.265 -2.873  1.00 30.59 ? 400 PRO A N   1 
ATOM   951  C CA  . PRO A 1 123 ? 11.546  -9.891  -2.365  1.00 28.08 ? 400 PRO A CA  1 
ATOM   952  C C   . PRO A 1 123 ? 12.852  -9.587  -1.636  1.00 27.25 ? 400 PRO A C   1 
ATOM   953  O O   . PRO A 1 123 ? 13.499  -10.491 -1.102  1.00 27.67 ? 400 PRO A O   1 
ATOM   954  C CB  . PRO A 1 123 ? 10.345  -9.868  -1.426  1.00 23.32 ? 400 PRO A CB  1 
ATOM   955  C CG  . PRO A 1 123 ? 9.404   -10.854 -2.060  1.00 23.91 ? 400 PRO A CG  1 
ATOM   956  C CD  . PRO A 1 123 ? 10.333  -11.986 -2.430  1.00 23.73 ? 400 PRO A CD  1 
ATOM   957  N N   . ARG A 1 124 ? 13.238  -8.316  -1.614  1.00 24.83 ? 401 ARG A N   1 
ATOM   958  C CA  . ARG A 1 124 ? 14.465  -7.911  -0.938  1.00 25.52 ? 401 ARG A CA  1 
ATOM   959  C C   . ARG A 1 124 ? 14.182  -7.525  0.510   1.00 24.55 ? 401 ARG A C   1 
ATOM   960  O O   . ARG A 1 124 ? 13.454  -6.568  0.775   1.00 22.16 ? 401 ARG A O   1 
ATOM   961  C CB  . ARG A 1 124 ? 15.107  -6.721  -1.656  1.00 31.50 ? 401 ARG A CB  1 
ATOM   962  C CG  . ARG A 1 124 ? 16.395  -6.238  -1.004  1.00 34.26 ? 401 ARG A CG  1 
ATOM   963  C CD  . ARG A 1 124 ? 16.802  -4.871  -1.525  1.00 37.18 ? 401 ARG A CD  1 
ATOM   964  N NE  . ARG A 1 124 ? 16.972  -4.862  -2.974  1.00 40.96 ? 401 ARG A NE  1 
ATOM   965  C CZ  . ARG A 1 124 ? 17.265  -3.778  -3.686  1.00 41.64 ? 401 ARG A CZ  1 
ATOM   966  N NH1 . ARG A 1 124 ? 17.422  -2.607  -3.082  1.00 43.68 ? 401 ARG A NH1 1 
ATOM   967  N NH2 . ARG A 1 124 ? 17.394  -3.862  -5.003  1.00 42.31 ? 401 ARG A NH2 1 
ATOM   968  N N   . ALA A 1 125 ? 14.763  -8.275  1.444   1.00 25.43 ? 402 ALA A N   1 
ATOM   969  C CA  . ALA A 1 125 ? 14.579  -8.000  2.865   1.00 25.50 ? 402 ALA A CA  1 
ATOM   970  C C   . ALA A 1 125 ? 15.289  -6.702  3.230   1.00 27.79 ? 402 ALA A C   1 
ATOM   971  O O   . ALA A 1 125 ? 16.420  -6.460  2.803   1.00 27.51 ? 402 ALA A O   1 
ATOM   972  C CB  . ALA A 1 125 ? 15.129  -9.155  3.704   1.00 24.58 ? 402 ALA A CB  1 
ATOM   973  N N   . LEU A 1 126 ? 14.620  -5.873  4.020   1.00 23.32 ? 403 LEU A N   1 
ATOM   974  C CA  . LEU A 1 126 ? 15.176  -4.592  4.438   1.00 27.38 ? 403 LEU A CA  1 
ATOM   975  C C   . LEU A 1 126 ? 15.403  -4.586  5.948   1.00 32.91 ? 403 LEU A C   1 
ATOM   976  O O   . LEU A 1 126 ? 15.040  -5.537  6.639   1.00 31.32 ? 403 LEU A O   1 
ATOM   977  C CB  . LEU A 1 126 ? 14.210  -3.464  4.074   1.00 28.53 ? 403 LEU A CB  1 
ATOM   978  C CG  . LEU A 1 126 ? 13.702  -3.414  2.631   1.00 25.38 ? 403 LEU A CG  1 
ATOM   979  C CD1 . LEU A 1 126 ? 12.574  -2.401  2.532   1.00 24.66 ? 403 LEU A CD1 1 
ATOM   980  C CD2 . LEU A 1 126 ? 14.839  -3.055  1.689   1.00 23.59 ? 403 LEU A CD2 1 
ATOM   981  N N   . ARG A 1 127 ? 15.998  -3.508  6.450   1.00 50.98 ? 404 ARG A N   1 
ATOM   982  C CA  . ARG A 1 127 ? 16.245  -3.366  7.883   1.00 58.47 ? 404 ARG A CA  1 
ATOM   983  C C   . ARG A 1 127 ? 15.047  -2.678  8.534   1.00 61.85 ? 404 ARG A C   1 
ATOM   984  O O   . ARG A 1 127 ? 14.549  -1.674  8.025   1.00 62.45 ? 404 ARG A O   1 
ATOM   985  C CB  . ARG A 1 127 ? 17.508  -2.537  8.138   1.00 64.61 ? 404 ARG A CB  1 
ATOM   986  C CG  . ARG A 1 127 ? 18.815  -3.292  7.952   1.00 68.69 ? 404 ARG A CG  1 
ATOM   987  C CD  . ARG A 1 127 ? 19.064  -3.667  6.500   1.00 73.49 ? 404 ARG A CD  1 
ATOM   988  N NE  . ARG A 1 127 ? 20.338  -4.366  6.333   1.00 77.94 ? 404 ARG A NE  1 
ATOM   989  C CZ  . ARG A 1 127 ? 21.524  -3.849  6.645   1.00 80.24 ? 404 ARG A CZ  1 
ATOM   990  N NH1 . ARG A 1 127 ? 21.608  -2.622  7.144   1.00 81.58 ? 404 ARG A NH1 1 
ATOM   991  N NH2 . ARG A 1 127 ? 22.628  -4.561  6.462   1.00 81.28 ? 404 ARG A NH2 1 
ATOM   992  N N   . SER A 1 128 ? 14.592  -3.223  9.661   1.00 65.00 ? 405 SER A N   1 
ATOM   993  C CA  . SER A 1 128 ? 13.445  -2.671  10.378  1.00 68.45 ? 405 SER A CA  1 
ATOM   994  C C   . SER A 1 128 ? 13.532  -1.154  10.569  1.00 70.68 ? 405 SER A C   1 
ATOM   995  O O   . SER A 1 128 ? 12.624  -0.425  10.172  1.00 70.88 ? 405 SER A O   1 
ATOM   996  C CB  . SER A 1 128 ? 13.291  -3.364  11.735  1.00 68.66 ? 405 SER A CB  1 
ATOM   997  O OG  . SER A 1 128 ? 13.084  -4.757  11.570  1.00 70.15 ? 405 SER A OG  1 
ATOM   998  N N   . PRO A 1 129 ? 14.622  -0.657  11.181  1.00 72.94 ? 406 PRO A N   1 
ATOM   999  C CA  . PRO A 1 129 ? 15.767  -1.401  11.708  1.00 74.43 ? 406 PRO A CA  1 
ATOM   1000 C C   . PRO A 1 129 ? 15.789  -1.407  13.239  1.00 75.28 ? 406 PRO A C   1 
ATOM   1001 O O   . PRO A 1 129 ? 16.145  -2.408  13.862  1.00 75.95 ? 406 PRO A O   1 
ATOM   1002 C CB  . PRO A 1 129 ? 16.943  -0.638  11.129  1.00 75.49 ? 406 PRO A CB  1 
ATOM   1003 C CG  . PRO A 1 129 ? 16.488  0.779   11.309  1.00 75.34 ? 406 PRO A CG  1 
ATOM   1004 C CD  . PRO A 1 129 ? 15.001  0.747   10.932  1.00 74.55 ? 406 PRO A CD  1 
ATOM   1005 N N   . GLU A 1 130 ? 15.400  -0.281  13.831  1.00 73.45 ? 407 GLU A N   1 
ATOM   1006 C CA  . GLU A 1 130 ? 15.387  -0.127  15.282  1.00 73.06 ? 407 GLU A CA  1 
ATOM   1007 C C   . GLU A 1 130 ? 14.061  -0.515  15.930  1.00 71.21 ? 407 GLU A C   1 
ATOM   1008 O O   . GLU A 1 130 ? 14.019  -1.403  16.783  1.00 71.14 ? 407 GLU A O   1 
ATOM   1009 C CB  . GLU A 1 130 ? 15.738  1.317   15.654  1.00 79.01 ? 407 GLU A CB  1 
ATOM   1010 C CG  . GLU A 1 130 ? 14.872  2.364   14.968  1.00 82.02 ? 407 GLU A CG  1 
ATOM   1011 C CD  . GLU A 1 130 ? 15.246  3.778   15.363  1.00 83.79 ? 407 GLU A CD  1 
ATOM   1012 O OE1 . GLU A 1 130 ? 15.141  4.111   16.563  1.00 84.75 ? 407 GLU A OE1 1 
ATOM   1013 O OE2 . GLU A 1 130 ? 15.645  4.559   14.472  1.00 85.02 ? 407 GLU A OE2 1 
ATOM   1014 N N   . ARG A 1 131 ? 12.983  0.153   15.535  1.00 67.25 ? 408 ARG A N   1 
ATOM   1015 C CA  . ARG A 1 131 ? 11.673  -0.140  16.099  1.00 63.66 ? 408 ARG A CA  1 
ATOM   1016 C C   . ARG A 1 131 ? 10.571  -0.272  15.052  1.00 59.24 ? 408 ARG A C   1 
ATOM   1017 O O   . ARG A 1 131 ? 10.446  0.551   14.147  1.00 59.64 ? 408 ARG A O   1 
ATOM   1018 C CB  . ARG A 1 131 ? 11.289  0.928   17.125  1.00 69.87 ? 408 ARG A CB  1 
ATOM   1019 C CG  . ARG A 1 131 ? 11.321  2.350   16.598  1.00 73.35 ? 408 ARG A CG  1 
ATOM   1020 C CD  . ARG A 1 131 ? 10.976  3.339   17.697  1.00 76.89 ? 408 ARG A CD  1 
ATOM   1021 N NE  . ARG A 1 131 ? 11.062  4.722   17.239  1.00 80.53 ? 408 ARG A NE  1 
ATOM   1022 C CZ  . ARG A 1 131 ? 10.826  5.780   18.009  1.00 82.39 ? 408 ARG A CZ  1 
ATOM   1023 N NH1 . ARG A 1 131 ? 10.929  7.002   17.508  1.00 83.54 ? 408 ARG A NH1 1 
ATOM   1024 N NH2 . ARG A 1 131 ? 10.487  5.615   19.281  1.00 83.57 ? 408 ARG A NH2 1 
ATOM   1025 N N   . ARG A 1 132 ? 9.782   -1.330  15.204  1.00 44.46 ? 409 ARG A N   1 
ATOM   1026 C CA  . ARG A 1 132 ? 8.665   -1.657  14.324  1.00 38.30 ? 409 ARG A CA  1 
ATOM   1027 C C   . ARG A 1 132 ? 7.859   -0.406  13.951  1.00 31.44 ? 409 ARG A C   1 
ATOM   1028 O O   . ARG A 1 132 ? 7.214   0.198   14.806  1.00 30.02 ? 409 ARG A O   1 
ATOM   1029 C CB  . ARG A 1 132 ? 7.768   -2.667  15.046  1.00 56.10 ? 409 ARG A CB  1 
ATOM   1030 C CG  . ARG A 1 132 ? 6.886   -3.545  14.171  1.00 60.16 ? 409 ARG A CG  1 
ATOM   1031 C CD  . ARG A 1 132 ? 6.218   -4.600  15.050  1.00 63.58 ? 409 ARG A CD  1 
ATOM   1032 N NE  . ARG A 1 132 ? 5.447   -5.589  14.301  1.00 66.77 ? 409 ARG A NE  1 
ATOM   1033 C CZ  . ARG A 1 132 ? 4.337   -5.323  13.624  1.00 69.14 ? 409 ARG A CZ  1 
ATOM   1034 N NH1 . ARG A 1 132 ? 3.706   -6.292  12.976  1.00 71.40 ? 409 ARG A NH1 1 
ATOM   1035 N NH2 . ARG A 1 132 ? 3.853   -4.089  13.593  1.00 71.32 ? 409 ARG A NH2 1 
ATOM   1036 N N   . PRO A 1 133 ? 7.891   -0.002  12.668  1.00 30.35 ? 410 PRO A N   1 
ATOM   1037 C CA  . PRO A 1 133 ? 7.147   1.183   12.219  1.00 24.32 ? 410 PRO A CA  1 
ATOM   1038 C C   . PRO A 1 133 ? 5.639   1.005   12.404  1.00 20.86 ? 410 PRO A C   1 
ATOM   1039 O O   . PRO A 1 133 ? 5.112   -0.085  12.196  1.00 18.44 ? 410 PRO A O   1 
ATOM   1040 C CB  . PRO A 1 133 ? 7.522   1.289   10.741  1.00 28.72 ? 410 PRO A CB  1 
ATOM   1041 C CG  . PRO A 1 133 ? 8.890   0.674   10.693  1.00 31.44 ? 410 PRO A CG  1 
ATOM   1042 C CD  . PRO A 1 133 ? 8.726   -0.534  11.577  1.00 32.43 ? 410 PRO A CD  1 
ATOM   1043 N N   . THR A 1 134 ? 4.953   2.073   12.798  1.00 19.01 ? 411 THR A N   1 
ATOM   1044 C CA  . THR A 1 134 ? 3.507   2.009   12.983  1.00 18.11 ? 411 THR A CA  1 
ATOM   1045 C C   . THR A 1 134 ? 2.795   2.821   11.914  1.00 15.93 ? 411 THR A C   1 
ATOM   1046 O O   . THR A 1 134 ? 1.574   2.732   11.772  1.00 15.74 ? 411 THR A O   1 
ATOM   1047 C CB  . THR A 1 134 ? 3.064   2.559   14.354  1.00 18.51 ? 411 THR A CB  1 
ATOM   1048 O OG1 . THR A 1 134 ? 3.437   3.937   14.467  1.00 20.68 ? 411 THR A OG1 1 
ATOM   1049 C CG2 . THR A 1 134 ? 3.697   1.754   15.480  1.00 20.37 ? 411 THR A CG2 1 
ATOM   1050 N N   . ARG A 1 135 ? 3.555   3.627   11.178  1.00 16.23 ? 412 ARG A N   1 
ATOM   1051 C CA  . ARG A 1 135 ? 2.994   4.458   10.116  1.00 16.16 ? 412 ARG A CA  1 
ATOM   1052 C C   . ARG A 1 135 ? 3.981   4.519   8.961   1.00 16.78 ? 412 ARG A C   1 
ATOM   1053 O O   . ARG A 1 135 ? 5.175   4.718   9.169   1.00 17.20 ? 412 ARG A O   1 
ATOM   1054 C CB  . ARG A 1 135 ? 2.722   5.876   10.633  1.00 17.17 ? 412 ARG A CB  1 
ATOM   1055 C CG  . ARG A 1 135 ? 2.076   6.788   9.606   1.00 18.48 ? 412 ARG A CG  1 
ATOM   1056 C CD  . ARG A 1 135 ? 1.767   8.154   10.201  1.00 21.44 ? 412 ARG A CD  1 
ATOM   1057 N NE  . ARG A 1 135 ? 0.749   8.069   11.244  1.00 23.47 ? 412 ARG A NE  1 
ATOM   1058 C CZ  . ARG A 1 135 ? 0.252   9.117   11.892  1.00 28.07 ? 412 ARG A CZ  1 
ATOM   1059 N NH1 . ARG A 1 135 ? 0.685   10.340  11.610  1.00 29.48 ? 412 ARG A NH1 1 
ATOM   1060 N NH2 . ARG A 1 135 ? -0.686  8.943   12.814  1.00 29.30 ? 412 ARG A NH2 1 
ATOM   1061 N N   . ILE A 1 136 ? 3.475   4.338   7.744   1.00 13.42 ? 413 ILE A N   1 
ATOM   1062 C CA  . ILE A 1 136 ? 4.296   4.363   6.547   1.00 13.86 ? 413 ILE A CA  1 
ATOM   1063 C C   . ILE A 1 136 ? 3.964   5.570   5.680   1.00 14.93 ? 413 ILE A C   1 
ATOM   1064 O O   . ILE A 1 136 ? 2.794   5.868   5.435   1.00 15.10 ? 413 ILE A O   1 
ATOM   1065 C CB  . ILE A 1 136 ? 4.071   3.091   5.686   1.00 13.31 ? 413 ILE A CB  1 
ATOM   1066 C CG1 . ILE A 1 136 ? 4.361   1.833   6.510   1.00 14.78 ? 413 ILE A CG1 1 
ATOM   1067 C CG2 . ILE A 1 136 ? 4.910   3.169   4.407   1.00 14.88 ? 413 ILE A CG2 1 
ATOM   1068 C CD1 . ILE A 1 136 ? 5.789   1.733   7.051   1.00 16.16 ? 413 ILE A CD1 1 
ATOM   1069 N N   . GLY A 1 137 ? 4.999   6.263   5.224   1.00 16.20 ? 414 GLY A N   1 
ATOM   1070 C CA  . GLY A 1 137 ? 4.792   7.408   4.361   1.00 18.13 ? 414 GLY A CA  1 
ATOM   1071 C C   . GLY A 1 137 ? 5.201   7.013   2.955   1.00 18.12 ? 414 GLY A C   1 
ATOM   1072 O O   . GLY A 1 137 ? 6.209   6.334   2.772   1.00 17.84 ? 414 GLY A O   1 
ATOM   1073 N N   . LEU A 1 138 ? 4.408   7.412   1.964   1.00 16.41 ? 415 LEU A N   1 
ATOM   1074 C CA  . LEU A 1 138 ? 4.691   7.097   0.576   1.00 16.43 ? 415 LEU A CA  1 
ATOM   1075 C C   . LEU A 1 138 ? 4.810   8.373   -0.241  1.00 18.21 ? 415 LEU A C   1 
ATOM   1076 O O   . LEU A 1 138 ? 3.901   9.198   -0.244  1.00 18.36 ? 415 LEU A O   1 
ATOM   1077 C CB  . LEU A 1 138 ? 3.584   6.211   -0.017  1.00 16.25 ? 415 LEU A CB  1 
ATOM   1078 C CG  . LEU A 1 138 ? 3.401   4.833   0.626   1.00 16.94 ? 415 LEU A CG  1 
ATOM   1079 C CD1 . LEU A 1 138 ? 2.458   4.920   1.815   1.00 15.28 ? 415 LEU A CD1 1 
ATOM   1080 C CD2 . LEU A 1 138 ? 2.859   3.861   -0.417  1.00 15.91 ? 415 LEU A CD2 1 
ATOM   1081 N N   . TYR A 1 139 ? 5.941   8.523   -0.924  1.00 18.64 ? 416 TYR A N   1 
ATOM   1082 C CA  . TYR A 1 139 ? 6.193   9.691   -1.761  1.00 20.33 ? 416 TYR A CA  1 
ATOM   1083 C C   . TYR A 1 139 ? 6.253   9.262   -3.222  1.00 18.83 ? 416 TYR A C   1 
ATOM   1084 O O   . TYR A 1 139 ? 7.029   8.382   -3.590  1.00 18.59 ? 416 TYR A O   1 
ATOM   1085 C CB  . TYR A 1 139 ? 7.517   10.355  -1.364  1.00 21.09 ? 416 TYR A CB  1 
ATOM   1086 C CG  . TYR A 1 139 ? 7.909   11.517  -2.257  1.00 24.40 ? 416 TYR A CG  1 
ATOM   1087 C CD1 . TYR A 1 139 ? 7.247   12.740  -2.176  1.00 25.35 ? 416 TYR A CD1 1 
ATOM   1088 C CD2 . TYR A 1 139 ? 8.925   11.379  -3.202  1.00 24.17 ? 416 TYR A CD2 1 
ATOM   1089 C CE1 . TYR A 1 139 ? 7.587   13.805  -3.022  1.00 28.65 ? 416 TYR A CE1 1 
ATOM   1090 C CE2 . TYR A 1 139 ? 9.275   12.433  -4.050  1.00 28.28 ? 416 TYR A CE2 1 
ATOM   1091 C CZ  . TYR A 1 139 ? 8.601   13.641  -3.955  1.00 28.68 ? 416 TYR A CZ  1 
ATOM   1092 O OH  . TYR A 1 139 ? 8.940   14.676  -4.801  1.00 31.48 ? 416 TYR A OH  1 
ATOM   1093 N N   . LEU A 1 140 ? 5.428   9.893   -4.051  1.00 21.87 ? 417 LEU A N   1 
ATOM   1094 C CA  . LEU A 1 140 ? 5.377   9.579   -5.472  1.00 22.09 ? 417 LEU A CA  1 
ATOM   1095 C C   . LEU A 1 140 ? 5.692   10.821  -6.294  1.00 24.11 ? 417 LEU A C   1 
ATOM   1096 O O   . LEU A 1 140 ? 5.049   11.854  -6.130  1.00 25.22 ? 417 LEU A O   1 
ATOM   1097 C CB  . LEU A 1 140 ? 3.984   9.066   -5.848  1.00 23.08 ? 417 LEU A CB  1 
ATOM   1098 C CG  . LEU A 1 140 ? 3.742   8.709   -7.317  1.00 24.03 ? 417 LEU A CG  1 
ATOM   1099 C CD1 . LEU A 1 140 ? 4.607   7.523   -7.701  1.00 24.82 ? 417 LEU A CD1 1 
ATOM   1100 C CD2 . LEU A 1 140 ? 2.271   8.384   -7.528  1.00 23.42 ? 417 LEU A CD2 1 
ATOM   1101 N N   . SER A 1 141 ? 6.683   10.714  -7.173  1.00 23.00 ? 418 SER A N   1 
ATOM   1102 C CA  . SER A 1 141 ? 7.070   11.827  -8.036  1.00 24.72 ? 418 SER A CA  1 
ATOM   1103 C C   . SER A 1 141 ? 7.210   11.334  -9.470  1.00 23.34 ? 418 SER A C   1 
ATOM   1104 O O   . SER A 1 141 ? 8.106   10.551  -9.785  1.00 23.85 ? 418 SER A O   1 
ATOM   1105 C CB  . SER A 1 141 ? 8.396   12.432  -7.570  1.00 34.74 ? 418 SER A CB  1 
ATOM   1106 O OG  . SER A 1 141 ? 8.768   13.526  -8.393  1.00 38.93 ? 418 SER A OG  1 
ATOM   1107 N N   . PHE A 1 142 ? 6.312   11.788  -10.337 1.00 24.55 ? 419 PHE A N   1 
ATOM   1108 C CA  . PHE A 1 142 ? 6.345   11.390  -11.734 1.00 25.23 ? 419 PHE A CA  1 
ATOM   1109 C C   . PHE A 1 142 ? 7.502   12.069  -12.463 1.00 27.32 ? 419 PHE A C   1 
ATOM   1110 O O   . PHE A 1 142 ? 8.180   11.448  -13.280 1.00 28.19 ? 419 PHE A O   1 
ATOM   1111 C CB  . PHE A 1 142 ? 5.009   11.733  -12.400 1.00 27.69 ? 419 PHE A CB  1 
ATOM   1112 C CG  . PHE A 1 142 ? 3.904   10.759  -12.075 1.00 27.41 ? 419 PHE A CG  1 
ATOM   1113 C CD1 . PHE A 1 142 ? 3.805   9.547   -12.754 1.00 28.72 ? 419 PHE A CD1 1 
ATOM   1114 C CD2 . PHE A 1 142 ? 2.977   11.047  -11.080 1.00 28.08 ? 419 PHE A CD2 1 
ATOM   1115 C CE1 . PHE A 1 142 ? 2.795   8.635   -12.445 1.00 29.19 ? 419 PHE A CE1 1 
ATOM   1116 C CE2 . PHE A 1 142 ? 1.963   10.141  -10.763 1.00 29.08 ? 419 PHE A CE2 1 
ATOM   1117 C CZ  . PHE A 1 142 ? 1.873   8.935   -11.447 1.00 28.93 ? 419 PHE A CZ  1 
ATOM   1118 N N   . GLY A 1 143 ? 7.739   13.337  -12.150 1.00 36.47 ? 420 GLY A N   1 
ATOM   1119 C CA  . GLY A 1 143 ? 8.823   14.058  -12.791 1.00 37.36 ? 420 GLY A CA  1 
ATOM   1120 C C   . GLY A 1 143 ? 10.176  13.418  -12.540 1.00 38.27 ? 420 GLY A C   1 
ATOM   1121 O O   . GLY A 1 143 ? 11.038  13.407  -13.418 1.00 38.71 ? 420 GLY A O   1 
ATOM   1122 N N   . ASP A 1 144 ? 10.360  12.876  -11.341 1.00 32.42 ? 421 ASP A N   1 
ATOM   1123 C CA  . ASP A 1 144 ? 11.617  12.236  -10.975 1.00 32.32 ? 421 ASP A CA  1 
ATOM   1124 C C   . ASP A 1 144 ? 11.570  10.723  -11.152 1.00 32.50 ? 421 ASP A C   1 
ATOM   1125 O O   . ASP A 1 144 ? 12.592  10.045  -11.029 1.00 32.44 ? 421 ASP A O   1 
ATOM   1126 C CB  . ASP A 1 144 ? 11.971  12.578  -9.526  1.00 39.90 ? 421 ASP A CB  1 
ATOM   1127 C CG  . ASP A 1 144 ? 12.123  14.071  -9.304  1.00 41.86 ? 421 ASP A CG  1 
ATOM   1128 O OD1 . ASP A 1 144 ? 12.989  14.682  -9.966  1.00 43.37 ? 421 ASP A OD1 1 
ATOM   1129 O OD2 . ASP A 1 144 ? 11.379  14.634  -8.475  1.00 43.04 ? 421 ASP A OD2 1 
ATOM   1130 N N   . GLY A 1 145 ? 10.383  10.199  -11.446 1.00 34.15 ? 422 GLY A N   1 
ATOM   1131 C CA  . GLY A 1 145 ? 10.234  8.769   -11.639 1.00 33.73 ? 422 GLY A CA  1 
ATOM   1132 C C   . GLY A 1 145 ? 10.642  7.976   -10.415 1.00 33.28 ? 422 GLY A C   1 
ATOM   1133 O O   . GLY A 1 145 ? 11.514  7.110   -10.482 1.00 34.20 ? 422 GLY A O   1 
ATOM   1134 N N   . VAL A 1 146 ? 10.011  8.269   -9.285  1.00 27.47 ? 423 VAL A N   1 
ATOM   1135 C CA  . VAL A 1 146 ? 10.346  7.563   -8.061  1.00 24.55 ? 423 VAL A CA  1 
ATOM   1136 C C   . VAL A 1 146 ? 9.146   7.355   -7.150  1.00 21.97 ? 423 VAL A C   1 
ATOM   1137 O O   . VAL A 1 146 ? 8.200   8.140   -7.153  1.00 21.58 ? 423 VAL A O   1 
ATOM   1138 C CB  . VAL A 1 146 ? 11.434  8.327   -7.266  1.00 43.58 ? 423 VAL A CB  1 
ATOM   1139 C CG1 . VAL A 1 146 ? 10.927  9.708   -6.887  1.00 45.52 ? 423 VAL A CG1 1 
ATOM   1140 C CG2 . VAL A 1 146 ? 11.825  7.546   -6.021  1.00 45.25 ? 423 VAL A CG2 1 
ATOM   1141 N N   . LEU A 1 147 ? 9.192   6.258   -6.404  1.00 20.55 ? 424 LEU A N   1 
ATOM   1142 C CA  . LEU A 1 147 ? 8.178   5.920   -5.414  1.00 18.56 ? 424 LEU A CA  1 
ATOM   1143 C C   . LEU A 1 147 ? 9.027   5.536   -4.215  1.00 18.47 ? 424 LEU A C   1 
ATOM   1144 O O   . LEU A 1 147 ? 9.727   4.524   -4.249  1.00 18.20 ? 424 LEU A O   1 
ATOM   1145 C CB  . LEU A 1 147 ? 7.324   4.720   -5.841  1.00 21.36 ? 424 LEU A CB  1 
ATOM   1146 C CG  . LEU A 1 147 ? 6.367   4.246   -4.736  1.00 19.60 ? 424 LEU A CG  1 
ATOM   1147 C CD1 . LEU A 1 147 ? 5.357   5.334   -4.416  1.00 20.06 ? 424 LEU A CD1 1 
ATOM   1148 C CD2 . LEU A 1 147 ? 5.654   2.974   -5.175  1.00 21.21 ? 424 LEU A CD2 1 
ATOM   1149 N N   . SER A 1 148 ? 8.994   6.359   -3.173  1.00 18.30 ? 425 SER A N   1 
ATOM   1150 C CA  . SER A 1 148 ? 9.784   6.096   -1.977  1.00 19.03 ? 425 SER A CA  1 
ATOM   1151 C C   . SER A 1 148 ? 8.915   5.865   -0.744  1.00 18.77 ? 425 SER A C   1 
ATOM   1152 O O   . SER A 1 148 ? 7.818   6.417   -0.618  1.00 17.78 ? 425 SER A O   1 
ATOM   1153 C CB  . SER A 1 148 ? 10.755  7.253   -1.727  1.00 23.97 ? 425 SER A CB  1 
ATOM   1154 O OG  . SER A 1 148 ? 10.069  8.487   -1.683  1.00 27.22 ? 425 SER A OG  1 
ATOM   1155 N N   . PHE A 1 149 ? 9.432   5.043   0.162   1.00 18.13 ? 426 PHE A N   1 
ATOM   1156 C CA  . PHE A 1 149 ? 8.740   4.678   1.387   1.00 17.63 ? 426 PHE A CA  1 
ATOM   1157 C C   . PHE A 1 149 ? 9.527   5.148   2.597   1.00 19.02 ? 426 PHE A C   1 
ATOM   1158 O O   . PHE A 1 149 ? 10.750  5.019   2.628   1.00 19.09 ? 426 PHE A O   1 
ATOM   1159 C CB  . PHE A 1 149 ? 8.600   3.159   1.461   1.00 16.34 ? 426 PHE A CB  1 
ATOM   1160 C CG  . PHE A 1 149 ? 7.825   2.563   0.324   1.00 15.50 ? 426 PHE A CG  1 
ATOM   1161 C CD1 . PHE A 1 149 ? 6.461   2.322   0.452   1.00 16.37 ? 426 PHE A CD1 1 
ATOM   1162 C CD2 . PHE A 1 149 ? 8.457   2.232   -0.869  1.00 16.36 ? 426 PHE A CD2 1 
ATOM   1163 C CE1 . PHE A 1 149 ? 5.729   1.751   -0.597  1.00 14.93 ? 426 PHE A CE1 1 
ATOM   1164 C CE2 . PHE A 1 149 ? 7.734   1.660   -1.929  1.00 18.87 ? 426 PHE A CE2 1 
ATOM   1165 C CZ  . PHE A 1 149 ? 6.365   1.421   -1.786  1.00 15.45 ? 426 PHE A CZ  1 
ATOM   1166 N N   . TYR A 1 150 ? 8.814   5.646   3.600   1.00 18.49 ? 427 TYR A N   1 
ATOM   1167 C CA  . TYR A 1 150 ? 9.429   6.143   4.824   1.00 19.74 ? 427 TYR A CA  1 
ATOM   1168 C C   . TYR A 1 150 ? 8.730   5.637   6.080   1.00 21.67 ? 427 TYR A C   1 
ATOM   1169 O O   . TYR A 1 150 ? 7.539   5.305   6.061   1.00 18.91 ? 427 TYR A O   1 
ATOM   1170 C CB  . TYR A 1 150 ? 9.356   7.666   4.861   1.00 22.70 ? 427 TYR A CB  1 
ATOM   1171 C CG  . TYR A 1 150 ? 10.084  8.368   3.745   1.00 23.46 ? 427 TYR A CG  1 
ATOM   1172 C CD1 . TYR A 1 150 ? 11.418  8.743   3.890   1.00 26.11 ? 427 TYR A CD1 1 
ATOM   1173 C CD2 . TYR A 1 150 ? 9.440   8.667   2.547   1.00 25.70 ? 427 TYR A CD2 1 
ATOM   1174 C CE1 . TYR A 1 150 ? 12.095  9.402   2.870   1.00 28.57 ? 427 TYR A CE1 1 
ATOM   1175 C CE2 . TYR A 1 150 ? 10.111  9.327   1.515   1.00 27.80 ? 427 TYR A CE2 1 
ATOM   1176 C CZ  . TYR A 1 150 ? 11.437  9.690   1.688   1.00 29.77 ? 427 TYR A CZ  1 
ATOM   1177 O OH  . TYR A 1 150 ? 12.108  10.340  0.681   1.00 35.13 ? 427 TYR A OH  1 
ATOM   1178 N N   . ASP A 1 151 ? 9.483   5.581   7.173   1.00 21.65 ? 428 ASP A N   1 
ATOM   1179 C CA  . ASP A 1 151 ? 8.925   5.210   8.462   1.00 23.57 ? 428 ASP A CA  1 
ATOM   1180 C C   . ASP A 1 151 ? 8.437   6.570   8.959   1.00 23.85 ? 428 ASP A C   1 
ATOM   1181 O O   . ASP A 1 151 ? 9.246   7.464   9.220   1.00 24.14 ? 428 ASP A O   1 
ATOM   1182 C CB  . ASP A 1 151 ? 10.017  4.682   9.393   1.00 23.72 ? 428 ASP A CB  1 
ATOM   1183 C CG  . ASP A 1 151 ? 9.486   4.333   10.768  1.00 24.27 ? 428 ASP A CG  1 
ATOM   1184 O OD1 . ASP A 1 151 ? 8.364   4.771   11.098  1.00 22.80 ? 428 ASP A OD1 1 
ATOM   1185 O OD2 . ASP A 1 151 ? 10.194  3.629   11.517  1.00 24.74 ? 428 ASP A OD2 1 
ATOM   1186 N N   . ALA A 1 152 ? 7.125   6.738   9.074   1.00 21.10 ? 429 ALA A N   1 
ATOM   1187 C CA  . ALA A 1 152 ? 6.560   8.012   9.499   1.00 20.96 ? 429 ALA A CA  1 
ATOM   1188 C C   . ALA A 1 152 ? 5.951   7.953   10.898  1.00 20.90 ? 429 ALA A C   1 
ATOM   1189 O O   . ALA A 1 152 ? 5.092   8.760   11.238  1.00 21.85 ? 429 ALA A O   1 
ATOM   1190 C CB  . ALA A 1 152 ? 5.502   8.458   8.493   1.00 22.25 ? 429 ALA A CB  1 
ATOM   1191 N N   . SER A 1 153 ? 6.403   6.997   11.700  1.00 23.03 ? 430 SER A N   1 
ATOM   1192 C CA  . SER A 1 153 ? 5.891   6.821   13.054  1.00 24.27 ? 430 SER A CA  1 
ATOM   1193 C C   . SER A 1 153 ? 6.092   8.067   13.920  1.00 27.17 ? 430 SER A C   1 
ATOM   1194 O O   . SER A 1 153 ? 5.216   8.433   14.706  1.00 25.83 ? 430 SER A O   1 
ATOM   1195 C CB  . SER A 1 153 ? 6.565   5.615   13.702  1.00 25.15 ? 430 SER A CB  1 
ATOM   1196 O OG  . SER A 1 153 ? 6.376   4.447   12.917  1.00 22.45 ? 430 SER A OG  1 
ATOM   1197 N N   . ASP A 1 154 ? 7.247   8.710   13.782  1.00 25.09 ? 431 ASP A N   1 
ATOM   1198 C CA  . ASP A 1 154 ? 7.525   9.922   14.548  1.00 29.69 ? 431 ASP A CA  1 
ATOM   1199 C C   . ASP A 1 154 ? 6.888   11.107  13.831  1.00 31.69 ? 431 ASP A C   1 
ATOM   1200 O O   . ASP A 1 154 ? 7.217   11.404  12.683  1.00 32.03 ? 431 ASP A O   1 
ATOM   1201 C CB  . ASP A 1 154 ? 9.035   10.134  14.687  1.00 41.01 ? 431 ASP A CB  1 
ATOM   1202 C CG  . ASP A 1 154 ? 9.382   11.436  15.395  1.00 43.65 ? 431 ASP A CG  1 
ATOM   1203 O OD1 . ASP A 1 154 ? 10.571  11.639  15.717  1.00 43.86 ? 431 ASP A OD1 1 
ATOM   1204 O OD2 . ASP A 1 154 ? 8.470   12.260  15.624  1.00 43.85 ? 431 ASP A OD2 1 
ATOM   1205 N N   . ALA A 1 155 ? 5.975   11.780  14.524  1.00 44.64 ? 432 ALA A N   1 
ATOM   1206 C CA  . ALA A 1 155 ? 5.250   12.923  13.976  1.00 46.79 ? 432 ALA A CA  1 
ATOM   1207 C C   . ALA A 1 155 ? 6.110   13.968  13.268  1.00 48.24 ? 432 ALA A C   1 
ATOM   1208 O O   . ALA A 1 155 ? 5.709   14.507  12.237  1.00 48.96 ? 432 ALA A O   1 
ATOM   1209 C CB  . ALA A 1 155 ? 4.437   13.589  15.081  1.00 44.12 ? 432 ALA A CB  1 
ATOM   1210 N N   . ASP A 1 156 ? 7.284   14.259  13.818  1.00 49.28 ? 433 ASP A N   1 
ATOM   1211 C CA  . ASP A 1 156 ? 8.160   15.259  13.218  1.00 50.03 ? 433 ASP A CA  1 
ATOM   1212 C C   . ASP A 1 156 ? 9.461   14.676  12.679  1.00 48.39 ? 433 ASP A C   1 
ATOM   1213 O O   . ASP A 1 156 ? 10.548  15.153  13.005  1.00 49.37 ? 433 ASP A O   1 
ATOM   1214 C CB  . ASP A 1 156 ? 8.471   16.362  14.239  1.00 56.73 ? 433 ASP A CB  1 
ATOM   1215 C CG  . ASP A 1 156 ? 9.178   15.834  15.475  1.00 59.23 ? 433 ASP A CG  1 
ATOM   1216 O OD1 . ASP A 1 156 ? 9.420   16.631  16.406  1.00 61.70 ? 433 ASP A OD1 1 
ATOM   1217 O OD2 . ASP A 1 156 ? 9.497   14.626  15.516  1.00 61.68 ? 433 ASP A OD2 1 
ATOM   1218 N N   . ALA A 1 157 ? 9.347   13.646  11.847  1.00 37.30 ? 434 ALA A N   1 
ATOM   1219 C CA  . ALA A 1 157 ? 10.523  13.010  11.267  1.00 34.92 ? 434 ALA A CA  1 
ATOM   1220 C C   . ALA A 1 157 ? 10.132  11.908  10.290  1.00 33.16 ? 434 ALA A C   1 
ATOM   1221 O O   . ALA A 1 157 ? 9.060   11.315  10.403  1.00 32.01 ? 434 ALA A O   1 
ATOM   1222 C CB  . ALA A 1 157 ? 11.403  12.436  12.369  1.00 39.80 ? 434 ALA A CB  1 
ATOM   1223 N N   . LEU A 1 158 ? 11.012  11.645  9.331   1.00 33.06 ? 435 LEU A N   1 
ATOM   1224 C CA  . LEU A 1 158 ? 10.788  10.606  8.331   1.00 30.73 ? 435 LEU A CA  1 
ATOM   1225 C C   . LEU A 1 158 ? 12.085  9.858   8.069   1.00 29.92 ? 435 LEU A C   1 
ATOM   1226 O O   . LEU A 1 158 ? 13.103  10.466  7.739   1.00 32.06 ? 435 LEU A O   1 
ATOM   1227 C CB  . LEU A 1 158 ? 10.284  11.211  7.017   1.00 27.91 ? 435 LEU A CB  1 
ATOM   1228 C CG  . LEU A 1 158 ? 8.856   11.759  7.007   1.00 26.76 ? 435 LEU A CG  1 
ATOM   1229 C CD1 . LEU A 1 158 ? 8.497   12.225  5.604   1.00 25.86 ? 435 LEU A CD1 1 
ATOM   1230 C CD2 . LEU A 1 158 ? 7.891   10.673  7.471   1.00 26.82 ? 435 LEU A CD2 1 
ATOM   1231 N N   . VAL A 1 159 ? 12.047  8.540   8.225   1.00 27.42 ? 436 VAL A N   1 
ATOM   1232 C CA  . VAL A 1 159 ? 13.220  7.710   7.993   1.00 26.63 ? 436 VAL A CA  1 
ATOM   1233 C C   . VAL A 1 159 ? 13.028  6.879   6.728   1.00 25.75 ? 436 VAL A C   1 
ATOM   1234 O O   . VAL A 1 159 ? 12.082  6.097   6.620   1.00 24.61 ? 436 VAL A O   1 
ATOM   1235 C CB  . VAL A 1 159 ? 13.478  6.757   9.173   1.00 27.89 ? 436 VAL A CB  1 
ATOM   1236 C CG1 . VAL A 1 159 ? 14.751  5.965   8.929   1.00 30.05 ? 436 VAL A CG1 1 
ATOM   1237 C CG2 . VAL A 1 159 ? 13.584  7.550   10.470  1.00 29.93 ? 436 VAL A CG2 1 
ATOM   1238 N N   . PRO A 1 160 ? 13.926  7.040   5.747   1.00 23.46 ? 437 PRO A N   1 
ATOM   1239 C CA  . PRO A 1 160 ? 13.823  6.286   4.496   1.00 23.51 ? 437 PRO A CA  1 
ATOM   1240 C C   . PRO A 1 160 ? 13.933  4.777   4.678   1.00 22.82 ? 437 PRO A C   1 
ATOM   1241 O O   . PRO A 1 160 ? 14.747  4.289   5.461   1.00 22.82 ? 437 PRO A O   1 
ATOM   1242 C CB  . PRO A 1 160 ? 14.963  6.859   3.655   1.00 37.29 ? 437 PRO A CB  1 
ATOM   1243 C CG  . PRO A 1 160 ? 15.975  7.250   4.688   1.00 39.46 ? 437 PRO A CG  1 
ATOM   1244 C CD  . PRO A 1 160 ? 15.121  7.901   5.746   1.00 37.49 ? 437 PRO A CD  1 
ATOM   1245 N N   . LEU A 1 161 ? 13.098  4.039   3.953   1.00 21.14 ? 438 LEU A N   1 
ATOM   1246 C CA  . LEU A 1 161 ? 13.107  2.585   4.025   1.00 21.29 ? 438 LEU A CA  1 
ATOM   1247 C C   . LEU A 1 161 ? 13.508  1.977   2.689   1.00 21.59 ? 438 LEU A C   1 
ATOM   1248 O O   . LEU A 1 161 ? 14.321  1.058   2.631   1.00 22.43 ? 438 LEU A O   1 
ATOM   1249 C CB  . LEU A 1 161 ? 11.723  2.053   4.407   1.00 22.46 ? 438 LEU A CB  1 
ATOM   1250 C CG  . LEU A 1 161 ? 11.143  2.429   5.771   1.00 23.84 ? 438 LEU A CG  1 
ATOM   1251 C CD1 . LEU A 1 161 ? 9.718   1.906   5.869   1.00 23.07 ? 438 LEU A CD1 1 
ATOM   1252 C CD2 . LEU A 1 161 ? 12.010  1.847   6.880   1.00 24.82 ? 438 LEU A CD2 1 
ATOM   1253 N N   . PHE A 1 162 ? 12.935  2.501   1.612   1.00 21.22 ? 439 PHE A N   1 
ATOM   1254 C CA  . PHE A 1 162 ? 13.219  1.974   0.285   1.00 21.30 ? 439 PHE A CA  1 
ATOM   1255 C C   . PHE A 1 162 ? 12.671  2.891   -0.795  1.00 20.90 ? 439 PHE A C   1 
ATOM   1256 O O   . PHE A 1 162 ? 11.763  3.681   -0.547  1.00 22.42 ? 439 PHE A O   1 
ATOM   1257 C CB  . PHE A 1 162 ? 12.574  0.591   0.136   1.00 21.31 ? 439 PHE A CB  1 
ATOM   1258 C CG  . PHE A 1 162 ? 12.802  -0.041  -1.205  1.00 22.31 ? 439 PHE A CG  1 
ATOM   1259 C CD1 . PHE A 1 162 ? 14.024  -0.630  -1.509  1.00 21.29 ? 439 PHE A CD1 1 
ATOM   1260 C CD2 . PHE A 1 162 ? 11.814  -0.003  -2.186  1.00 21.75 ? 439 PHE A CD2 1 
ATOM   1261 C CE1 . PHE A 1 162 ? 14.264  -1.168  -2.773  1.00 23.72 ? 439 PHE A CE1 1 
ATOM   1262 C CE2 . PHE A 1 162 ? 12.041  -0.534  -3.448  1.00 22.60 ? 439 PHE A CE2 1 
ATOM   1263 C CZ  . PHE A 1 162 ? 13.270  -1.118  -3.744  1.00 21.06 ? 439 PHE A CZ  1 
ATOM   1264 N N   . ALA A 1 163 ? 13.221  2.779   -1.999  1.00 22.35 ? 440 ALA A N   1 
ATOM   1265 C CA  . ALA A 1 163 ? 12.740  3.584   -3.111  1.00 23.40 ? 440 ALA A CA  1 
ATOM   1266 C C   . ALA A 1 163 ? 12.907  2.895   -4.460  1.00 25.30 ? 440 ALA A C   1 
ATOM   1267 O O   . ALA A 1 163 ? 13.944  2.291   -4.741  1.00 24.17 ? 440 ALA A O   1 
ATOM   1268 C CB  . ALA A 1 163 ? 13.452  4.935   -3.128  1.00 28.24 ? 440 ALA A CB  1 
ATOM   1269 N N   . PHE A 1 164 ? 11.861  2.968   -5.278  1.00 22.05 ? 441 PHE A N   1 
ATOM   1270 C CA  . PHE A 1 164 ? 11.888  2.421   -6.633  1.00 25.82 ? 441 PHE A CA  1 
ATOM   1271 C C   . PHE A 1 164 ? 12.332  3.621   -7.468  1.00 30.50 ? 441 PHE A C   1 
ATOM   1272 O O   . PHE A 1 164 ? 11.817  4.723   -7.279  1.00 29.47 ? 441 PHE A O   1 
ATOM   1273 C CB  . PHE A 1 164 ? 10.487  1.986   -7.076  1.00 22.94 ? 441 PHE A CB  1 
ATOM   1274 C CG  . PHE A 1 164 ? 10.040  0.670   -6.499  1.00 21.77 ? 441 PHE A CG  1 
ATOM   1275 C CD1 . PHE A 1 164 ? 10.513  -0.531  -7.019  1.00 20.40 ? 441 PHE A CD1 1 
ATOM   1276 C CD2 . PHE A 1 164 ? 9.128   0.632   -5.448  1.00 20.10 ? 441 PHE A CD2 1 
ATOM   1277 C CE1 . PHE A 1 164 ? 10.081  -1.752  -6.504  1.00 18.49 ? 441 PHE A CE1 1 
ATOM   1278 C CE2 . PHE A 1 164 ? 8.692   -0.584  -4.924  1.00 20.18 ? 441 PHE A CE2 1 
ATOM   1279 C CZ  . PHE A 1 164 ? 9.171   -1.780  -5.456  1.00 18.48 ? 441 PHE A CZ  1 
ATOM   1280 N N   . HIS A 1 165 ? 13.276  3.422   -8.385  1.00 37.46 ? 442 HIS A N   1 
ATOM   1281 C CA  . HIS A 1 165 ? 13.763  4.537   -9.192  1.00 45.25 ? 442 HIS A CA  1 
ATOM   1282 C C   . HIS A 1 165 ? 13.500  4.452   -10.689 1.00 49.61 ? 442 HIS A C   1 
ATOM   1283 O O   . HIS A 1 165 ? 13.666  5.444   -11.400 1.00 50.54 ? 442 HIS A O   1 
ATOM   1284 C CB  . HIS A 1 165 ? 15.262  4.742   -8.952  1.00 55.91 ? 442 HIS A CB  1 
ATOM   1285 C CG  . HIS A 1 165 ? 15.584  5.313   -7.606  1.00 58.24 ? 442 HIS A CG  1 
ATOM   1286 N ND1 . HIS A 1 165 ? 15.078  6.518   -7.169  1.00 58.70 ? 442 HIS A ND1 1 
ATOM   1287 C CD2 . HIS A 1 165 ? 16.367  4.849   -6.603  1.00 58.93 ? 442 HIS A CD2 1 
ATOM   1288 C CE1 . HIS A 1 165 ? 15.535  6.773   -5.956  1.00 58.96 ? 442 HIS A CE1 1 
ATOM   1289 N NE2 . HIS A 1 165 ? 16.320  5.775   -5.590  1.00 59.63 ? 442 HIS A NE2 1 
ATOM   1290 N N   . GLU A 1 166 ? 13.100  3.284   -11.175 1.00 59.22 ? 443 GLU A N   1 
ATOM   1291 C CA  . GLU A 1 166 ? 12.814  3.135   -12.598 1.00 63.58 ? 443 GLU A CA  1 
ATOM   1292 C C   . GLU A 1 166 ? 11.687  4.102   -12.944 1.00 65.09 ? 443 GLU A C   1 
ATOM   1293 O O   . GLU A 1 166 ? 10.890  4.459   -12.077 1.00 65.54 ? 443 GLU A O   1 
ATOM   1294 C CB  . GLU A 1 166 ? 12.373  1.706   -12.915 1.00 70.46 ? 443 GLU A CB  1 
ATOM   1295 C CG  . GLU A 1 166 ? 11.019  1.335   -12.332 1.00 73.53 ? 443 GLU A CG  1 
ATOM   1296 C CD  . GLU A 1 166 ? 10.489  0.027   -12.881 1.00 75.61 ? 443 GLU A CD  1 
ATOM   1297 O OE1 . GLU A 1 166 ? 9.358   -0.356  -12.515 1.00 77.20 ? 443 GLU A OE1 1 
ATOM   1298 O OE2 . GLU A 1 166 ? 11.201  -0.619  -13.680 1.00 76.64 ? 443 GLU A OE2 1 
ATOM   1299 N N   . ARG A 1 167 ? 11.614  4.530   -14.199 1.00 63.21 ? 444 ARG A N   1 
ATOM   1300 C CA  . ARG A 1 167 ? 10.555  5.450   -14.587 1.00 64.47 ? 444 ARG A CA  1 
ATOM   1301 C C   . ARG A 1 167 ? 9.204   4.792   -14.357 1.00 63.23 ? 444 ARG A C   1 
ATOM   1302 O O   . ARG A 1 167 ? 8.988   3.640   -14.737 1.00 63.43 ? 444 ARG A O   1 
ATOM   1303 C CB  . ARG A 1 167 ? 10.687  5.865   -16.053 1.00 72.85 ? 444 ARG A CB  1 
ATOM   1304 C CG  . ARG A 1 167 ? 9.606   6.848   -16.471 1.00 77.22 ? 444 ARG A CG  1 
ATOM   1305 C CD  . ARG A 1 167 ? 9.920   7.537   -17.783 1.00 80.96 ? 444 ARG A CD  1 
ATOM   1306 N NE  . ARG A 1 167 ? 8.917   8.553   -18.092 1.00 84.48 ? 444 ARG A NE  1 
ATOM   1307 C CZ  . ARG A 1 167 ? 8.989   9.388   -19.124 1.00 86.47 ? 444 ARG A CZ  1 
ATOM   1308 N NH1 . ARG A 1 167 ? 10.022  9.335   -19.954 1.00 87.87 ? 444 ARG A NH1 1 
ATOM   1309 N NH2 . ARG A 1 167 ? 8.028   10.279  -19.322 1.00 87.71 ? 444 ARG A NH2 1 
ATOM   1310 N N   . LEU A 1 168 ? 8.295   5.533   -13.733 1.00 60.83 ? 445 LEU A N   1 
ATOM   1311 C CA  . LEU A 1 168 ? 6.967   5.022   -13.427 1.00 58.56 ? 445 LEU A CA  1 
ATOM   1312 C C   . LEU A 1 168 ? 5.937   5.383   -14.488 1.00 56.71 ? 445 LEU A C   1 
ATOM   1313 O O   . LEU A 1 168 ? 5.868   6.527   -14.940 1.00 56.27 ? 445 LEU A O   1 
ATOM   1314 C CB  . LEU A 1 168 ? 6.513   5.560   -12.069 1.00 57.39 ? 445 LEU A CB  1 
ATOM   1315 C CG  . LEU A 1 168 ? 7.472   5.313   -10.900 1.00 57.11 ? 445 LEU A CG  1 
ATOM   1316 C CD1 . LEU A 1 168 ? 6.971   6.046   -9.668  1.00 56.99 ? 445 LEU A CD1 1 
ATOM   1317 C CD2 . LEU A 1 168 ? 7.592   3.821   -10.631 1.00 56.68 ? 445 LEU A CD2 1 
ATOM   1318 N N   . PRO A 1 169 ? 5.119   4.403   -14.903 1.00 50.57 ? 446 PRO A N   1 
ATOM   1319 C CA  . PRO A 1 169 ? 4.087   4.630   -15.914 1.00 49.04 ? 446 PRO A CA  1 
ATOM   1320 C C   . PRO A 1 169 ? 2.888   5.318   -15.278 1.00 46.91 ? 446 PRO A C   1 
ATOM   1321 O O   . PRO A 1 169 ? 2.726   5.292   -14.059 1.00 46.02 ? 446 PRO A O   1 
ATOM   1322 C CB  . PRO A 1 169 ? 3.759   3.220   -16.381 1.00 57.98 ? 446 PRO A CB  1 
ATOM   1323 C CG  . PRO A 1 169 ? 3.870   2.443   -15.113 1.00 58.37 ? 446 PRO A CG  1 
ATOM   1324 C CD  . PRO A 1 169 ? 5.157   2.982   -14.510 1.00 58.47 ? 446 PRO A CD  1 
ATOM   1325 N N   . ARG A 1 170 ? 2.049   5.936   -16.099 1.00 46.82 ? 447 ARG A N   1 
ATOM   1326 C CA  . ARG A 1 170 ? 0.880   6.615   -15.572 1.00 44.13 ? 447 ARG A CA  1 
ATOM   1327 C C   . ARG A 1 170 ? -0.370  6.273   -16.369 1.00 39.41 ? 447 ARG A C   1 
ATOM   1328 O O   . ARG A 1 170 ? -0.302  5.968   -17.558 1.00 39.82 ? 447 ARG A O   1 
ATOM   1329 C CB  . ARG A 1 170 ? 1.091   8.132   -15.571 1.00 56.85 ? 447 ARG A CB  1 
ATOM   1330 C CG  . ARG A 1 170 ? 1.074   8.779   -16.944 1.00 61.31 ? 447 ARG A CG  1 
ATOM   1331 C CD  . ARG A 1 170 ? 1.047   10.293  -16.812 1.00 65.49 ? 447 ARG A CD  1 
ATOM   1332 N NE  . ARG A 1 170 ? 0.827   10.968  -18.088 1.00 70.28 ? 447 ARG A NE  1 
ATOM   1333 C CZ  . ARG A 1 170 ? 0.643   12.280  -18.214 1.00 72.59 ? 447 ARG A CZ  1 
ATOM   1334 N NH1 . ARG A 1 170 ? 0.655   13.061  -17.142 1.00 74.01 ? 447 ARG A NH1 1 
ATOM   1335 N NH2 . ARG A 1 170 ? 0.446   12.811  -19.413 1.00 74.43 ? 447 ARG A NH2 1 
ATOM   1336 N N   . PRO A 1 171 ? -1.535  6.316   -15.713 1.00 35.19 ? 448 PRO A N   1 
ATOM   1337 C CA  . PRO A 1 171 ? -1.627  6.673   -14.295 1.00 29.18 ? 448 PRO A CA  1 
ATOM   1338 C C   . PRO A 1 171 ? -1.491  5.459   -13.382 1.00 23.66 ? 448 PRO A C   1 
ATOM   1339 O O   . PRO A 1 171 ? -1.345  4.326   -13.847 1.00 21.84 ? 448 PRO A O   1 
ATOM   1340 C CB  . PRO A 1 171 ? -3.003  7.309   -14.200 1.00 38.02 ? 448 PRO A CB  1 
ATOM   1341 C CG  . PRO A 1 171 ? -3.795  6.467   -15.154 1.00 39.25 ? 448 PRO A CG  1 
ATOM   1342 C CD  . PRO A 1 171 ? -2.869  6.315   -16.342 1.00 40.86 ? 448 PRO A CD  1 
ATOM   1343 N N   . VAL A 1 172 ? -1.530  5.713   -12.080 1.00 21.09 ? 449 VAL A N   1 
ATOM   1344 C CA  . VAL A 1 172 ? -1.459  4.646   -11.088 1.00 19.05 ? 449 VAL A CA  1 
ATOM   1345 C C   . VAL A 1 172 ? -2.466  4.957   -9.991  1.00 18.23 ? 449 VAL A C   1 
ATOM   1346 O O   . VAL A 1 172 ? -2.968  6.078   -9.894  1.00 18.70 ? 449 VAL A O   1 
ATOM   1347 C CB  . VAL A 1 172 ? -0.060  4.535   -10.426 1.00 20.56 ? 449 VAL A CB  1 
ATOM   1348 C CG1 . VAL A 1 172 ? 1.009   4.341   -11.482 1.00 21.88 ? 449 VAL A CG1 1 
ATOM   1349 C CG2 . VAL A 1 172 ? 0.220   5.763   -9.584  1.00 18.69 ? 449 VAL A CG2 1 
ATOM   1350 N N   . TYR A 1 173 ? -2.760  3.956   -9.171  1.00 15.44 ? 450 TYR A N   1 
ATOM   1351 C CA  . TYR A 1 173 ? -3.671  4.123   -8.052  1.00 15.53 ? 450 TYR A CA  1 
ATOM   1352 C C   . TYR A 1 173 ? -2.987  3.677   -6.780  1.00 14.96 ? 450 TYR A C   1 
ATOM   1353 O O   . TYR A 1 173 ? -2.303  2.655   -6.778  1.00 15.99 ? 450 TYR A O   1 
ATOM   1354 C CB  . TYR A 1 173 ? -4.917  3.241   -8.180  1.00 17.49 ? 450 TYR A CB  1 
ATOM   1355 C CG  . TYR A 1 173 ? -5.914  3.646   -9.235  1.00 19.45 ? 450 TYR A CG  1 
ATOM   1356 C CD1 . TYR A 1 173 ? -5.807  3.171   -10.539 1.00 21.02 ? 450 TYR A CD1 1 
ATOM   1357 C CD2 . TYR A 1 173 ? -6.974  4.488   -8.917  1.00 21.08 ? 450 TYR A CD2 1 
ATOM   1358 C CE1 . TYR A 1 173 ? -6.741  3.526   -11.512 1.00 24.42 ? 450 TYR A CE1 1 
ATOM   1359 C CE2 . TYR A 1 173 ? -7.916  4.852   -9.882  1.00 24.69 ? 450 TYR A CE2 1 
ATOM   1360 C CZ  . TYR A 1 173 ? -7.788  4.364   -11.174 1.00 25.48 ? 450 TYR A CZ  1 
ATOM   1361 O OH  . TYR A 1 173 ? -8.716  4.708   -12.131 1.00 26.71 ? 450 TYR A OH  1 
ATOM   1362 N N   . PRO A 1 174 ? -3.136  4.449   -5.689  1.00 15.21 ? 451 PRO A N   1 
ATOM   1363 C CA  . PRO A 1 174 ? -2.518  4.040   -4.424  1.00 14.87 ? 451 PRO A CA  1 
ATOM   1364 C C   . PRO A 1 174 ? -3.151  2.673   -4.155  1.00 14.74 ? 451 PRO A C   1 
ATOM   1365 O O   . PRO A 1 174 ? -4.368  2.506   -4.308  1.00 14.59 ? 451 PRO A O   1 
ATOM   1366 C CB  . PRO A 1 174 ? -3.000  5.106   -3.451  1.00 15.54 ? 451 PRO A CB  1 
ATOM   1367 C CG  . PRO A 1 174 ? -3.017  6.345   -4.330  1.00 16.33 ? 451 PRO A CG  1 
ATOM   1368 C CD  . PRO A 1 174 ? -3.655  5.827   -5.606  1.00 16.36 ? 451 PRO A CD  1 
ATOM   1369 N N   . PHE A 1 175 ? -2.325  1.708   -3.765  1.00 14.39 ? 452 PHE A N   1 
ATOM   1370 C CA  . PHE A 1 175 ? -2.744  0.322   -3.544  1.00 12.88 ? 452 PHE A CA  1 
ATOM   1371 C C   . PHE A 1 175 ? -2.519  -0.084  -2.097  1.00 12.37 ? 452 PHE A C   1 
ATOM   1372 O O   . PHE A 1 175 ? -1.511  0.285   -1.502  1.00 14.24 ? 452 PHE A O   1 
ATOM   1373 C CB  . PHE A 1 175 ? -1.915  -0.567  -4.488  1.00 13.89 ? 452 PHE A CB  1 
ATOM   1374 C CG  . PHE A 1 175 ? -2.102  -2.054  -4.290  1.00 13.92 ? 452 PHE A CG  1 
ATOM   1375 C CD1 . PHE A 1 175 ? -3.064  -2.756  -5.006  1.00 16.55 ? 452 PHE A CD1 1 
ATOM   1376 C CD2 . PHE A 1 175 ? -1.263  -2.758  -3.431  1.00 15.31 ? 452 PHE A CD2 1 
ATOM   1377 C CE1 . PHE A 1 175 ? -3.182  -4.136  -4.872  1.00 15.00 ? 452 PHE A CE1 1 
ATOM   1378 C CE2 . PHE A 1 175 ? -1.370  -4.136  -3.288  1.00 15.46 ? 452 PHE A CE2 1 
ATOM   1379 C CZ  . PHE A 1 175 ? -2.329  -4.833  -4.010  1.00 14.30 ? 452 PHE A CZ  1 
ATOM   1380 N N   . PHE A 1 176 ? -3.451  -0.864  -1.552  1.00 13.24 ? 453 PHE A N   1 
ATOM   1381 C CA  . PHE A 1 176 ? -3.364  -1.313  -0.167  1.00 12.90 ? 453 PHE A CA  1 
ATOM   1382 C C   . PHE A 1 176 ? -3.757  -2.774  -0.049  1.00 15.16 ? 453 PHE A C   1 
ATOM   1383 O O   . PHE A 1 176 ? -4.874  -3.147  -0.400  1.00 15.17 ? 453 PHE A O   1 
ATOM   1384 C CB  . PHE A 1 176 ? -4.291  -0.476  0.721   1.00 13.14 ? 453 PHE A CB  1 
ATOM   1385 C CG  . PHE A 1 176 ? -4.226  1.003   0.441   1.00 11.46 ? 453 PHE A CG  1 
ATOM   1386 C CD1 . PHE A 1 176 ? -4.946  1.552   -0.617  1.00 14.63 ? 453 PHE A CD1 1 
ATOM   1387 C CD2 . PHE A 1 176 ? -3.428  1.842   1.215   1.00 13.91 ? 453 PHE A CD2 1 
ATOM   1388 C CE1 . PHE A 1 176 ? -4.870  2.914   -0.904  1.00 14.19 ? 453 PHE A CE1 1 
ATOM   1389 C CE2 . PHE A 1 176 ? -3.345  3.208   0.936   1.00 14.45 ? 453 PHE A CE2 1 
ATOM   1390 C CZ  . PHE A 1 176 ? -4.066  3.743   -0.124  1.00 13.88 ? 453 PHE A CZ  1 
ATOM   1391 N N   . ASP A 1 177 ? -2.845  -3.609  0.444   1.00 15.99 ? 454 ASP A N   1 
ATOM   1392 C CA  . ASP A 1 177 ? -3.175  -5.015  0.607   1.00 17.68 ? 454 ASP A CA  1 
ATOM   1393 C C   . ASP A 1 177 ? -3.248  -5.300  2.092   1.00 17.11 ? 454 ASP A C   1 
ATOM   1394 O O   . ASP A 1 177 ? -2.266  -5.128  2.825   1.00 15.07 ? 454 ASP A O   1 
ATOM   1395 C CB  . ASP A 1 177 ? -2.136  -5.912  -0.064  1.00 20.70 ? 454 ASP A CB  1 
ATOM   1396 C CG  . ASP A 1 177 ? -2.661  -7.321  -0.310  1.00 25.54 ? 454 ASP A CG  1 
ATOM   1397 O OD1 . ASP A 1 177 ? -2.459  -7.843  -1.423  1.00 28.59 ? 454 ASP A OD1 1 
ATOM   1398 O OD2 . ASP A 1 177 ? -3.275  -7.905  0.609   1.00 26.87 ? 454 ASP A OD2 1 
ATOM   1399 N N   . VAL A 1 178 ? -4.433  -5.717  2.522   1.00 17.29 ? 455 VAL A N   1 
ATOM   1400 C CA  . VAL A 1 178 ? -4.709  -6.019  3.912   1.00 18.12 ? 455 VAL A CA  1 
ATOM   1401 C C   . VAL A 1 178 ? -4.320  -7.461  4.220   1.00 19.42 ? 455 VAL A C   1 
ATOM   1402 O O   . VAL A 1 178 ? -4.088  -7.816  5.377   1.00 20.05 ? 455 VAL A O   1 
ATOM   1403 C CB  . VAL A 1 178 ? -6.211  -5.808  4.216   1.00 33.02 ? 455 VAL A CB  1 
ATOM   1404 C CG1 . VAL A 1 178 ? -6.494  -6.049  5.686   1.00 36.61 ? 455 VAL A CG1 1 
ATOM   1405 C CG2 . VAL A 1 178 ? -6.619  -4.397  3.816   1.00 35.37 ? 455 VAL A CG2 1 
ATOM   1406 N N   . CYS A 1 179 ? -4.258  -8.279  3.172   1.00 20.34 ? 456 CYS A N   1 
ATOM   1407 C CA  . CYS A 1 179 ? -3.885  -9.690  3.277   1.00 23.12 ? 456 CYS A CA  1 
ATOM   1408 C C   . CYS A 1 179 ? -4.931  -10.521 4.012   1.00 24.56 ? 456 CYS A C   1 
ATOM   1409 O O   . CYS A 1 179 ? -5.853  -9.983  4.622   1.00 25.86 ? 456 CYS A O   1 
ATOM   1410 C CB  . CYS A 1 179 ? -2.534  -9.828  3.988   1.00 26.01 ? 456 CYS A CB  1 
ATOM   1411 S SG  . CYS A 1 179 ? -1.201  -8.817  3.286   1.00 29.35 ? 456 CYS A SG  1 
ATOM   1412 N N   . TRP A 1 180 ? -4.786  -11.842 3.943   1.00 28.13 ? 457 TRP A N   1 
ATOM   1413 C CA  . TRP A 1 180 ? -5.720  -12.736 4.619   1.00 29.26 ? 457 TRP A CA  1 
ATOM   1414 C C   . TRP A 1 180 ? -5.548  -12.536 6.124   1.00 30.59 ? 457 TRP A C   1 
ATOM   1415 O O   . TRP A 1 180 ? -4.456  -12.200 6.584   1.00 29.88 ? 457 TRP A O   1 
ATOM   1416 C CB  . TRP A 1 180 ? -5.437  -14.189 4.226   1.00 30.23 ? 457 TRP A CB  1 
ATOM   1417 C CG  . TRP A 1 180 ? -6.454  -15.152 4.749   1.00 31.44 ? 457 TRP A CG  1 
ATOM   1418 C CD1 . TRP A 1 180 ? -7.804  -15.103 4.559   1.00 31.05 ? 457 TRP A CD1 1 
ATOM   1419 C CD2 . TRP A 1 180 ? -6.206  -16.302 5.566   1.00 31.81 ? 457 TRP A CD2 1 
ATOM   1420 N NE1 . TRP A 1 180 ? -8.415  -16.147 5.208   1.00 30.90 ? 457 TRP A NE1 1 
ATOM   1421 C CE2 . TRP A 1 180 ? -7.457  -16.899 5.836   1.00 31.69 ? 457 TRP A CE2 1 
ATOM   1422 C CE3 . TRP A 1 180 ? -5.048  -16.885 6.098   1.00 31.60 ? 457 TRP A CE3 1 
ATOM   1423 C CZ2 . TRP A 1 180 ? -7.584  -18.054 6.617   1.00 31.83 ? 457 TRP A CZ2 1 
ATOM   1424 C CZ3 . TRP A 1 180 ? -5.175  -18.034 6.876   1.00 32.61 ? 457 TRP A CZ3 1 
ATOM   1425 C CH2 . TRP A 1 180 ? -6.434  -18.604 7.126   1.00 32.24 ? 457 TRP A CH2 1 
ATOM   1426 N N   . HIS A 1 181 ? -6.617  -12.747 6.889   1.00 28.55 ? 458 HIS A N   1 
ATOM   1427 C CA  . HIS A 1 181 ? -6.557  -12.541 8.335   1.00 30.20 ? 458 HIS A CA  1 
ATOM   1428 C C   . HIS A 1 181 ? -5.694  -13.531 9.116   1.00 30.81 ? 458 HIS A C   1 
ATOM   1429 O O   . HIS A 1 181 ? -5.540  -13.396 10.330  1.00 29.90 ? 458 HIS A O   1 
ATOM   1430 C CB  . HIS A 1 181 ? -7.970  -12.500 8.935   1.00 37.61 ? 458 HIS A CB  1 
ATOM   1431 C CG  . HIS A 1 181 ? -8.748  -13.768 8.764   1.00 39.91 ? 458 HIS A CG  1 
ATOM   1432 N ND1 . HIS A 1 181 ? -9.300  -14.148 7.559   1.00 42.67 ? 458 HIS A ND1 1 
ATOM   1433 C CD2 . HIS A 1 181 ? -9.075  -14.738 9.651   1.00 40.40 ? 458 HIS A CD2 1 
ATOM   1434 C CE1 . HIS A 1 181 ? -9.936  -15.296 7.712   1.00 41.11 ? 458 HIS A CE1 1 
ATOM   1435 N NE2 . HIS A 1 181 ? -9.814  -15.675 8.971   1.00 42.29 ? 458 HIS A NE2 1 
ATOM   1436 N N   . ASP A 1 182 ? -5.130  -14.516 8.423   1.00 29.18 ? 459 ASP A N   1 
ATOM   1437 C CA  . ASP A 1 182 ? -4.263  -15.510 9.050   1.00 30.08 ? 459 ASP A CA  1 
ATOM   1438 C C   . ASP A 1 182 ? -4.812  -16.088 10.354  1.00 30.96 ? 459 ASP A C   1 
ATOM   1439 O O   . ASP A 1 182 ? -4.172  -16.002 11.407  1.00 29.90 ? 459 ASP A O   1 
ATOM   1440 C CB  . ASP A 1 182 ? -2.875  -14.912 9.300   1.00 43.00 ? 459 ASP A CB  1 
ATOM   1441 C CG  . ASP A 1 182 ? -2.247  -14.352 8.037   1.00 44.05 ? 459 ASP A CG  1 
ATOM   1442 O OD1 . ASP A 1 182 ? -2.300  -15.035 6.993   1.00 41.85 ? 459 ASP A OD1 1 
ATOM   1443 O OD2 . ASP A 1 182 ? -1.692  -13.234 8.091   1.00 45.35 ? 459 ASP A OD2 1 
ATOM   1444 N N   . LYS A 1 183 ? -5.993  -16.690 10.274  1.00 37.87 ? 460 LYS A N   1 
ATOM   1445 C CA  . LYS A 1 183 ? -6.627  -17.296 11.439  1.00 38.32 ? 460 LYS A CA  1 
ATOM   1446 C C   . LYS A 1 183 ? -6.807  -16.291 12.577  1.00 38.04 ? 460 LYS A C   1 
ATOM   1447 O O   . LYS A 1 183 ? -6.557  -16.608 13.740  1.00 37.83 ? 460 LYS A O   1 
ATOM   1448 C CB  . LYS A 1 183 ? -5.796  -18.489 11.924  1.00 38.69 ? 460 LYS A CB  1 
ATOM   1449 C CG  . LYS A 1 183 ? -5.500  -19.518 10.838  1.00 38.87 ? 460 LYS A CG  1 
ATOM   1450 C CD  . LYS A 1 183 ? -4.628  -20.653 11.357  1.00 40.73 ? 460 LYS A CD  1 
ATOM   1451 C CE  . LYS A 1 183 ? -4.193  -21.584 10.230  1.00 41.85 ? 460 LYS A CE  1 
ATOM   1452 N NZ  . LYS A 1 183 ? -5.345  -22.238 9.549   1.00 42.33 ? 460 LYS A NZ  1 
ATOM   1453 N N   . GLY A 1 184 ? -7.239  -15.082 12.232  1.00 38.82 ? 461 GLY A N   1 
ATOM   1454 C CA  . GLY A 1 184 ? -7.460  -14.051 13.232  1.00 37.77 ? 461 GLY A CA  1 
ATOM   1455 C C   . GLY A 1 184 ? -6.212  -13.342 13.730  1.00 37.17 ? 461 GLY A C   1 
ATOM   1456 O O   . GLY A 1 184 ? -6.303  -12.417 14.540  1.00 38.41 ? 461 GLY A O   1 
ATOM   1457 N N   . LYS A 1 185 ? -5.048  -13.765 13.252  1.00 31.48 ? 462 LYS A N   1 
ATOM   1458 C CA  . LYS A 1 185 ? -3.784  -13.158 13.666  1.00 29.79 ? 462 LYS A CA  1 
ATOM   1459 C C   . LYS A 1 185 ? -3.478  -11.855 12.935  1.00 27.46 ? 462 LYS A C   1 
ATOM   1460 O O   . LYS A 1 185 ? -2.688  -11.039 13.408  1.00 26.13 ? 462 LYS A O   1 
ATOM   1461 C CB  . LYS A 1 185 ? -2.629  -14.136 13.432  1.00 40.60 ? 462 LYS A CB  1 
ATOM   1462 C CG  . LYS A 1 185 ? -2.518  -15.257 14.452  1.00 43.91 ? 462 LYS A CG  1 
ATOM   1463 C CD  . LYS A 1 185 ? -1.433  -16.243 14.046  1.00 46.85 ? 462 LYS A CD  1 
ATOM   1464 C CE  . LYS A 1 185 ? -0.843  -16.966 15.249  1.00 49.11 ? 462 LYS A CE  1 
ATOM   1465 N NZ  . LYS A 1 185 ? -1.869  -17.669 16.068  1.00 50.78 ? 462 LYS A NZ  1 
ATOM   1466 N N   . ASN A 1 186 ? -4.109  -11.657 11.785  1.00 24.73 ? 463 ASN A N   1 
ATOM   1467 C CA  . ASN A 1 186 ? -3.864  -10.465 10.983  1.00 21.76 ? 463 ASN A CA  1 
ATOM   1468 C C   . ASN A 1 186 ? -5.176  -9.773  10.625  1.00 20.82 ? 463 ASN A C   1 
ATOM   1469 O O   . ASN A 1 186 ? -5.435  -9.463  9.465   1.00 22.22 ? 463 ASN A O   1 
ATOM   1470 C CB  . ASN A 1 186 ? -3.094  -10.877 9.722   1.00 20.98 ? 463 ASN A CB  1 
ATOM   1471 C CG  . ASN A 1 186 ? -2.726  -9.703  8.841   1.00 20.13 ? 463 ASN A CG  1 
ATOM   1472 O OD1 . ASN A 1 186 ? -2.286  -8.658  9.324   1.00 19.96 ? 463 ASN A OD1 1 
ATOM   1473 N ND2 . ASN A 1 186 ? -2.886  -9.877  7.533   1.00 19.31 ? 463 ASN A ND2 1 
ATOM   1474 N N   . ALA A 1 187 ? -5.995  -9.520  11.641  1.00 22.87 ? 464 ALA A N   1 
ATOM   1475 C CA  . ALA A 1 187 ? -7.288  -8.883  11.435  1.00 21.99 ? 464 ALA A CA  1 
ATOM   1476 C C   . ALA A 1 187 ? -7.237  -7.360  11.515  1.00 22.91 ? 464 ALA A C   1 
ATOM   1477 O O   . ALA A 1 187 ? -8.248  -6.696  11.279  1.00 23.38 ? 464 ALA A O   1 
ATOM   1478 C CB  . ALA A 1 187 ? -8.294  -9.420  12.449  1.00 33.25 ? 464 ALA A CB  1 
ATOM   1479 N N   . GLN A 1 188 ? -6.072  -6.805  11.843  1.00 20.21 ? 465 GLN A N   1 
ATOM   1480 C CA  . GLN A 1 188 ? -5.941  -5.350  11.961  1.00 19.55 ? 465 GLN A CA  1 
ATOM   1481 C C   . GLN A 1 188 ? -6.264  -4.621  10.665  1.00 18.38 ? 465 GLN A C   1 
ATOM   1482 O O   . GLN A 1 188 ? -6.061  -5.147  9.574   1.00 18.94 ? 465 GLN A O   1 
ATOM   1483 C CB  . GLN A 1 188 ? -4.531  -4.953  12.407  1.00 22.11 ? 465 GLN A CB  1 
ATOM   1484 C CG  . GLN A 1 188 ? -4.167  -5.416  13.803  1.00 25.14 ? 465 GLN A CG  1 
ATOM   1485 C CD  . GLN A 1 188 ? -3.508  -6.773  13.796  1.00 25.25 ? 465 GLN A CD  1 
ATOM   1486 O OE1 . GLN A 1 188 ? -3.768  -7.595  12.918  1.00 25.54 ? 465 GLN A OE1 1 
ATOM   1487 N NE2 . GLN A 1 188 ? -2.657  -7.021  14.785  1.00 28.51 ? 465 GLN A NE2 1 
ATOM   1488 N N   . PRO A 1 189 ? -6.770  -3.386  10.775  1.00 17.61 ? 466 PRO A N   1 
ATOM   1489 C CA  . PRO A 1 189 ? -7.119  -2.586  9.599   1.00 18.22 ? 466 PRO A CA  1 
ATOM   1490 C C   . PRO A 1 189 ? -5.944  -1.767  9.081   1.00 16.83 ? 466 PRO A C   1 
ATOM   1491 O O   . PRO A 1 189 ? -4.898  -1.685  9.715   1.00 16.64 ? 466 PRO A O   1 
ATOM   1492 C CB  . PRO A 1 189 ? -8.200  -1.666  10.133  1.00 15.01 ? 466 PRO A CB  1 
ATOM   1493 C CG  . PRO A 1 189 ? -7.672  -1.352  11.522  1.00 17.03 ? 466 PRO A CG  1 
ATOM   1494 C CD  . PRO A 1 189 ? -7.231  -2.729  12.014  1.00 16.43 ? 466 PRO A CD  1 
ATOM   1495 N N   . LEU A 1 190 ? -6.128  -1.187  7.902   1.00 16.24 ? 467 LEU A N   1 
ATOM   1496 C CA  . LEU A 1 190 ? -5.145  -0.284  7.333   1.00 14.60 ? 467 LEU A CA  1 
ATOM   1497 C C   . LEU A 1 190 ? -5.938  1.009   7.412   1.00 15.49 ? 467 LEU A C   1 
ATOM   1498 O O   . LEU A 1 190 ? -7.148  1.019   7.152   1.00 15.19 ? 467 LEU A O   1 
ATOM   1499 C CB  . LEU A 1 190 ? -4.803  -0.637  5.883   1.00 15.26 ? 467 LEU A CB  1 
ATOM   1500 C CG  . LEU A 1 190 ? -3.842  -1.821  5.712   1.00 14.97 ? 467 LEU A CG  1 
ATOM   1501 C CD1 . LEU A 1 190 ? -3.550  -2.047  4.231   1.00 14.29 ? 467 LEU A CD1 1 
ATOM   1502 C CD2 . LEU A 1 190 ? -2.552  -1.546  6.475   1.00 17.48 ? 467 LEU A CD2 1 
ATOM   1503 N N   . LEU A 1 191 ? -5.273  2.091   7.793   1.00 15.74 ? 468 LEU A N   1 
ATOM   1504 C CA  . LEU A 1 191 ? -5.950  3.366   7.966   1.00 16.87 ? 468 LEU A CA  1 
ATOM   1505 C C   . LEU A 1 191 ? -5.240  4.507   7.252   1.00 16.25 ? 468 LEU A C   1 
ATOM   1506 O O   . LEU A 1 191 ? -4.026  4.639   7.352   1.00 16.35 ? 468 LEU A O   1 
ATOM   1507 C CB  . LEU A 1 191 ? -6.027  3.667   9.466   1.00 20.31 ? 468 LEU A CB  1 
ATOM   1508 C CG  . LEU A 1 191 ? -6.502  2.462   10.284  1.00 23.32 ? 468 LEU A CG  1 
ATOM   1509 C CD1 . LEU A 1 191 ? -5.652  2.287   11.529  1.00 25.10 ? 468 LEU A CD1 1 
ATOM   1510 C CD2 . LEU A 1 191 ? -7.967  2.630   10.622  1.00 23.53 ? 468 LEU A CD2 1 
ATOM   1511 N N   . LEU A 1 192 ? -5.996  5.326   6.524   1.00 14.45 ? 469 LEU A N   1 
ATOM   1512 C CA  . LEU A 1 192 ? -5.404  6.465   5.837   1.00 16.06 ? 469 LEU A CA  1 
ATOM   1513 C C   . LEU A 1 192 ? -5.345  7.618   6.832   1.00 17.44 ? 469 LEU A C   1 
ATOM   1514 O O   . LEU A 1 192 ? -6.339  7.930   7.484   1.00 17.77 ? 469 LEU A O   1 
ATOM   1515 C CB  . LEU A 1 192 ? -6.245  6.860   4.623   1.00 17.72 ? 469 LEU A CB  1 
ATOM   1516 C CG  . LEU A 1 192 ? -5.995  6.013   3.371   1.00 17.70 ? 469 LEU A CG  1 
ATOM   1517 C CD1 . LEU A 1 192 ? -7.128  6.201   2.372   1.00 18.45 ? 469 LEU A CD1 1 
ATOM   1518 C CD2 . LEU A 1 192 ? -4.654  6.410   2.765   1.00 17.91 ? 469 LEU A CD2 1 
ATOM   1519 N N   . VAL A 1 193 ? -4.170  8.231   6.956   1.00 19.09 ? 470 VAL A N   1 
ATOM   1520 C CA  . VAL A 1 193 ? -3.977  9.340   7.887   1.00 23.77 ? 470 VAL A CA  1 
ATOM   1521 C C   . VAL A 1 193 ? -4.513  10.655  7.330   1.00 24.56 ? 470 VAL A C   1 
ATOM   1522 O O   . VAL A 1 193 ? -5.367  11.270  8.004   1.00 28.49 ? 470 VAL A O   1 
ATOM   1523 C CB  . VAL A 1 193 ? -2.485  9.509   8.228   1.00 26.72 ? 470 VAL A CB  1 
ATOM   1524 C CG1 . VAL A 1 193 ? -2.294  10.683  9.182   1.00 26.72 ? 470 VAL A CG1 1 
ATOM   1525 C CG2 . VAL A 1 193 ? -1.958  8.232   8.854   1.00 27.18 ? 470 VAL A CG2 1 
ATOM   1526 O OXT . VAL A 1 193 ? -4.076  11.054  6.233   1.00 27.12 ? 470 VAL A OXT 1 
HETATM 1527 O O   . HOH B 2 .   ? -0.622  3.030   -0.828  1.00 14.74 ? 2   HOH A O   1 
HETATM 1528 O O   . HOH B 2 .   ? -6.819  -10.624 -7.385  1.00 20.04 ? 3   HOH A O   1 
HETATM 1529 O O   . HOH B 2 .   ? -10.532 3.550   -7.897  1.00 19.62 ? 4   HOH A O   1 
HETATM 1530 O O   . HOH B 2 .   ? -9.651  9.305   -9.734  1.00 22.16 ? 5   HOH A O   1 
HETATM 1531 O O   . HOH B 2 .   ? -3.637  -1.605  12.151  1.00 17.20 ? 6   HOH A O   1 
HETATM 1532 O O   . HOH B 2 .   ? -15.660 -5.594  -0.282  1.00 22.87 ? 7   HOH A O   1 
HETATM 1533 O O   . HOH B 2 .   ? -13.684 -0.942  8.028   1.00 21.39 ? 8   HOH A O   1 
HETATM 1534 O O   . HOH B 2 .   ? 2.801   -3.235  11.199  1.00 22.05 ? 9   HOH A O   1 
HETATM 1535 O O   . HOH B 2 .   ? -8.019  -6.721  8.157   1.00 23.94 ? 10  HOH A O   1 
HETATM 1536 O O   . HOH B 2 .   ? 6.124   -3.326  -17.730 1.00 21.44 ? 11  HOH A O   1 
HETATM 1537 O O   . HOH B 2 .   ? 7.657   -9.843  -5.162  1.00 25.25 ? 12  HOH A O   1 
HETATM 1538 O O   . HOH B 2 .   ? 7.071   -10.178 -15.212 1.00 21.89 ? 13  HOH A O   1 
HETATM 1539 O O   . HOH B 2 .   ? -2.618  9.768   4.312   1.00 22.90 ? 14  HOH A O   1 
HETATM 1540 O O   . HOH B 2 .   ? 10.977  -3.808  -13.478 1.00 23.57 ? 15  HOH A O   1 
HETATM 1541 O O   . HOH B 2 .   ? -10.671 3.597   13.500  1.00 24.51 ? 16  HOH A O   1 
HETATM 1542 O O   . HOH B 2 .   ? -5.242  -1.524  -11.841 1.00 26.22 ? 17  HOH A O   1 
HETATM 1543 O O   . HOH B 2 .   ? 10.324  -10.610 -12.384 1.00 27.30 ? 18  HOH A O   1 
HETATM 1544 O O   . HOH B 2 .   ? 4.069   -12.073 -6.116  1.00 29.36 ? 19  HOH A O   1 
HETATM 1545 O O   . HOH B 2 .   ? 1.081   5.307   13.881  1.00 26.44 ? 20  HOH A O   1 
HETATM 1546 O O   . HOH B 2 .   ? -10.118 1.708   -9.882  1.00 25.47 ? 21  HOH A O   1 
HETATM 1547 O O   . HOH B 2 .   ? -0.932  -6.942  -11.492 1.00 25.73 ? 22  HOH A O   1 
HETATM 1548 O O   . HOH B 2 .   ? -2.229  13.241  -11.000 1.00 34.37 ? 23  HOH A O   1 
HETATM 1549 O O   . HOH B 2 .   ? 10.263  -9.373  -5.364  1.00 25.27 ? 24  HOH A O   1 
HETATM 1550 O O   . HOH B 2 .   ? -8.402  -6.113  -13.759 1.00 26.63 ? 25  HOH A O   1 
HETATM 1551 O O   . HOH B 2 .   ? -14.975 5.404   0.453   1.00 25.45 ? 26  HOH A O   1 
HETATM 1552 O O   . HOH B 2 .   ? 5.467   -2.266  10.654  1.00 24.36 ? 27  HOH A O   1 
HETATM 1553 O O   . HOH B 2 .   ? -8.641  -14.299 -1.658  1.00 32.64 ? 28  HOH A O   1 
HETATM 1554 O O   . HOH B 2 .   ? -11.607 5.550   -9.326  1.00 29.68 ? 29  HOH A O   1 
HETATM 1555 O O   . HOH B 2 .   ? -5.073  -16.643 -11.150 1.00 36.58 ? 30  HOH A O   1 
HETATM 1556 O O   . HOH B 2 .   ? 5.691   -8.396  1.753   1.00 22.37 ? 31  HOH A O   1 
HETATM 1557 O O   . HOH B 2 .   ? -11.471 -13.171 -12.141 1.00 33.21 ? 32  HOH A O   1 
HETATM 1558 O O   . HOH B 2 .   ? 4.314   -1.755  14.473  1.00 30.48 ? 33  HOH A O   1 
HETATM 1559 O O   . HOH B 2 .   ? 3.328   -9.065  3.041   1.00 23.74 ? 34  HOH A O   1 
HETATM 1560 O O   . HOH B 2 .   ? -17.123 -1.575  2.011   1.00 26.91 ? 35  HOH A O   1 
HETATM 1561 O O   . HOH B 2 .   ? -16.501 4.591   4.505   1.00 26.85 ? 36  HOH A O   1 
HETATM 1562 O O   . HOH B 2 .   ? -14.886 1.962   11.364  1.00 30.49 ? 37  HOH A O   1 
HETATM 1563 O O   . HOH B 2 .   ? -16.300 -2.971  -0.273  1.00 31.80 ? 38  HOH A O   1 
HETATM 1564 O O   . HOH B 2 .   ? -6.888  12.165  -8.846  1.00 35.12 ? 39  HOH A O   1 
HETATM 1565 O O   . HOH B 2 .   ? 0.299   14.964  -1.833  1.00 26.31 ? 40  HOH A O   1 
HETATM 1566 O O   . HOH B 2 .   ? 12.889  -6.214  8.168   1.00 29.24 ? 41  HOH A O   1 
HETATM 1567 O O   . HOH B 2 .   ? -11.020 13.122  -4.039  1.00 34.27 ? 42  HOH A O   1 
HETATM 1568 O O   . HOH B 2 .   ? -6.886  10.218  3.213   1.00 31.59 ? 43  HOH A O   1 
HETATM 1569 O O   . HOH B 2 .   ? 4.335   -13.814 -13.959 1.00 38.44 ? 44  HOH A O   1 
HETATM 1570 O O   . HOH B 2 .   ? -0.417  -9.760  0.951   1.00 30.72 ? 45  HOH A O   1 
HETATM 1571 O O   . HOH B 2 .   ? 17.828  -2.058  4.128   1.00 39.11 ? 46  HOH A O   1 
HETATM 1572 O O   . HOH B 2 .   ? -8.189  -10.904 15.659  1.00 51.47 ? 47  HOH A O   1 
HETATM 1573 O O   . HOH B 2 .   ? 12.940  -3.636  -9.121  1.00 31.43 ? 48  HOH A O   1 
HETATM 1574 O O   . HOH B 2 .   ? -16.868 -6.818  -9.286  1.00 34.84 ? 49  HOH A O   1 
HETATM 1575 O O   . HOH B 2 .   ? 16.223  1.808   -1.684  1.00 32.69 ? 50  HOH A O   1 
HETATM 1576 O O   . HOH B 2 .   ? -3.556  -2.277  16.185  1.00 38.28 ? 51  HOH A O   1 
HETATM 1577 O O   . HOH B 2 .   ? -2.313  7.558   14.822  1.00 32.53 ? 52  HOH A O   1 
HETATM 1578 O O   . HOH B 2 .   ? 6.342   -0.240  17.329  1.00 40.20 ? 53  HOH A O   1 
HETATM 1579 O O   . HOH B 2 .   ? -0.006  -9.615  -11.600 1.00 29.04 ? 54  HOH A O   1 
HETATM 1580 O O   . HOH B 2 .   ? -1.163  2.303   -16.278 1.00 28.73 ? 55  HOH A O   1 
HETATM 1581 O O   . HOH B 2 .   ? -15.996 -4.461  -3.687  1.00 30.84 ? 56  HOH A O   1 
HETATM 1582 O O   . HOH B 2 .   ? -10.496 -5.763  12.551  1.00 33.95 ? 57  HOH A O   1 
HETATM 1583 O O   . HOH B 2 .   ? -10.127 11.659  2.590   1.00 34.94 ? 58  HOH A O   1 
HETATM 1584 O O   . HOH B 2 .   ? 5.401   14.964  5.669   1.00 37.49 ? 59  HOH A O   1 
HETATM 1585 O O   . HOH B 2 .   ? -4.429  10.150  2.225   1.00 26.97 ? 60  HOH A O   1 
HETATM 1586 O O   . HOH B 2 .   ? -18.378 6.253   6.802   1.00 42.56 ? 61  HOH A O   1 
HETATM 1587 O O   . HOH B 2 .   ? 12.573  -2.623  -11.593 1.00 39.01 ? 62  HOH A O   1 
HETATM 1588 O O   . HOH B 2 .   ? -1.474  -9.965  15.450  1.00 41.87 ? 63  HOH A O   1 
HETATM 1589 O O   . HOH B 2 .   ? -7.347  14.001  -6.585  1.00 40.92 ? 64  HOH A O   1 
HETATM 1590 O O   . HOH B 2 .   ? 4.784   15.327  -13.647 1.00 39.22 ? 65  HOH A O   1 
HETATM 1591 O O   . HOH B 2 .   ? 15.789  0.065   4.773   1.00 31.49 ? 66  HOH A O   1 
HETATM 1592 O O   . HOH B 2 .   ? 17.832  16.271  9.975   1.00 49.00 ? 67  HOH A O   1 
HETATM 1593 O O   . HOH B 2 .   ? 5.869   -1.511  -15.553 1.00 39.13 ? 68  HOH A O   1 
HETATM 1594 O O   . HOH B 2 .   ? -16.990 -3.228  -8.582  1.00 36.57 ? 69  HOH A O   1 
HETATM 1595 O O   . HOH B 2 .   ? -13.952 -4.516  13.005  1.00 42.17 ? 70  HOH A O   1 
HETATM 1596 O O   . HOH B 2 .   ? 13.820  0.521   -9.060  1.00 33.33 ? 71  HOH A O   1 
HETATM 1597 O O   . HOH B 2 .   ? -8.212  3.603   -14.745 1.00 42.06 ? 72  HOH A O   1 
HETATM 1598 O O   . HOH B 2 .   ? 16.750  -10.439 0.618   1.00 43.95 ? 73  HOH A O   1 
HETATM 1599 O O   . HOH B 2 .   ? 3.534   16.779  4.740   1.00 57.80 ? 74  HOH A O   1 
HETATM 1600 O O   . HOH B 2 .   ? -17.208 -6.727  -16.226 1.00 37.15 ? 75  HOH A O   1 
HETATM 1601 O O   . HOH B 2 .   ? -13.119 -13.911 -4.248  1.00 41.29 ? 76  HOH A O   1 
HETATM 1602 O O   . HOH B 2 .   ? 16.115  -9.859  -4.080  1.00 38.75 ? 77  HOH A O   1 
HETATM 1603 O O   . HOH B 2 .   ? -6.103  -24.063 11.661  1.00 42.24 ? 78  HOH A O   1 
HETATM 1604 O O   . HOH B 2 .   ? -9.344  -15.441 -10.344 1.00 40.11 ? 79  HOH A O   1 
HETATM 1605 O O   . HOH B 2 .   ? -12.646 11.265  3.973   1.00 38.60 ? 80  HOH A O   1 
HETATM 1606 O O   . HOH B 2 .   ? -13.091 -14.941 -8.822  1.00 36.84 ? 81  HOH A O   1 
HETATM 1607 O O   . HOH B 2 .   ? -17.997 -8.975  -4.015  1.00 31.66 ? 82  HOH A O   1 
HETATM 1608 O O   . HOH B 2 .   ? -6.445  13.520  -4.081  1.00 38.24 ? 83  HOH A O   1 
HETATM 1609 O O   . HOH B 2 .   ? 10.256  -4.429  11.280  1.00 41.28 ? 84  HOH A O   1 
HETATM 1610 O O   . HOH B 2 .   ? 9.768   -13.196 0.665   1.00 36.13 ? 85  HOH A O   1 
HETATM 1611 O O   . HOH B 2 .   ? -18.150 -7.797  0.294   1.00 41.89 ? 86  HOH A O   1 
HETATM 1612 O O   . HOH B 2 .   ? -5.264  -9.633  14.563  1.00 36.01 ? 87  HOH A O   1 
HETATM 1613 O O   . HOH B 2 .   ? 20.062  -6.950  0.284   1.00 46.40 ? 88  HOH A O   1 
HETATM 1614 O O   . HOH B 2 .   ? -0.671  17.751  5.211   1.00 40.46 ? 89  HOH A O   1 
HETATM 1615 O O   . HOH B 2 .   ? -1.520  14.278  9.541   1.00 54.39 ? 90  HOH A O   1 
HETATM 1616 O O   . HOH B 2 .   ? 6.559   -12.152 0.235   1.00 42.88 ? 91  HOH A O   1 
HETATM 1617 O O   . HOH B 2 .   ? 2.650   -12.929 8.688   1.00 36.19 ? 92  HOH A O   1 
HETATM 1618 O O   . HOH B 2 .   ? 4.560   9.857   17.233  1.00 66.17 ? 93  HOH A O   1 
HETATM 1619 O O   . HOH B 2 .   ? -11.084 5.519   11.778  1.00 38.50 ? 94  HOH A O   1 
HETATM 1620 O O   . HOH B 2 .   ? 7.330   19.787  -0.872  1.00 70.33 ? 95  HOH A O   1 
HETATM 1621 O O   . HOH B 2 .   ? -7.726  -8.290  -15.414 1.00 40.56 ? 96  HOH A O   1 
HETATM 1622 O O   . HOH B 2 .   ? -4.798  -26.646 11.251  1.00 35.17 ? 97  HOH A O   1 
HETATM 1623 O O   . HOH B 2 .   ? -9.406  7.166   13.520  1.00 44.88 ? 98  HOH A O   1 
HETATM 1624 O O   . HOH B 2 .   ? -9.136  6.166   10.218  1.00 47.99 ? 99  HOH A O   1 
HETATM 1625 O O   . HOH B 2 .   ? -9.426  11.776  -8.664  1.00 35.65 ? 100 HOH A O   1 
HETATM 1626 O O   . HOH B 2 .   ? -18.840 0.717   6.358   1.00 42.88 ? 101 HOH A O   1 
HETATM 1627 O O   . HOH B 2 .   ? -15.865 7.824   0.175   1.00 44.12 ? 102 HOH A O   1 
HETATM 1628 O O   . HOH B 2 .   ? -4.646  -18.008 14.841  1.00 40.32 ? 103 HOH A O   1 
HETATM 1629 O O   . HOH B 2 .   ? -8.777  -14.550 -13.176 1.00 37.23 ? 104 HOH A O   1 
HETATM 1630 O O   . HOH B 2 .   ? -19.566 -8.139  -2.129  1.00 42.89 ? 105 HOH A O   1 
HETATM 1631 O O   . HOH B 2 .   ? -17.133 3.795   1.825   1.00 34.51 ? 106 HOH A O   1 
HETATM 1632 O O   . HOH B 2 .   ? 0.962   0.641   -17.618 1.00 37.30 ? 107 HOH A O   1 
HETATM 1633 O O   . HOH B 2 .   ? -4.753  13.807  8.895   1.00 47.21 ? 108 HOH A O   1 
HETATM 1634 O O   . HOH B 2 .   ? -6.751  11.298  5.416   1.00 43.69 ? 109 HOH A O   1 
HETATM 1635 O O   . HOH B 2 .   ? 4.546   -1.908  -19.318 1.00 43.84 ? 110 HOH A O   1 
HETATM 1636 O O   . HOH B 2 .   ? -9.333  -4.161  14.420  1.00 54.12 ? 111 HOH A O   1 
HETATM 1637 O O   . HOH B 2 .   ? 14.116  -1.639  -7.622  1.00 43.75 ? 112 HOH A O   1 
HETATM 1638 O O   . HOH B 2 .   ? 6.496   -16.421 12.382  1.00 37.52 ? 113 HOH A O   1 
HETATM 1639 O O   . HOH B 2 .   ? 13.361  -10.768 -12.297 1.00 35.21 ? 114 HOH A O   1 
HETATM 1640 O O   . HOH B 2 .   ? -14.908 -14.611 -2.380  1.00 39.84 ? 115 HOH A O   1 
HETATM 1641 O O   . HOH B 2 .   ? -10.194 8.464   -12.325 1.00 41.17 ? 116 HOH A O   1 
HETATM 1642 O O   . HOH B 2 .   ? -10.891 2.587   -12.283 1.00 43.03 ? 117 HOH A O   1 
HETATM 1643 O O   . HOH B 2 .   ? 18.550  -7.853  2.181   1.00 44.89 ? 118 HOH A O   1 
HETATM 1644 O O   . HOH B 2 .   ? -5.658  -15.785 -13.784 1.00 42.71 ? 119 HOH A O   1 
HETATM 1645 O O   . HOH B 2 .   ? 0.389   17.116  -3.556  1.00 51.41 ? 120 HOH A O   1 
HETATM 1646 O O   . HOH B 2 .   ? 6.621   15.144  -10.686 1.00 39.86 ? 121 HOH A O   1 
HETATM 1647 O O   . HOH B 2 .   ? -17.780 4.311   9.658   1.00 39.46 ? 122 HOH A O   1 
HETATM 1648 O O   . HOH B 2 .   ? -11.436 6.112   -12.092 1.00 62.81 ? 123 HOH A O   1 
HETATM 1649 O O   . HOH B 2 .   ? -6.472  -2.464  -19.332 1.00 57.56 ? 124 HOH A O   1 
HETATM 1650 O O   . HOH B 2 .   ? -2.883  -12.444 -5.354  1.00 32.54 ? 125 HOH A O   1 
HETATM 1651 O O   . HOH B 2 .   ? -5.053  10.898  -12.874 1.00 38.80 ? 126 HOH A O   1 
HETATM 1652 O O   . HOH B 2 .   ? -10.527 -19.659 -8.440  1.00 35.84 ? 127 HOH A O   1 
HETATM 1653 O O   . HOH B 2 .   ? -4.914  4.067   -18.013 1.00 47.70 ? 128 HOH A O   1 
HETATM 1654 O O   . HOH B 2 .   ? 6.501   -12.240 -4.657  1.00 44.88 ? 129 HOH A O   1 
HETATM 1655 O O   . HOH B 2 .   ? -16.403 3.995   12.054  1.00 34.96 ? 130 HOH A O   1 
HETATM 1656 O O   . HOH B 2 .   ? 4.613   5.119   16.640  1.00 42.71 ? 131 HOH A O   1 
HETATM 1657 O O   . HOH B 2 .   ? -2.561  16.560  9.174   1.00 53.90 ? 132 HOH A O   1 
HETATM 1658 O O   . HOH B 2 .   ? 18.712  -6.771  4.621   1.00 55.34 ? 133 HOH A O   1 
HETATM 1659 O O   . HOH B 2 .   ? -6.350  -8.860  7.132   1.00 27.47 ? 134 HOH A O   1 
HETATM 1660 O O   . HOH B 2 .   ? 9.186   8.797   11.646  1.00 29.25 ? 135 HOH A O   1 
HETATM 1661 O O   . HOH B 2 .   ? 0.818   13.389  9.113   1.00 34.48 ? 136 HOH A O   1 
HETATM 1662 O O   . HOH B 2 .   ? 15.947  14.988  7.161   1.00 37.21 ? 137 HOH A O   1 
HETATM 1663 O O   . HOH B 2 .   ? 9.545   3.242   14.155  1.00 34.13 ? 138 HOH A O   1 
HETATM 1664 O O   . HOH B 2 .   ? 0.234   -12.876 10.067  1.00 37.82 ? 139 HOH A O   1 
HETATM 1665 O O   . HOH B 2 .   ? 3.105   11.510  10.728  1.00 35.52 ? 140 HOH A O   1 
HETATM 1666 O O   . HOH B 2 .   ? 16.542  -11.825 -2.016  1.00 40.59 ? 141 HOH A O   1 
HETATM 1667 O O   . HOH B 2 .   ? 18.507  -4.720  1.497   1.00 46.30 ? 142 HOH A O   1 
HETATM 1668 O O   . HOH B 2 .   ? -0.986  18.332  -1.624  1.00 50.26 ? 143 HOH A O   1 
HETATM 1669 O O   . HOH B 2 .   ? 9.547   -12.682 -10.337 1.00 38.71 ? 144 HOH A O   1 
HETATM 1670 O O   . HOH B 2 .   ? 15.742  -11.996 -12.381 1.00 49.37 ? 145 HOH A O   1 
HETATM 1671 O O   . HOH B 2 .   ? -10.016 -12.642 2.738   1.00 39.05 ? 146 HOH A O   1 
HETATM 1672 O O   . HOH B 2 .   ? -20.329 -1.117  5.155   1.00 45.61 ? 147 HOH A O   1 
HETATM 1673 O O   . HOH B 2 .   ? -16.508 -13.241 5.955   1.00 43.65 ? 148 HOH A O   1 
HETATM 1674 O O   . HOH B 2 .   ? -15.963 -1.651  9.821   1.00 34.42 ? 149 HOH A O   1 
HETATM 1675 O O   . HOH B 2 .   ? -12.432 0.619   -9.026  1.00 48.89 ? 150 HOH A O   1 
HETATM 1676 O O   . HOH B 2 .   ? -18.119 1.062   2.142   1.00 41.01 ? 151 HOH A O   1 
HETATM 1677 O O   . HOH B 2 .   ? 6.851   3.957   17.490  1.00 43.35 ? 152 HOH A O   1 
HETATM 1678 O O   . HOH B 2 .   ? -14.315 4.998   -10.067 1.00 42.97 ? 153 HOH A O   1 
HETATM 1679 O O   . HOH B 2 .   ? 6.091   -13.166 14.289  1.00 40.74 ? 154 HOH A O   1 
HETATM 1680 O O   . HOH B 2 .   ? -15.800 3.699   -7.826  1.00 46.85 ? 155 HOH A O   1 
HETATM 1681 O O   . HOH B 2 .   ? -6.254  15.429  10.738  1.00 44.07 ? 156 HOH A O   1 
HETATM 1682 O O   . HOH B 2 .   ? -3.678  15.573  -6.082  1.00 46.20 ? 157 HOH A O   1 
HETATM 1683 O O   . HOH B 2 .   ? 7.180   -15.601 -8.053  1.00 49.19 ? 158 HOH A O   1 
HETATM 1684 O O   . HOH B 2 .   ? -17.252 -9.939  3.714   1.00 38.24 ? 159 HOH A O   1 
HETATM 1685 O O   . HOH B 2 .   ? 12.715  -13.191 0.017   1.00 48.82 ? 160 HOH A O   1 
HETATM 1686 O O   . HOH B 2 .   ? 12.204  15.795  -14.711 1.00 40.77 ? 161 HOH A O   1 
# 
